data_6HQF
#
_entry.id   6HQF
#
_cell.length_a   118.878
_cell.length_b   160.951
_cell.length_c   141.580
_cell.angle_alpha   90.000
_cell.angle_beta   90.000
_cell.angle_gamma   90.000
#
_symmetry.space_group_name_H-M   'C 2 2 21'
#
loop_
_entity.id
_entity.type
_entity.pdbx_description
1 polymer 'Phenylalanine ammonia-lyase 1'
2 non-polymer '[(1R)-1-amino-2-phenylethyl]phosphonic acid'
3 water water
#
_entity_poly.entity_id   1
_entity_poly.type   'polypeptide(L)'
_entity_poly.pdbx_seq_one_letter_code
;MENGNGATTNGHVNGNGMDFCMKTEDPLYWGIAAEAMTGSHLDEVKKMVAEYRKPVVKLGGETLTISQVAAISARDGSGV
TVELSEAARAGVKASSDWVMDSMNKGTDSYGVTTGFGATSHRRTKQGGALQKELIRFLNAGIFGNGSDNTLPHSATRAAM
LVRINTLLQGYSGIRFEILEAITKFLNQNITPCLPLRGTIT(MDO)DLVPLSYIAGLLTGRPNSKAVGPTGVILSPEEAF
KLAGVEGGFFELQPKEGLALVNGTAVGSGMASMVLFEANILAVLAEVMSAIFAEVMQGKPEFTDHLTHKLKHHPGQIEAA
AIMEHILDGSAYVKAAQKLHEMDPLQKPKQDRYALRTSPQWLGPQIEVIRSSTKMIEREINSVNDNPLIDVSRNKAIHGG
NFQGTPIGVSMDNTRLAIAAIGKLMFAQFSELVNDFYNNGLPSNLSGGRNPSLDYGFKGAEIAMASYCSELQFLANPVTN
HVQSAEQHNQDVNSLGLISSRKTSEAVEILKLMSTTFLVGLCQAIDLRHLEENLKSTVKNTVSSVAKRVLTMGVNGELHP
SRFCEKDLLRVVDREYIFAYIDDPCSATYPLMQKLRQTLVEHALKNGDNERNLSTSIFQKIATFEDELKALLPKEVESAR
AALESGNPAIPNRIEECRSYPLYKFVRKELGTEYLTGEKVTSPGEEFEKVFIAMSKGEIIDPLLESLESWNGAPLPIS
;
_entity_poly.pdbx_strand_id   A,B
#
# COMPACT_ATOMS: atom_id res chain seq x y z
N GLU A 25 -34.99 23.81 19.79
CA GLU A 25 -35.57 23.11 18.65
C GLU A 25 -34.52 22.85 17.56
N ASP A 26 -34.42 21.60 17.12
CA ASP A 26 -33.28 21.12 16.33
C ASP A 26 -33.75 20.20 15.20
N PRO A 27 -34.53 20.72 14.26
CA PRO A 27 -35.20 19.84 13.28
C PRO A 27 -34.27 19.17 12.29
N LEU A 28 -33.07 19.69 12.03
CA LEU A 28 -32.18 19.05 11.06
C LEU A 28 -30.99 18.38 11.73
N TYR A 29 -30.97 18.36 13.06
CA TYR A 29 -29.99 17.68 13.89
C TYR A 29 -28.61 18.34 13.88
N TRP A 30 -28.51 19.59 13.43
CA TRP A 30 -27.24 20.31 13.54
C TRP A 30 -26.87 20.53 15.00
N GLY A 31 -27.88 20.80 15.83
CA GLY A 31 -27.61 21.13 17.22
C GLY A 31 -27.06 19.96 18.00
N ILE A 32 -27.62 18.76 17.81
CA ILE A 32 -27.10 17.63 18.56
C ILE A 32 -25.70 17.26 18.09
N ALA A 33 -25.41 17.44 16.79
CA ALA A 33 -24.04 17.23 16.30
C ALA A 33 -23.08 18.24 16.91
N ALA A 34 -23.49 19.50 17.00
CA ALA A 34 -22.62 20.52 17.57
C ALA A 34 -22.33 20.24 19.03
N GLU A 35 -23.34 19.73 19.76
CA GLU A 35 -23.16 19.41 21.17
C GLU A 35 -22.07 18.37 21.37
N ALA A 36 -21.89 17.46 20.41
CA ALA A 36 -20.88 16.40 20.54
C ALA A 36 -19.46 16.93 20.42
N MET A 37 -19.29 18.18 20.00
CA MET A 37 -17.99 18.81 19.79
C MET A 37 -17.61 19.78 20.91
N THR A 38 -18.31 19.74 22.03
CA THR A 38 -17.96 20.54 23.19
C THR A 38 -17.01 19.75 24.09
N GLY A 39 -16.37 20.45 25.01
CA GLY A 39 -15.34 19.85 25.81
C GLY A 39 -14.05 19.64 25.03
N SER A 40 -12.98 19.34 25.75
CA SER A 40 -11.65 19.27 25.16
C SER A 40 -11.49 17.99 24.32
N HIS A 41 -10.55 18.06 23.38
CA HIS A 41 -10.16 16.86 22.66
C HIS A 41 -9.55 15.83 23.59
N LEU A 42 -8.73 16.29 24.54
CA LEU A 42 -8.08 15.35 25.46
C LEU A 42 -9.10 14.56 26.28
N ASP A 43 -10.17 15.23 26.74
CA ASP A 43 -11.19 14.51 27.51
C ASP A 43 -11.88 13.46 26.67
N GLU A 44 -12.11 13.75 25.40
CA GLU A 44 -12.66 12.77 24.47
C GLU A 44 -11.75 11.57 24.35
N VAL A 45 -10.44 11.80 24.23
CA VAL A 45 -9.49 10.70 24.11
C VAL A 45 -9.45 9.87 25.41
N LYS A 46 -9.47 10.54 26.58
CA LYS A 46 -9.55 9.80 27.84
C LYS A 46 -10.82 8.93 27.90
N LYS A 47 -11.94 9.44 27.39
CA LYS A 47 -13.17 8.65 27.37
C LYS A 47 -13.05 7.47 26.41
N MET A 48 -12.46 7.71 25.23
CA MET A 48 -12.23 6.65 24.26
C MET A 48 -11.41 5.52 24.85
N VAL A 49 -10.35 5.88 25.58
CA VAL A 49 -9.47 4.88 26.16
C VAL A 49 -10.21 4.06 27.22
N ALA A 50 -10.98 4.73 28.08
CA ALA A 50 -11.77 4.00 29.07
C ALA A 50 -12.77 3.07 28.40
N GLU A 51 -13.48 3.58 27.38
CA GLU A 51 -14.45 2.76 26.64
C GLU A 51 -13.77 1.54 26.02
N TYR A 52 -12.60 1.74 25.39
CA TYR A 52 -11.89 0.64 24.75
C TYR A 52 -11.64 -0.51 25.73
N ARG A 53 -11.30 -0.18 26.98
CA ARG A 53 -10.91 -1.19 27.96
C ARG A 53 -12.08 -1.87 28.68
N LYS A 54 -13.33 -1.54 28.37
CA LYS A 54 -14.43 -2.21 29.02
C LYS A 54 -14.56 -3.66 28.57
N PRO A 55 -14.98 -4.57 29.45
CA PRO A 55 -14.98 -5.99 29.10
C PRO A 55 -16.11 -6.41 28.18
N VAL A 56 -17.16 -5.61 28.05
CA VAL A 56 -18.34 -5.98 27.28
C VAL A 56 -18.77 -4.82 26.39
N VAL A 57 -18.97 -5.10 25.12
CA VAL A 57 -19.57 -4.17 24.16
C VAL A 57 -21.02 -4.57 24.02
N LYS A 58 -21.94 -3.75 24.57
CA LYS A 58 -23.37 -4.00 24.46
C LYS A 58 -23.91 -3.26 23.24
N LEU A 59 -24.44 -3.99 22.27
CA LEU A 59 -24.95 -3.41 21.04
C LEU A 59 -26.47 -3.29 21.11
N GLY A 60 -26.99 -2.11 20.81
CA GLY A 60 -28.42 -1.91 20.73
C GLY A 60 -28.82 -1.26 19.42
N GLY A 61 -27.84 -0.95 18.57
CA GLY A 61 -28.10 -0.35 17.27
C GLY A 61 -27.75 1.12 17.19
N GLU A 62 -27.48 1.78 18.31
CA GLU A 62 -27.37 3.23 18.26
C GLU A 62 -26.38 3.84 19.26
N THR A 63 -25.60 3.05 20.00
CA THR A 63 -24.63 3.62 20.93
C THR A 63 -23.20 3.14 20.66
N LEU A 64 -22.91 2.68 19.45
CA LEU A 64 -21.58 2.18 19.13
C LEU A 64 -20.60 3.34 19.00
N THR A 65 -19.43 3.20 19.63
CA THR A 65 -18.37 4.19 19.49
C THR A 65 -17.18 3.61 18.73
N ILE A 66 -16.31 4.50 18.21
CA ILE A 66 -15.15 3.97 17.48
C ILE A 66 -14.25 3.17 18.41
N SER A 67 -14.27 3.49 19.70
CA SER A 67 -13.42 2.75 20.63
C SER A 67 -13.95 1.34 20.87
N GLN A 68 -15.27 1.15 20.82
CA GLN A 68 -15.81 -0.20 20.88
C GLN A 68 -15.47 -0.99 19.62
N VAL A 69 -15.55 -0.36 18.44
CA VAL A 69 -15.11 -1.02 17.21
C VAL A 69 -13.63 -1.42 17.31
N ALA A 70 -12.79 -0.48 17.74
CA ALA A 70 -11.36 -0.77 17.89
C ALA A 70 -11.13 -1.94 18.85
N ALA A 71 -11.83 -1.94 19.99
CA ALA A 71 -11.66 -3.03 20.97
C ALA A 71 -12.06 -4.37 20.38
N ILE A 72 -13.21 -4.42 19.69
CA ILE A 72 -13.67 -5.68 19.11
C ILE A 72 -12.76 -6.10 17.96
N SER A 73 -12.25 -5.14 17.19
CA SER A 73 -11.42 -5.49 16.03
C SER A 73 -10.15 -6.20 16.44
N ALA A 74 -9.66 -5.95 17.65
CA ALA A 74 -8.45 -6.59 18.15
C ALA A 74 -8.55 -8.12 18.14
N ARG A 75 -7.45 -8.76 17.80
CA ARG A 75 -7.34 -10.22 17.91
C ARG A 75 -6.13 -10.52 18.77
N ASP A 76 -6.14 -10.00 19.99
CA ASP A 76 -4.99 -10.03 20.88
C ASP A 76 -5.32 -10.65 22.23
N GLY A 77 -6.46 -11.34 22.34
CA GLY A 77 -6.79 -12.04 23.56
C GLY A 77 -7.19 -11.15 24.72
N SER A 78 -7.76 -9.98 24.43
CA SER A 78 -8.22 -9.10 25.51
C SER A 78 -9.41 -9.67 26.26
N GLY A 79 -10.20 -10.53 25.64
CA GLY A 79 -11.37 -11.11 26.28
C GLY A 79 -12.65 -10.30 26.12
N VAL A 80 -12.61 -9.18 25.40
CA VAL A 80 -13.81 -8.38 25.23
C VAL A 80 -14.85 -9.19 24.47
N THR A 81 -16.10 -9.10 24.89
CA THR A 81 -17.19 -9.83 24.27
CA THR A 81 -17.18 -9.83 24.24
C THR A 81 -18.27 -8.85 23.80
N VAL A 82 -19.06 -9.31 22.85
CA VAL A 82 -20.20 -8.55 22.32
C VAL A 82 -21.45 -9.21 22.86
N GLU A 83 -22.44 -8.40 23.23
CA GLU A 83 -23.75 -8.96 23.49
C GLU A 83 -24.81 -8.03 22.90
N LEU A 84 -25.90 -8.64 22.46
CA LEU A 84 -26.96 -7.94 21.77
C LEU A 84 -28.06 -7.59 22.75
N SER A 85 -28.58 -6.38 22.61
CA SER A 85 -29.66 -5.90 23.47
C SER A 85 -30.95 -6.64 23.16
N GLU A 86 -31.55 -7.25 24.19
CA GLU A 86 -32.85 -7.89 24.02
C GLU A 86 -33.94 -6.88 23.65
N ALA A 87 -33.77 -5.62 24.04
CA ALA A 87 -34.73 -4.59 23.67
C ALA A 87 -34.84 -4.42 22.14
N ALA A 88 -33.82 -4.82 21.39
CA ALA A 88 -33.85 -4.69 19.94
C ALA A 88 -34.64 -5.81 19.25
N ARG A 89 -34.90 -6.92 19.93
CA ARG A 89 -35.36 -8.11 19.23
C ARG A 89 -36.73 -7.93 18.59
N ALA A 90 -37.64 -7.23 19.27
CA ALA A 90 -39.01 -7.11 18.76
C ALA A 90 -39.04 -6.36 17.43
N GLY A 91 -38.33 -5.24 17.33
CA GLY A 91 -38.27 -4.50 16.07
C GLY A 91 -37.62 -5.31 14.97
N VAL A 92 -36.60 -6.09 15.30
CA VAL A 92 -35.95 -6.93 14.31
C VAL A 92 -36.93 -7.99 13.79
N LYS A 93 -37.64 -8.63 14.72
CA LYS A 93 -38.62 -9.66 14.32
C LYS A 93 -39.75 -9.04 13.50
N ALA A 94 -40.20 -7.84 13.87
CA ALA A 94 -41.33 -7.22 13.17
C ALA A 94 -41.02 -7.03 11.68
N SER A 95 -39.84 -6.49 11.35
CA SER A 95 -39.54 -6.25 9.94
C SER A 95 -39.21 -7.55 9.21
N SER A 96 -38.63 -8.51 9.92
CA SER A 96 -38.46 -9.83 9.33
C SER A 96 -39.81 -10.50 9.06
N ASP A 97 -40.76 -10.40 9.99
CA ASP A 97 -42.10 -10.92 9.75
C ASP A 97 -42.80 -10.18 8.62
N TRP A 98 -42.61 -8.87 8.54
CA TRP A 98 -43.25 -8.09 7.48
C TRP A 98 -42.81 -8.59 6.10
N VAL A 99 -41.50 -8.81 5.93
CA VAL A 99 -41.00 -9.27 4.63
C VAL A 99 -41.60 -10.63 4.28
N MET A 100 -41.58 -11.56 5.22
CA MET A 100 -42.18 -12.87 4.96
C MET A 100 -43.67 -12.75 4.67
N ASP A 101 -44.39 -11.90 5.39
CA ASP A 101 -45.83 -11.75 5.14
C ASP A 101 -46.11 -11.17 3.76
N SER A 102 -45.28 -10.22 3.30
CA SER A 102 -45.50 -9.63 1.99
C SER A 102 -45.16 -10.60 0.86
N MET A 103 -44.38 -11.65 1.16
CA MET A 103 -44.21 -12.74 0.20
C MET A 103 -45.48 -13.57 0.09
N ASN A 104 -46.08 -13.92 1.23
CA ASN A 104 -47.27 -14.75 1.24
C ASN A 104 -48.40 -14.11 0.44
N LYS A 105 -48.54 -12.80 0.53
CA LYS A 105 -49.53 -12.10 -0.29
C LYS A 105 -49.07 -11.93 -1.72
N GLY A 106 -47.77 -12.12 -1.99
CA GLY A 106 -47.27 -12.13 -3.35
C GLY A 106 -47.24 -10.78 -4.03
N THR A 107 -46.52 -9.83 -3.45
CA THR A 107 -46.41 -8.49 -4.00
C THR A 107 -45.11 -8.35 -4.79
N ASP A 108 -44.81 -7.13 -5.22
CA ASP A 108 -43.62 -6.81 -6.00
C ASP A 108 -42.74 -5.89 -5.18
N SER A 109 -41.53 -6.36 -4.83
CA SER A 109 -40.64 -5.66 -3.91
C SER A 109 -39.21 -5.71 -4.42
N TYR A 110 -38.55 -4.56 -4.44
CA TYR A 110 -37.17 -4.52 -4.93
C TYR A 110 -36.25 -5.35 -4.03
N GLY A 111 -35.32 -6.07 -4.65
CA GLY A 111 -34.40 -6.93 -3.95
C GLY A 111 -35.05 -8.10 -3.25
N VAL A 112 -36.34 -8.29 -3.43
CA VAL A 112 -37.11 -9.37 -2.80
C VAL A 112 -37.76 -10.26 -3.87
N THR A 113 -38.44 -9.65 -4.84
CA THR A 113 -38.94 -10.35 -6.01
C THR A 113 -38.44 -9.74 -7.33
N THR A 114 -37.51 -8.78 -7.28
CA THR A 114 -37.00 -8.13 -8.48
C THR A 114 -35.47 -8.19 -8.50
N GLY A 115 -34.91 -8.00 -9.69
CA GLY A 115 -33.47 -7.97 -9.92
C GLY A 115 -32.74 -6.89 -9.14
N PHE A 116 -31.45 -6.72 -9.38
CA PHE A 116 -30.62 -5.84 -8.57
C PHE A 116 -30.00 -4.75 -9.43
N GLY A 117 -29.92 -3.54 -8.87
CA GLY A 117 -29.21 -2.45 -9.51
C GLY A 117 -29.79 -2.11 -10.86
N ALA A 118 -28.91 -2.05 -11.87
CA ALA A 118 -29.31 -1.73 -13.23
C ALA A 118 -30.18 -2.82 -13.87
N THR A 119 -30.21 -4.03 -13.32
CA THR A 119 -30.97 -5.14 -13.88
C THR A 119 -32.26 -5.41 -13.07
N SER A 120 -32.79 -4.39 -12.41
CA SER A 120 -33.92 -4.61 -11.51
C SER A 120 -35.25 -4.83 -12.24
N HIS A 121 -35.26 -4.89 -13.57
CA HIS A 121 -36.49 -5.16 -14.30
C HIS A 121 -36.86 -6.64 -14.31
N ARG A 122 -35.91 -7.53 -14.01
CA ARG A 122 -36.21 -8.95 -13.97
C ARG A 122 -37.09 -9.27 -12.76
N ARG A 123 -38.03 -10.20 -12.96
CA ARG A 123 -39.01 -10.59 -11.95
C ARG A 123 -38.88 -12.06 -11.60
N THR A 124 -39.16 -12.40 -10.35
CA THR A 124 -39.16 -13.80 -9.91
C THR A 124 -39.99 -13.94 -8.65
N LYS A 125 -40.54 -15.14 -8.45
CA LYS A 125 -41.22 -15.49 -7.22
C LYS A 125 -40.45 -16.47 -6.35
N GLN A 126 -39.23 -16.86 -6.77
CA GLN A 126 -38.37 -17.72 -5.96
C GLN A 126 -37.53 -16.82 -5.05
N GLY A 127 -38.13 -16.44 -3.91
CA GLY A 127 -37.51 -15.46 -3.04
C GLY A 127 -36.21 -15.95 -2.42
N GLY A 128 -36.21 -17.18 -1.91
CA GLY A 128 -34.98 -17.73 -1.36
C GLY A 128 -33.92 -17.92 -2.42
N ALA A 129 -34.33 -18.37 -3.63
CA ALA A 129 -33.37 -18.59 -4.71
C ALA A 129 -32.71 -17.28 -5.13
N LEU A 130 -33.48 -16.19 -5.14
CA LEU A 130 -32.90 -14.89 -5.48
C LEU A 130 -31.82 -14.49 -4.48
N GLN A 131 -32.05 -14.71 -3.18
CA GLN A 131 -31.03 -14.31 -2.22
C GLN A 131 -29.80 -15.20 -2.32
N LYS A 132 -30.00 -16.48 -2.64
CA LYS A 132 -28.86 -17.36 -2.90
C LYS A 132 -28.07 -16.88 -4.10
N GLU A 133 -28.76 -16.50 -5.18
CA GLU A 133 -28.08 -15.97 -6.35
C GLU A 133 -27.30 -14.71 -6.02
N LEU A 134 -27.91 -13.81 -5.23
CA LEU A 134 -27.25 -12.54 -4.88
C LEU A 134 -25.88 -12.78 -4.27
N ILE A 135 -25.79 -13.72 -3.33
CA ILE A 135 -24.52 -13.95 -2.66
C ILE A 135 -23.53 -14.60 -3.62
N ARG A 136 -24.01 -15.47 -4.51
CA ARG A 136 -23.15 -16.11 -5.50
C ARG A 136 -22.47 -15.09 -6.40
N PHE A 137 -23.25 -14.18 -7.01
CA PHE A 137 -22.62 -13.30 -7.99
C PHE A 137 -21.82 -12.19 -7.33
N LEU A 138 -22.14 -11.86 -6.08
CA LEU A 138 -21.28 -10.90 -5.38
C LEU A 138 -19.97 -11.51 -4.90
N ASN A 139 -19.87 -12.83 -4.79
CA ASN A 139 -18.61 -13.48 -4.50
C ASN A 139 -17.71 -13.35 -5.73
N ALA A 140 -17.28 -12.14 -6.03
CA ALA A 140 -16.52 -11.82 -7.24
C ALA A 140 -15.12 -11.31 -6.90
N GLY A 141 -14.68 -11.46 -5.64
CA GLY A 141 -13.35 -11.02 -5.25
C GLY A 141 -12.30 -12.04 -5.58
N ILE A 142 -11.04 -11.61 -5.48
CA ILE A 142 -9.89 -12.44 -5.82
C ILE A 142 -8.96 -12.46 -4.61
N PHE A 143 -8.65 -13.66 -4.10
CA PHE A 143 -7.71 -13.83 -2.97
C PHE A 143 -6.31 -14.22 -3.43
N GLY A 144 -6.20 -15.08 -4.43
CA GLY A 144 -4.90 -15.60 -4.81
C GLY A 144 -4.34 -16.43 -3.67
N ASN A 145 -3.02 -16.60 -3.69
CA ASN A 145 -2.29 -17.28 -2.65
C ASN A 145 -1.75 -16.28 -1.63
N GLY A 146 -1.60 -16.73 -0.38
CA GLY A 146 -1.10 -15.85 0.65
C GLY A 146 -2.16 -14.87 1.12
N SER A 147 -1.71 -13.79 1.76
CA SER A 147 -2.62 -12.85 2.39
C SER A 147 -2.60 -11.46 1.77
N ASP A 148 -1.81 -11.22 0.72
CA ASP A 148 -1.65 -9.87 0.19
C ASP A 148 -2.95 -9.30 -0.40
N ASN A 149 -3.89 -10.15 -0.83
CA ASN A 149 -5.15 -9.68 -1.39
C ASN A 149 -6.33 -9.98 -0.48
N THR A 150 -6.07 -10.20 0.80
CA THR A 150 -7.08 -10.49 1.80
C THR A 150 -7.24 -9.31 2.76
N LEU A 151 -8.47 -8.95 3.07
CA LEU A 151 -8.74 -7.94 4.08
C LEU A 151 -8.18 -8.37 5.44
N PRO A 152 -7.53 -7.48 6.18
CA PRO A 152 -6.99 -7.88 7.50
C PRO A 152 -8.10 -8.36 8.41
N HIS A 153 -7.82 -9.40 9.18
CA HIS A 153 -8.89 -10.02 9.96
C HIS A 153 -9.47 -9.06 10.99
N SER A 154 -8.66 -8.16 11.54
CA SER A 154 -9.21 -7.14 12.44
C SER A 154 -10.25 -6.29 11.74
N ALA A 155 -9.98 -5.91 10.48
CA ALA A 155 -10.96 -5.10 9.75
C ALA A 155 -12.22 -5.90 9.43
N THR A 156 -12.09 -7.20 9.17
CA THR A 156 -13.27 -8.03 8.99
C THR A 156 -14.12 -8.08 10.27
N ARG A 157 -13.45 -8.17 11.44
CA ARG A 157 -14.19 -8.16 12.69
C ARG A 157 -14.89 -6.83 12.92
N ALA A 158 -14.21 -5.73 12.60
CA ALA A 158 -14.87 -4.42 12.67
C ALA A 158 -16.10 -4.37 11.77
N ALA A 159 -15.98 -4.87 10.55
CA ALA A 159 -17.11 -4.85 9.62
C ALA A 159 -18.28 -5.66 10.16
N MET A 160 -17.99 -6.85 10.73
CA MET A 160 -19.04 -7.68 11.29
C MET A 160 -19.76 -6.98 12.43
N LEU A 161 -19.01 -6.30 13.31
CA LEU A 161 -19.64 -5.60 14.41
C LEU A 161 -20.53 -4.46 13.91
N VAL A 162 -20.02 -3.66 12.97
CA VAL A 162 -20.81 -2.55 12.47
C VAL A 162 -22.07 -3.05 11.75
N ARG A 163 -21.97 -4.18 11.05
CA ARG A 163 -23.16 -4.65 10.33
C ARG A 163 -24.25 -5.08 11.29
N ILE A 164 -23.88 -5.80 12.36
CA ILE A 164 -24.85 -6.13 13.40
C ILE A 164 -25.53 -4.89 13.94
N ASN A 165 -24.73 -3.86 14.23
CA ASN A 165 -25.29 -2.66 14.84
C ASN A 165 -26.33 -2.01 13.93
N THR A 166 -26.07 -1.99 12.62
CA THR A 166 -27.05 -1.49 11.66
C THR A 166 -28.33 -2.33 11.68
N LEU A 167 -28.18 -3.65 11.54
CA LEU A 167 -29.33 -4.53 11.43
C LEU A 167 -30.16 -4.59 12.72
N LEU A 168 -29.58 -4.26 13.87
CA LEU A 168 -30.32 -4.29 15.13
C LEU A 168 -31.41 -3.22 15.21
N GLN A 169 -31.32 -2.17 14.39
CA GLN A 169 -32.32 -1.12 14.49
C GLN A 169 -33.69 -1.56 13.96
N GLY A 170 -33.76 -2.69 13.26
CA GLY A 170 -35.04 -3.29 12.93
C GLY A 170 -35.65 -2.85 11.62
N TYR A 171 -34.91 -2.14 10.78
CA TYR A 171 -35.44 -1.65 9.50
C TYR A 171 -35.02 -2.50 8.32
N SER A 172 -34.37 -3.64 8.56
CA SER A 172 -33.71 -4.36 7.48
C SER A 172 -34.38 -5.66 7.07
N GLY A 173 -35.25 -6.23 7.90
CA GLY A 173 -35.96 -7.44 7.50
C GLY A 173 -35.12 -8.70 7.53
N ILE A 174 -34.31 -8.87 8.57
CA ILE A 174 -33.45 -10.04 8.72
C ILE A 174 -33.74 -10.69 10.06
N ARG A 175 -33.54 -12.01 10.14
CA ARG A 175 -33.79 -12.74 11.38
C ARG A 175 -32.75 -12.41 12.44
N PHE A 176 -33.23 -12.24 13.69
CA PHE A 176 -32.33 -11.97 14.82
C PHE A 176 -31.31 -13.08 15.02
N GLU A 177 -31.70 -14.32 14.69
CA GLU A 177 -30.77 -15.46 14.81
C GLU A 177 -29.52 -15.30 13.96
N ILE A 178 -29.60 -14.62 12.81
CA ILE A 178 -28.41 -14.40 12.00
C ILE A 178 -27.47 -13.44 12.71
N LEU A 179 -28.02 -12.40 13.35
CA LEU A 179 -27.18 -11.49 14.13
C LEU A 179 -26.53 -12.22 15.30
N GLU A 180 -27.26 -13.16 15.92
CA GLU A 180 -26.70 -13.96 17.00
C GLU A 180 -25.55 -14.82 16.48
N ALA A 181 -25.67 -15.33 15.26
CA ALA A 181 -24.59 -16.13 14.68
C ALA A 181 -23.35 -15.28 14.43
N ILE A 182 -23.51 -14.08 13.88
CA ILE A 182 -22.35 -13.23 13.65
C ILE A 182 -21.70 -12.88 14.98
N THR A 183 -22.51 -12.67 16.03
CA THR A 183 -21.96 -12.37 17.34
C THR A 183 -21.11 -13.52 17.87
N LYS A 184 -21.51 -14.76 17.62
CA LYS A 184 -20.69 -15.88 18.07
C LYS A 184 -19.38 -15.92 17.32
N PHE A 185 -19.41 -15.65 16.02
CA PHE A 185 -18.17 -15.56 15.25
C PHE A 185 -17.23 -14.52 15.84
N LEU A 186 -17.77 -13.39 16.26
CA LEU A 186 -16.93 -12.39 16.91
C LEU A 186 -16.39 -12.89 18.23
N ASN A 187 -17.27 -13.37 19.11
CA ASN A 187 -16.84 -13.71 20.46
C ASN A 187 -15.89 -14.90 20.48
N GLN A 188 -15.97 -15.81 19.51
CA GLN A 188 -15.07 -16.94 19.43
CA GLN A 188 -15.05 -16.93 19.45
C GLN A 188 -13.88 -16.70 18.50
N ASN A 189 -13.74 -15.48 17.96
CA ASN A 189 -12.62 -15.14 17.08
C ASN A 189 -12.50 -16.13 15.92
N ILE A 190 -13.62 -16.38 15.27
CA ILE A 190 -13.69 -17.14 14.02
C ILE A 190 -14.08 -16.13 12.96
N THR A 191 -13.18 -15.87 12.01
CA THR A 191 -13.30 -14.73 11.10
C THR A 191 -13.41 -15.21 9.66
N PRO A 192 -14.46 -14.87 8.92
CA PRO A 192 -14.49 -15.20 7.50
C PRO A 192 -13.41 -14.45 6.76
N CYS A 193 -12.86 -15.09 5.72
CA CYS A 193 -11.89 -14.45 4.86
C CYS A 193 -12.61 -13.60 3.82
N LEU A 194 -12.27 -12.33 3.78
CA LEU A 194 -12.81 -11.35 2.86
C LEU A 194 -11.72 -10.86 1.91
N PRO A 195 -12.06 -10.58 0.66
CA PRO A 195 -11.08 -10.01 -0.27
C PRO A 195 -10.78 -8.58 0.13
N LEU A 196 -9.53 -8.16 -0.12
CA LEU A 196 -9.11 -6.80 0.21
C LEU A 196 -9.80 -5.77 -0.69
N ARG A 197 -9.92 -6.07 -1.98
CA ARG A 197 -10.45 -5.12 -2.95
C ARG A 197 -11.72 -5.67 -3.56
N GLY A 198 -12.43 -4.81 -4.26
CA GLY A 198 -13.66 -5.23 -4.89
C GLY A 198 -14.84 -4.31 -4.63
N THR A 199 -14.66 -3.28 -3.79
CA THR A 199 -15.78 -2.45 -3.35
C THR A 199 -15.52 -0.97 -3.63
N ILE A 200 -16.56 -0.29 -4.11
CA ILE A 200 -16.57 1.16 -4.23
C ILE A 200 -17.40 1.81 -3.12
N THR A 201 -17.79 1.03 -2.10
CA THR A 201 -18.57 1.50 -0.93
C THR A 201 -19.73 2.42 -1.35
N ASP A 203 -20.57 -1.85 0.43
CA ASP A 203 -19.48 -2.81 0.43
C ASP A 203 -19.97 -4.22 0.01
N LEU A 204 -20.65 -4.28 -1.13
CA LEU A 204 -21.34 -5.49 -1.58
C LEU A 204 -20.41 -6.71 -1.63
N VAL A 205 -19.33 -6.62 -2.42
CA VAL A 205 -18.51 -7.81 -2.67
C VAL A 205 -17.92 -8.36 -1.38
N PRO A 206 -17.19 -7.56 -0.57
CA PRO A 206 -16.65 -8.15 0.67
C PRO A 206 -17.73 -8.60 1.66
N LEU A 207 -18.82 -7.85 1.83
CA LEU A 207 -19.83 -8.29 2.79
C LEU A 207 -20.46 -9.61 2.36
N SER A 208 -20.48 -9.90 1.05
CA SER A 208 -21.04 -11.17 0.58
C SER A 208 -20.20 -12.37 1.01
N TYR A 209 -18.97 -12.15 1.46
CA TYR A 209 -18.22 -13.28 1.99
C TYR A 209 -18.54 -13.56 3.45
N ILE A 210 -19.12 -12.60 4.17
CA ILE A 210 -19.72 -12.91 5.46
C ILE A 210 -21.01 -13.70 5.25
N ALA A 211 -21.86 -13.23 4.35
CA ALA A 211 -23.08 -13.97 3.99
C ALA A 211 -22.75 -15.38 3.50
N GLY A 212 -21.67 -15.51 2.73
CA GLY A 212 -21.31 -16.82 2.21
C GLY A 212 -20.92 -17.80 3.30
N LEU A 213 -20.23 -17.30 4.33
CA LEU A 213 -19.93 -18.16 5.47
C LEU A 213 -21.22 -18.58 6.18
N LEU A 214 -22.13 -17.63 6.38
CA LEU A 214 -23.38 -17.95 7.07
C LEU A 214 -24.21 -18.96 6.31
N THR A 215 -24.13 -18.98 4.99
CA THR A 215 -24.91 -19.92 4.19
C THR A 215 -24.10 -21.16 3.79
N GLY A 216 -22.86 -21.26 4.25
CA GLY A 216 -22.03 -22.40 3.90
C GLY A 216 -21.67 -22.54 2.44
N ARG A 217 -21.37 -21.44 1.76
CA ARG A 217 -21.00 -21.52 0.35
C ARG A 217 -19.75 -22.40 0.21
N PRO A 218 -19.63 -23.14 -0.90
CA PRO A 218 -18.52 -24.10 -1.03
C PRO A 218 -17.15 -23.45 -1.06
N ASN A 219 -17.04 -22.20 -1.49
CA ASN A 219 -15.76 -21.49 -1.51
C ASN A 219 -15.49 -20.71 -0.24
N SER A 220 -16.44 -20.67 0.68
CA SER A 220 -16.28 -19.88 1.89
C SER A 220 -15.17 -20.44 2.76
N LYS A 221 -14.33 -19.55 3.30
CA LYS A 221 -13.29 -19.93 4.23
C LYS A 221 -13.32 -18.99 5.42
N ALA A 222 -12.91 -19.50 6.58
CA ALA A 222 -12.68 -18.70 7.78
C ALA A 222 -11.32 -19.04 8.37
N VAL A 223 -10.89 -18.18 9.29
CA VAL A 223 -9.61 -18.33 9.98
C VAL A 223 -9.90 -18.43 11.47
N GLY A 224 -9.25 -19.38 12.15
CA GLY A 224 -9.37 -19.52 13.58
C GLY A 224 -8.43 -18.59 14.31
N PRO A 225 -8.46 -18.66 15.64
CA PRO A 225 -7.69 -17.70 16.46
C PRO A 225 -6.19 -17.78 16.26
N THR A 226 -5.66 -18.92 15.84
CA THR A 226 -4.24 -19.07 15.61
C THR A 226 -3.89 -19.12 14.12
N GLY A 227 -4.83 -18.76 13.25
CA GLY A 227 -4.57 -18.66 11.82
C GLY A 227 -4.95 -19.87 10.99
N VAL A 228 -5.50 -20.92 11.59
CA VAL A 228 -5.84 -22.13 10.84
C VAL A 228 -7.00 -21.82 9.90
N ILE A 229 -6.87 -22.26 8.65
CA ILE A 229 -7.93 -22.08 7.67
C ILE A 229 -9.03 -23.11 7.93
N LEU A 230 -10.27 -22.65 8.00
CA LEU A 230 -11.39 -23.51 8.35
C LEU A 230 -12.43 -23.55 7.23
N SER A 231 -13.06 -24.71 7.07
CA SER A 231 -14.26 -24.81 6.25
C SER A 231 -15.44 -24.18 6.98
N PRO A 232 -16.51 -23.82 6.26
CA PRO A 232 -17.69 -23.28 6.95
C PRO A 232 -18.24 -24.21 8.02
N GLU A 233 -18.22 -25.53 7.78
CA GLU A 233 -18.68 -26.45 8.80
C GLU A 233 -17.80 -26.38 10.04
N GLU A 234 -16.48 -26.39 9.84
CA GLU A 234 -15.56 -26.28 10.96
C GLU A 234 -15.75 -24.97 11.70
N ALA A 235 -16.03 -23.90 10.96
CA ALA A 235 -16.17 -22.59 11.57
C ALA A 235 -17.41 -22.51 12.43
N PHE A 236 -18.55 -23.03 11.94
CA PHE A 236 -19.76 -23.10 12.74
C PHE A 236 -19.53 -23.88 14.03
N LYS A 237 -18.83 -25.01 13.94
CA LYS A 237 -18.62 -25.82 15.13
C LYS A 237 -17.77 -25.09 16.16
N LEU A 238 -16.67 -24.47 15.71
CA LEU A 238 -15.78 -23.79 16.66
C LEU A 238 -16.43 -22.55 17.25
N ALA A 239 -17.29 -21.88 16.50
CA ALA A 239 -17.92 -20.65 16.98
C ALA A 239 -19.11 -20.90 17.89
N GLY A 240 -19.61 -22.14 17.94
CA GLY A 240 -20.79 -22.39 18.73
C GLY A 240 -22.09 -22.06 18.04
N VAL A 241 -22.09 -21.94 16.72
CA VAL A 241 -23.34 -21.77 15.98
C VAL A 241 -23.95 -23.14 15.77
N GLU A 242 -25.15 -23.35 16.28
CA GLU A 242 -25.91 -24.56 16.03
C GLU A 242 -27.10 -24.27 15.13
N GLY A 243 -27.60 -25.31 14.49
CA GLY A 243 -28.74 -25.20 13.61
C GLY A 243 -28.42 -25.34 12.14
N GLY A 244 -27.15 -25.59 11.79
CA GLY A 244 -26.76 -25.72 10.41
C GLY A 244 -26.64 -24.37 9.72
N PHE A 245 -26.22 -24.44 8.46
CA PHE A 245 -26.08 -23.22 7.67
C PHE A 245 -27.44 -22.55 7.53
N PHE A 246 -27.41 -21.23 7.46
CA PHE A 246 -28.63 -20.50 7.20
C PHE A 246 -29.03 -20.62 5.74
N GLU A 247 -30.33 -20.68 5.52
CA GLU A 247 -30.94 -20.57 4.20
C GLU A 247 -31.61 -19.20 4.17
N LEU A 248 -31.07 -18.27 3.38
CA LEU A 248 -31.51 -16.88 3.47
C LEU A 248 -32.96 -16.74 3.04
N GLN A 249 -33.75 -16.04 3.85
CA GLN A 249 -35.11 -15.70 3.50
C GLN A 249 -35.09 -14.44 2.65
N PRO A 250 -36.21 -14.09 2.00
CA PRO A 250 -36.21 -12.91 1.13
C PRO A 250 -35.69 -11.67 1.85
N LYS A 251 -34.94 -10.85 1.12
CA LYS A 251 -34.24 -9.66 1.60
C LYS A 251 -33.05 -9.91 2.54
N GLU A 252 -32.89 -11.11 3.10
CA GLU A 252 -31.84 -11.28 4.11
C GLU A 252 -30.45 -11.16 3.50
N GLY A 253 -30.27 -11.62 2.27
CA GLY A 253 -28.97 -11.46 1.63
C GLY A 253 -28.66 -10.01 1.36
N LEU A 254 -29.66 -9.27 0.84
CA LEU A 254 -29.48 -7.85 0.62
C LEU A 254 -29.23 -7.11 1.93
N ALA A 255 -29.94 -7.49 2.99
CA ALA A 255 -29.71 -6.86 4.28
C ALA A 255 -28.28 -7.09 4.78
N LEU A 256 -27.69 -8.25 4.47
CA LEU A 256 -26.32 -8.51 4.93
C LEU A 256 -25.29 -7.67 4.16
N VAL A 257 -25.51 -7.45 2.87
CA VAL A 257 -24.46 -6.91 2.02
C VAL A 257 -24.64 -5.44 1.64
N ASN A 258 -25.83 -4.86 1.82
CA ASN A 258 -26.13 -3.56 1.22
C ASN A 258 -25.82 -2.39 2.18
N GLY A 259 -24.60 -2.30 2.71
CA GLY A 259 -24.28 -1.27 3.68
C GLY A 259 -22.81 -0.87 3.60
N THR A 260 -22.40 -0.02 4.54
CA THR A 260 -21.07 0.58 4.50
C THR A 260 -20.14 0.06 5.59
N ALA A 261 -20.40 -1.13 6.12
CA ALA A 261 -19.76 -1.58 7.35
C ALA A 261 -18.27 -1.82 7.19
N VAL A 262 -17.79 -2.21 6.00
CA VAL A 262 -16.37 -2.48 5.88
C VAL A 262 -15.57 -1.18 5.91
N GLY A 263 -16.02 -0.18 5.13
CA GLY A 263 -15.32 1.10 5.14
C GLY A 263 -15.40 1.81 6.47
N SER A 264 -16.59 1.81 7.10
CA SER A 264 -16.76 2.52 8.35
C SER A 264 -16.12 1.79 9.51
N GLY A 265 -16.12 0.45 9.48
CA GLY A 265 -15.42 -0.30 10.50
C GLY A 265 -13.93 -0.01 10.48
N MET A 266 -13.33 0.02 9.29
CA MET A 266 -11.91 0.32 9.21
C MET A 266 -11.64 1.77 9.57
N ALA A 267 -12.51 2.69 9.13
CA ALA A 267 -12.31 4.09 9.50
C ALA A 267 -12.32 4.28 11.02
N SER A 268 -13.13 3.49 11.74
CA SER A 268 -13.21 3.55 13.19
C SER A 268 -11.88 3.14 13.84
N MET A 269 -11.30 2.03 13.37
CA MET A 269 -10.00 1.58 13.85
C MET A 269 -8.94 2.63 13.60
N VAL A 270 -8.96 3.23 12.41
CA VAL A 270 -7.98 4.26 12.04
C VAL A 270 -8.10 5.47 12.96
N LEU A 271 -9.33 5.95 13.16
CA LEU A 271 -9.54 7.16 13.95
C LEU A 271 -9.24 6.93 15.43
N PHE A 272 -9.46 5.71 15.94
CA PHE A 272 -9.05 5.44 17.32
C PHE A 272 -7.57 5.72 17.50
N GLU A 273 -6.74 5.18 16.60
CA GLU A 273 -5.30 5.41 16.71
C GLU A 273 -4.94 6.86 16.38
N ALA A 274 -5.63 7.46 15.40
CA ALA A 274 -5.29 8.82 14.99
C ALA A 274 -5.53 9.82 16.11
N ASN A 275 -6.63 9.65 16.86
CA ASN A 275 -6.89 10.52 18.00
C ASN A 275 -5.78 10.43 19.04
N ILE A 276 -5.32 9.22 19.34
CA ILE A 276 -4.25 9.03 20.32
C ILE A 276 -2.95 9.65 19.80
N LEU A 277 -2.62 9.39 18.54
CA LEU A 277 -1.38 9.89 17.96
C LEU A 277 -1.35 11.42 17.92
N ALA A 278 -2.50 12.06 17.78
CA ALA A 278 -2.51 13.51 17.82
C ALA A 278 -2.14 14.04 19.20
N VAL A 279 -2.61 13.37 20.27
CA VAL A 279 -2.19 13.75 21.63
C VAL A 279 -0.71 13.47 21.82
N LEU A 280 -0.23 12.34 21.32
CA LEU A 280 1.21 12.05 21.37
C LEU A 280 2.01 13.13 20.66
N ALA A 281 1.53 13.60 19.51
CA ALA A 281 2.26 14.64 18.79
C ALA A 281 2.28 15.94 19.58
N GLU A 282 1.20 16.25 20.31
CA GLU A 282 1.19 17.45 21.13
C GLU A 282 2.20 17.33 22.27
N VAL A 283 2.23 16.19 22.93
CA VAL A 283 3.14 16.03 24.08
C VAL A 283 4.59 15.95 23.60
N MET A 284 4.85 15.25 22.50
CA MET A 284 6.22 15.21 22.02
C MET A 284 6.71 16.58 21.56
N SER A 285 5.82 17.43 21.05
CA SER A 285 6.22 18.81 20.73
C SER A 285 6.72 19.54 21.98
N ALA A 286 6.11 19.26 23.14
CA ALA A 286 6.57 19.89 24.37
C ALA A 286 7.88 19.30 24.86
N ILE A 287 8.01 17.97 24.81
CA ILE A 287 9.27 17.34 25.22
C ILE A 287 10.40 17.80 24.32
N PHE A 288 10.11 17.90 23.02
CA PHE A 288 11.01 18.51 22.05
C PHE A 288 11.44 19.91 22.51
N ALA A 289 10.46 20.76 22.83
CA ALA A 289 10.79 22.08 23.36
C ALA A 289 11.70 21.99 24.59
N GLU A 290 11.40 21.06 25.50
CA GLU A 290 12.23 20.91 26.71
C GLU A 290 13.69 20.64 26.36
N VAL A 291 13.95 19.59 25.57
CA VAL A 291 15.33 19.21 25.35
C VAL A 291 16.04 20.17 24.40
N MET A 292 15.30 20.89 23.56
CA MET A 292 15.89 21.90 22.70
C MET A 292 16.22 23.18 23.44
N GLN A 293 15.77 23.30 24.70
CA GLN A 293 15.84 24.55 25.45
C GLN A 293 15.15 25.69 24.71
N GLY A 294 13.98 25.39 24.13
CA GLY A 294 13.18 26.41 23.50
C GLY A 294 12.59 27.38 24.51
N LYS A 295 12.18 28.54 23.99
CA LYS A 295 11.53 29.56 24.83
C LYS A 295 10.08 29.16 25.06
N PRO A 296 9.68 28.87 26.31
CA PRO A 296 8.31 28.37 26.53
C PRO A 296 7.22 29.39 26.22
N GLU A 297 7.56 30.68 26.02
CA GLU A 297 6.52 31.67 25.76
C GLU A 297 5.73 31.38 24.48
N PHE A 298 6.18 30.48 23.60
CA PHE A 298 5.37 30.18 22.43
C PHE A 298 4.03 29.53 22.80
N THR A 299 3.88 29.02 24.01
CA THR A 299 2.63 28.46 24.48
C THR A 299 1.76 29.47 25.23
N ASP A 300 2.21 30.73 25.35
CA ASP A 300 1.48 31.72 26.15
C ASP A 300 0.03 31.84 25.65
N HIS A 301 -0.92 31.79 26.59
CA HIS A 301 -2.32 31.68 26.18
C HIS A 301 -2.80 32.91 25.42
N LEU A 302 -2.25 34.10 25.69
CA LEU A 302 -2.71 35.28 24.96
C LEU A 302 -2.59 35.08 23.45
N THR A 303 -1.44 34.56 23.00
CA THR A 303 -1.22 34.33 21.58
C THR A 303 -2.32 33.49 20.98
N HIS A 304 -2.68 32.39 21.66
CA HIS A 304 -3.61 31.44 21.09
C HIS A 304 -5.05 31.88 21.30
N LYS A 305 -5.33 32.52 22.44
CA LYS A 305 -6.65 33.09 22.69
C LYS A 305 -7.05 34.02 21.55
N LEU A 306 -6.09 34.83 21.07
CA LEU A 306 -6.34 35.86 20.07
C LEU A 306 -6.54 35.29 18.66
N LYS A 307 -6.35 33.98 18.44
CA LYS A 307 -6.70 33.36 17.16
C LYS A 307 -8.02 32.62 17.18
N HIS A 308 -8.59 32.34 18.36
CA HIS A 308 -9.91 31.72 18.53
C HIS A 308 -9.96 30.22 18.19
N HIS A 309 -9.02 29.71 17.40
CA HIS A 309 -9.07 28.30 17.00
C HIS A 309 -8.95 27.39 18.22
N PRO A 310 -9.93 26.52 18.49
CA PRO A 310 -9.87 25.73 19.74
C PRO A 310 -8.81 24.65 19.72
N GLY A 311 -8.52 24.05 18.56
CA GLY A 311 -7.47 23.05 18.51
C GLY A 311 -6.12 23.65 18.85
N GLN A 312 -5.86 24.85 18.35
CA GLN A 312 -4.60 25.54 18.63
C GLN A 312 -4.53 25.93 20.10
N ILE A 313 -5.63 26.47 20.64
CA ILE A 313 -5.67 26.83 22.05
C ILE A 313 -5.42 25.60 22.93
N GLU A 314 -6.03 24.47 22.58
CA GLU A 314 -5.85 23.28 23.39
C GLU A 314 -4.42 22.77 23.28
N ALA A 315 -3.88 22.75 22.06
CA ALA A 315 -2.53 22.22 21.85
C ALA A 315 -1.51 23.06 22.60
N ALA A 316 -1.68 24.39 22.56
CA ALA A 316 -0.82 25.28 23.34
C ALA A 316 -0.91 24.98 24.83
N ALA A 317 -2.15 24.79 25.34
CA ALA A 317 -2.34 24.61 26.78
C ALA A 317 -1.76 23.29 27.25
N ILE A 318 -1.83 22.27 26.42
CA ILE A 318 -1.23 20.98 26.75
C ILE A 318 0.30 21.12 26.81
N MET A 319 0.89 21.75 25.80
CA MET A 319 2.34 21.94 25.81
C MET A 319 2.75 22.83 26.95
N GLU A 320 1.96 23.88 27.22
CA GLU A 320 2.25 24.74 28.35
C GLU A 320 2.22 23.97 29.66
N HIS A 321 1.31 23.00 29.76
CA HIS A 321 1.22 22.20 30.98
C HIS A 321 2.49 21.36 31.17
N ILE A 322 2.95 20.71 30.10
CA ILE A 322 4.20 19.95 30.18
C ILE A 322 5.34 20.87 30.57
N LEU A 323 5.43 22.04 29.92
CA LEU A 323 6.56 22.92 30.13
C LEU A 323 6.53 23.59 31.50
N ASP A 324 5.33 23.85 32.03
CA ASP A 324 5.24 24.47 33.35
C ASP A 324 5.73 23.55 34.45
N GLY A 325 5.71 22.24 34.23
CA GLY A 325 6.21 21.30 35.21
C GLY A 325 7.55 20.71 34.81
N SER A 326 8.30 21.43 33.98
CA SER A 326 9.57 20.97 33.45
C SER A 326 10.73 21.47 34.31
N ALA A 327 11.61 20.56 34.70
CA ALA A 327 12.86 20.95 35.35
C ALA A 327 13.90 21.50 34.37
N TYR A 328 13.68 21.37 33.06
CA TYR A 328 14.57 22.02 32.08
C TYR A 328 14.20 23.47 31.85
N VAL A 329 12.90 23.79 31.76
CA VAL A 329 12.49 25.18 31.65
C VAL A 329 12.88 25.95 32.90
N LYS A 330 12.81 25.31 34.06
CA LYS A 330 13.28 25.93 35.30
C LYS A 330 14.77 26.22 35.27
N ALA A 331 15.51 25.53 34.40
CA ALA A 331 16.94 25.77 34.20
C ALA A 331 17.21 26.88 33.19
N ALA A 332 16.18 27.56 32.70
CA ALA A 332 16.37 28.65 31.75
C ALA A 332 16.37 29.99 32.45
N LYS A 345 17.35 34.48 18.70
CA LYS A 345 16.37 35.35 19.34
C LYS A 345 15.01 34.66 19.52
N GLN A 346 14.56 33.97 18.47
CA GLN A 346 13.33 33.17 18.52
C GLN A 346 13.63 31.75 18.04
N ASP A 347 12.80 30.81 18.49
CA ASP A 347 12.94 29.44 18.02
C ASP A 347 12.42 29.33 16.58
N ARG A 348 12.86 28.27 15.91
CA ARG A 348 12.44 28.03 14.54
C ARG A 348 11.00 27.51 14.51
N TYR A 349 10.40 27.49 13.32
CA TYR A 349 8.96 27.31 13.21
C TYR A 349 8.46 25.96 13.71
N ALA A 350 9.23 24.89 13.53
CA ALA A 350 8.70 23.59 13.96
C ALA A 350 8.52 23.55 15.47
N LEU A 351 9.22 24.41 16.21
CA LEU A 351 8.96 24.52 17.64
C LEU A 351 7.90 25.59 17.90
N ARG A 352 8.16 26.81 17.43
CA ARG A 352 7.37 27.95 17.86
C ARG A 352 5.98 27.97 17.23
N THR A 353 5.80 27.39 16.03
CA THR A 353 4.46 27.39 15.45
C THR A 353 3.77 26.04 15.59
N SER A 354 4.30 25.15 16.44
CA SER A 354 3.68 23.83 16.59
C SER A 354 2.22 23.88 17.07
N PRO A 355 1.79 24.78 17.96
CA PRO A 355 0.35 24.79 18.27
C PRO A 355 -0.49 25.25 17.10
N GLN A 356 -0.04 26.27 16.36
CA GLN A 356 -0.77 26.70 15.17
C GLN A 356 -0.83 25.59 14.14
N TRP A 357 0.23 24.79 14.04
CA TRP A 357 0.30 23.75 13.03
C TRP A 357 -0.62 22.58 13.38
N LEU A 358 -0.56 22.13 14.63
CA LEU A 358 -1.32 20.94 15.03
C LEU A 358 -2.80 21.23 15.23
N GLY A 359 -3.15 22.45 15.65
CA GLY A 359 -4.52 22.79 15.98
C GLY A 359 -5.57 22.36 14.96
N PRO A 360 -5.44 22.82 13.71
CA PRO A 360 -6.43 22.44 12.70
C PRO A 360 -6.42 20.96 12.38
N GLN A 361 -5.27 20.28 12.54
CA GLN A 361 -5.26 18.83 12.34
C GLN A 361 -6.10 18.12 13.38
N ILE A 362 -6.00 18.56 14.64
CA ILE A 362 -6.81 17.98 15.71
C ILE A 362 -8.29 18.22 15.44
N GLU A 363 -8.64 19.41 14.97
CA GLU A 363 -10.04 19.71 14.67
C GLU A 363 -10.56 18.80 13.56
N VAL A 364 -9.75 18.55 12.52
CA VAL A 364 -10.20 17.69 11.43
C VAL A 364 -10.37 16.27 11.94
N ILE A 365 -9.41 15.78 12.72
CA ILE A 365 -9.52 14.43 13.24
C ILE A 365 -10.74 14.31 14.15
N ARG A 366 -11.01 15.34 14.93
CA ARG A 366 -12.15 15.28 15.83
C ARG A 366 -13.47 15.32 15.04
N SER A 367 -13.57 16.24 14.10
CA SER A 367 -14.78 16.32 13.27
C SER A 367 -14.99 15.03 12.49
N SER A 368 -13.90 14.45 11.98
CA SER A 368 -14.00 13.20 11.22
C SER A 368 -14.49 12.06 12.09
N THR A 369 -14.06 12.05 13.36
CA THR A 369 -14.50 11.02 14.30
C THR A 369 -16.02 11.06 14.48
N LYS A 370 -16.59 12.25 14.66
CA LYS A 370 -18.03 12.35 14.82
C LYS A 370 -18.78 11.91 13.58
N MET A 371 -18.21 12.17 12.39
CA MET A 371 -18.84 11.72 11.16
C MET A 371 -18.90 10.19 11.11
N ILE A 372 -17.80 9.55 11.44
CA ILE A 372 -17.75 8.10 11.41
C ILE A 372 -18.63 7.49 12.52
N GLU A 373 -18.65 8.13 13.69
CA GLU A 373 -19.49 7.59 14.75
C GLU A 373 -20.97 7.63 14.36
N ARG A 374 -21.40 8.66 13.60
CA ARG A 374 -22.75 8.66 13.08
C ARG A 374 -22.94 7.53 12.07
N GLU A 375 -21.95 7.32 11.20
CA GLU A 375 -22.08 6.32 10.15
C GLU A 375 -22.20 4.91 10.71
N ILE A 376 -21.42 4.58 11.76
CA ILE A 376 -21.49 3.23 12.31
C ILE A 376 -22.75 3.01 13.14
N ASN A 377 -23.51 4.06 13.44
CA ASN A 377 -24.82 3.94 14.07
C ASN A 377 -25.97 4.30 13.13
N SER A 378 -25.72 4.34 11.84
CA SER A 378 -26.74 4.66 10.87
C SER A 378 -27.42 3.39 10.36
N VAL A 379 -28.60 3.56 9.78
CA VAL A 379 -29.27 2.44 9.06
C VAL A 379 -28.79 2.54 7.61
N ASN A 380 -27.61 1.99 7.35
CA ASN A 380 -27.08 2.00 5.99
C ASN A 380 -27.56 0.71 5.34
N ASP A 381 -28.70 0.81 4.65
CA ASP A 381 -29.34 -0.34 4.02
C ASP A 381 -30.36 0.22 3.04
N ASN A 382 -30.86 -0.66 2.17
CA ASN A 382 -31.90 -0.26 1.23
C ASN A 382 -32.50 -1.52 0.66
N PRO A 383 -33.82 -1.58 0.46
CA PRO A 383 -34.77 -0.59 1.01
C PRO A 383 -34.93 -0.73 2.52
N LEU A 384 -35.49 0.29 3.16
CA LEU A 384 -35.81 0.23 4.59
C LEU A 384 -37.24 -0.26 4.78
N ILE A 385 -37.43 -1.18 5.72
CA ILE A 385 -38.74 -1.71 6.05
C ILE A 385 -39.32 -0.86 7.17
N ASP A 386 -40.36 -0.08 6.87
CA ASP A 386 -41.05 0.75 7.86
C ASP A 386 -42.37 0.07 8.19
N VAL A 387 -42.37 -0.78 9.23
CA VAL A 387 -43.58 -1.50 9.59
C VAL A 387 -44.66 -0.53 10.07
N SER A 388 -44.26 0.62 10.60
CA SER A 388 -45.24 1.61 11.03
C SER A 388 -46.09 2.11 9.88
N ARG A 389 -45.48 2.37 8.72
CA ARG A 389 -46.23 2.81 7.55
C ARG A 389 -46.55 1.67 6.59
N ASN A 390 -46.21 0.43 6.94
CA ASN A 390 -46.56 -0.75 6.13
C ASN A 390 -45.99 -0.65 4.72
N LYS A 391 -44.73 -0.25 4.61
CA LYS A 391 -44.14 -0.13 3.28
C LYS A 391 -42.61 -0.14 3.38
N ALA A 392 -41.98 -0.49 2.28
CA ALA A 392 -40.53 -0.35 2.13
C ALA A 392 -40.22 1.01 1.55
N ILE A 393 -39.19 1.67 2.10
CA ILE A 393 -38.77 3.01 1.69
C ILE A 393 -37.47 2.86 0.91
N HIS A 394 -37.48 3.30 -0.35
CA HIS A 394 -36.28 3.22 -1.19
C HIS A 394 -35.44 4.48 -1.06
N GLY A 395 -34.13 4.30 -0.93
CA GLY A 395 -33.25 5.42 -0.72
C GLY A 395 -31.80 5.09 -0.96
N GLY A 396 -30.91 5.92 -0.43
CA GLY A 396 -29.51 5.79 -0.76
C GLY A 396 -28.54 5.64 0.40
N ASN A 397 -29.00 5.06 1.51
CA ASN A 397 -28.19 5.10 2.73
C ASN A 397 -26.95 4.20 2.67
N PHE A 398 -26.83 3.34 1.66
CA PHE A 398 -25.59 2.60 1.41
C PHE A 398 -24.49 3.48 0.83
N GLN A 399 -24.76 4.75 0.51
CA GLN A 399 -23.77 5.59 -0.16
C GLN A 399 -22.80 6.13 0.89
N GLY A 400 -21.57 5.60 0.90
CA GLY A 400 -20.67 5.81 2.03
C GLY A 400 -19.87 7.09 2.01
N THR A 401 -20.44 8.14 1.44
CA THR A 401 -19.73 9.41 1.35
C THR A 401 -19.13 9.92 2.66
N PRO A 402 -19.81 9.83 3.82
CA PRO A 402 -19.16 10.29 5.06
C PRO A 402 -17.84 9.59 5.33
N ILE A 403 -17.71 8.34 4.89
CA ILE A 403 -16.46 7.59 5.08
C ILE A 403 -15.36 8.14 4.17
N GLY A 404 -15.64 8.24 2.87
CA GLY A 404 -14.63 8.73 1.94
C GLY A 404 -14.14 10.12 2.31
N VAL A 405 -15.08 11.03 2.60
CA VAL A 405 -14.71 12.40 2.96
C VAL A 405 -13.87 12.43 4.25
N SER A 406 -14.37 11.79 5.31
CA SER A 406 -13.67 11.85 6.58
C SER A 406 -12.30 11.20 6.46
N MET A 407 -12.18 10.13 5.68
CA MET A 407 -10.89 9.47 5.57
C MET A 407 -9.92 10.25 4.68
N ASP A 408 -10.40 10.94 3.65
CA ASP A 408 -9.52 11.80 2.86
C ASP A 408 -9.03 12.98 3.70
N ASN A 409 -9.95 13.65 4.40
CA ASN A 409 -9.57 14.79 5.23
C ASN A 409 -8.62 14.37 6.35
N THR A 410 -8.90 13.23 7.00
CA THR A 410 -8.02 12.76 8.07
C THR A 410 -6.65 12.37 7.54
N ARG A 411 -6.59 11.75 6.36
CA ARG A 411 -5.28 11.38 5.81
C ARG A 411 -4.42 12.61 5.57
N LEU A 412 -5.01 13.71 5.08
CA LEU A 412 -4.25 14.93 4.91
C LEU A 412 -3.80 15.47 6.25
N ALA A 413 -4.64 15.32 7.27
CA ALA A 413 -4.26 15.79 8.60
C ALA A 413 -3.12 14.97 9.17
N ILE A 414 -3.15 13.64 8.95
CA ILE A 414 -2.05 12.79 9.41
C ILE A 414 -0.74 13.18 8.74
N ALA A 415 -0.76 13.43 7.43
CA ALA A 415 0.45 13.85 6.71
C ALA A 415 1.03 15.14 7.30
N ALA A 416 0.16 16.07 7.73
CA ALA A 416 0.63 17.32 8.31
C ALA A 416 1.26 17.10 9.67
N ILE A 417 0.70 16.21 10.49
CA ILE A 417 1.32 15.89 11.77
C ILE A 417 2.67 15.24 11.53
N GLY A 418 2.73 14.35 10.55
CA GLY A 418 4.00 13.77 10.14
C GLY A 418 5.02 14.80 9.69
N LYS A 419 4.60 15.77 8.89
CA LYS A 419 5.55 16.76 8.38
C LYS A 419 6.15 17.58 9.53
N LEU A 420 5.32 17.98 10.49
CA LEU A 420 5.83 18.66 11.67
C LEU A 420 6.80 17.78 12.45
N MET A 421 6.47 16.51 12.61
CA MET A 421 7.36 15.62 13.34
C MET A 421 8.71 15.49 12.63
N PHE A 422 8.69 15.42 11.29
CA PHE A 422 9.92 15.37 10.52
C PHE A 422 10.73 16.65 10.72
N ALA A 423 10.08 17.81 10.64
CA ALA A 423 10.79 19.06 10.85
C ALA A 423 11.36 19.17 12.26
N GLN A 424 10.60 18.78 13.29
CA GLN A 424 11.14 18.79 14.66
C GLN A 424 12.33 17.84 14.78
N PHE A 425 12.19 16.61 14.31
CA PHE A 425 13.29 15.67 14.36
C PHE A 425 14.53 16.21 13.64
N SER A 426 14.31 16.85 12.48
CA SER A 426 15.42 17.43 11.74
C SER A 426 16.16 18.50 12.53
N GLU A 427 15.42 19.37 13.23
CA GLU A 427 16.08 20.36 14.09
C GLU A 427 16.83 19.68 15.23
N LEU A 428 16.23 18.62 15.80
CA LEU A 428 16.79 18.00 17.00
C LEU A 428 18.18 17.40 16.73
N VAL A 429 18.39 16.80 15.56
CA VAL A 429 19.66 16.12 15.31
C VAL A 429 20.68 17.03 14.65
N ASN A 430 20.31 18.27 14.32
CA ASN A 430 21.21 19.19 13.65
C ASN A 430 21.90 20.08 14.68
N ASP A 431 23.23 20.00 14.75
CA ASP A 431 23.94 20.80 15.75
C ASP A 431 23.88 22.29 15.47
N PHE A 432 23.54 22.71 14.24
CA PHE A 432 23.32 24.14 14.02
C PHE A 432 22.10 24.65 14.79
N TYR A 433 21.12 23.78 15.06
CA TYR A 433 19.83 24.25 15.57
C TYR A 433 19.45 23.71 16.94
N ASN A 434 20.18 22.73 17.50
CA ASN A 434 19.68 22.04 18.67
C ASN A 434 20.33 22.54 19.97
N ASN A 435 20.86 23.76 19.98
CA ASN A 435 21.31 24.43 21.21
C ASN A 435 22.22 23.54 22.06
N GLY A 436 23.27 23.01 21.43
CA GLY A 436 24.35 22.36 22.15
C GLY A 436 24.32 20.85 22.20
N LEU A 437 23.28 20.21 21.66
CA LEU A 437 23.29 18.76 21.60
C LEU A 437 24.25 18.30 20.51
N PRO A 438 24.81 17.09 20.63
CA PRO A 438 25.74 16.62 19.60
C PRO A 438 25.03 16.47 18.27
N SER A 439 25.75 16.76 17.18
CA SER A 439 25.26 16.41 15.86
C SER A 439 24.88 14.93 15.85
N ASN A 440 23.74 14.61 15.21
CA ASN A 440 23.19 13.26 15.13
C ASN A 440 22.76 12.67 16.47
N LEU A 441 22.82 13.44 17.57
CA LEU A 441 22.59 12.90 18.92
C LEU A 441 23.50 11.70 19.20
N SER A 442 24.70 11.76 18.66
CA SER A 442 25.73 10.75 18.92
C SER A 442 26.02 10.63 20.41
N GLY A 443 26.19 9.38 20.88
CA GLY A 443 26.27 9.13 22.31
C GLY A 443 27.61 8.70 22.88
N GLY A 444 28.50 8.13 22.06
CA GLY A 444 29.74 7.58 22.56
C GLY A 444 30.82 8.62 22.79
N ARG A 445 31.93 8.15 23.36
CA ARG A 445 33.09 9.01 23.64
C ARG A 445 33.74 9.51 22.37
N ASN A 446 33.68 8.75 21.29
CA ASN A 446 34.42 9.08 20.06
C ASN A 446 33.43 9.38 18.95
N PRO A 447 33.20 10.65 18.63
CA PRO A 447 32.23 10.96 17.56
C PRO A 447 32.64 10.45 16.20
N SER A 448 33.93 10.22 15.95
CA SER A 448 34.36 9.66 14.67
C SER A 448 33.85 8.25 14.47
N LEU A 449 33.44 7.57 15.54
CA LEU A 449 32.92 6.21 15.46
C LEU A 449 31.51 6.13 16.04
N ASP A 450 30.75 7.23 15.96
CA ASP A 450 29.36 7.23 16.42
C ASP A 450 28.59 8.26 15.61
N TYR A 451 27.83 7.81 14.61
CA TYR A 451 27.01 8.72 13.83
C TYR A 451 25.54 8.71 14.27
N GLY A 452 25.29 8.27 15.51
CA GLY A 452 24.02 8.46 16.19
C GLY A 452 22.80 8.14 15.36
N PHE A 453 21.94 9.13 15.18
CA PHE A 453 20.65 8.97 14.52
C PHE A 453 20.69 9.34 13.04
N LYS A 454 21.89 9.41 12.42
CA LYS A 454 21.96 9.80 11.01
C LYS A 454 21.17 8.85 10.12
N GLY A 455 21.26 7.54 10.36
CA GLY A 455 20.45 6.61 9.60
C GLY A 455 18.97 6.78 9.86
N ALA A 456 18.60 7.02 11.12
CA ALA A 456 17.20 7.23 11.46
C ALA A 456 16.67 8.50 10.81
N GLU A 457 17.52 9.52 10.66
CA GLU A 457 17.10 10.78 10.08
C GLU A 457 16.76 10.61 8.61
N ILE A 458 17.60 9.85 7.90
CA ILE A 458 17.30 9.49 6.52
C ILE A 458 16.00 8.70 6.45
N ALA A 459 15.81 7.75 7.37
CA ALA A 459 14.56 7.00 7.39
C ALA A 459 13.37 7.92 7.62
N MET A 460 13.53 8.91 8.50
CA MET A 460 12.43 9.83 8.77
C MET A 460 12.04 10.62 7.52
N ALA A 461 13.02 11.01 6.70
CA ALA A 461 12.67 11.66 5.43
C ALA A 461 11.88 10.73 4.54
N SER A 462 12.25 9.44 4.50
CA SER A 462 11.52 8.49 3.66
C SER A 462 10.10 8.28 4.17
N TYR A 463 9.92 8.28 5.50
CA TYR A 463 8.57 8.16 6.04
C TYR A 463 7.75 9.37 5.69
N CYS A 464 8.31 10.56 5.90
CA CYS A 464 7.60 11.80 5.61
C CYS A 464 7.22 11.89 4.13
N SER A 465 8.17 11.59 3.22
CA SER A 465 7.88 11.62 1.79
C SER A 465 6.72 10.71 1.45
N GLU A 466 6.75 9.46 1.93
CA GLU A 466 5.64 8.57 1.57
C GLU A 466 4.31 9.04 2.16
N LEU A 467 4.35 9.66 3.32
CA LEU A 467 3.16 10.21 3.95
C LEU A 467 2.56 11.35 3.12
N GLN A 468 3.40 12.23 2.57
CA GLN A 468 2.91 13.31 1.72
C GLN A 468 2.28 12.75 0.44
N PHE A 469 2.85 11.68 -0.11
CA PHE A 469 2.22 10.99 -1.23
C PHE A 469 0.84 10.46 -0.84
N LEU A 470 0.76 9.81 0.33
CA LEU A 470 -0.49 9.22 0.76
C LEU A 470 -1.56 10.27 1.03
N ALA A 471 -1.16 11.53 1.25
CA ALA A 471 -2.12 12.60 1.55
C ALA A 471 -3.05 12.91 0.38
N ASN A 472 -2.76 12.46 -0.83
CA ASN A 472 -3.67 12.72 -1.93
C ASN A 472 -5.02 12.03 -1.68
N PRO A 473 -6.11 12.61 -2.15
CA PRO A 473 -7.43 12.04 -1.90
C PRO A 473 -7.71 10.85 -2.80
N VAL A 474 -8.66 10.02 -2.35
CA VAL A 474 -9.15 8.88 -3.12
C VAL A 474 -10.46 9.26 -3.78
N THR A 475 -11.24 10.14 -3.12
CA THR A 475 -12.64 10.33 -3.51
C THR A 475 -12.81 11.19 -4.76
N ASN A 476 -11.73 11.75 -5.32
CA ASN A 476 -11.83 12.39 -6.62
C ASN A 476 -11.53 11.43 -7.77
N HIS A 477 -11.66 10.12 -7.54
CA HIS A 477 -11.39 9.13 -8.59
C HIS A 477 -12.60 8.24 -8.86
N VAL A 478 -13.80 8.80 -8.66
CA VAL A 478 -15.03 8.06 -8.81
C VAL A 478 -15.25 7.70 -10.28
N GLN A 479 -15.51 6.43 -10.54
CA GLN A 479 -15.93 5.96 -11.86
C GLN A 479 -17.45 5.77 -11.88
N SER A 480 -18.07 6.06 -13.04
CA SER A 480 -19.48 5.72 -13.25
C SER A 480 -19.58 4.20 -13.38
N ALA A 481 -20.21 3.54 -12.41
CA ALA A 481 -20.10 2.10 -12.26
C ALA A 481 -21.44 1.40 -12.44
N GLU A 482 -21.34 0.08 -12.60
CA GLU A 482 -22.47 -0.85 -12.65
C GLU A 482 -23.50 -0.43 -13.69
N GLN A 483 -23.10 -0.58 -14.95
CA GLN A 483 -23.93 -0.16 -16.09
C GLN A 483 -24.46 1.26 -15.88
N HIS A 484 -23.62 2.09 -15.27
CA HIS A 484 -23.88 3.51 -14.97
C HIS A 484 -25.08 3.71 -14.05
N ASN A 485 -25.54 2.66 -13.36
CA ASN A 485 -26.48 2.83 -12.26
C ASN A 485 -25.81 3.56 -11.10
N GLN A 486 -24.59 3.18 -10.78
CA GLN A 486 -23.84 3.74 -9.67
C GLN A 486 -22.92 4.86 -10.16
N ASP A 487 -23.54 5.91 -10.69
CA ASP A 487 -22.74 6.92 -11.37
C ASP A 487 -22.07 7.90 -10.40
N VAL A 488 -22.42 7.85 -9.11
CA VAL A 488 -21.53 8.34 -8.05
C VAL A 488 -21.42 7.22 -7.02
N ASN A 489 -20.25 7.12 -6.38
CA ASN A 489 -19.98 6.11 -5.36
C ASN A 489 -18.84 6.63 -4.49
N SER A 490 -18.83 6.19 -3.22
CA SER A 490 -18.04 6.94 -2.23
C SER A 490 -16.57 6.56 -2.20
N LEU A 491 -16.22 5.34 -2.56
CA LEU A 491 -14.84 4.83 -2.42
C LEU A 491 -14.35 4.87 -0.97
N GLY A 492 -15.29 4.70 -0.02
CA GLY A 492 -14.96 4.84 1.39
C GLY A 492 -13.92 3.86 1.88
N LEU A 493 -14.09 2.56 1.59
CA LEU A 493 -13.12 1.59 2.09
C LEU A 493 -11.73 1.83 1.49
N ILE A 494 -11.64 2.10 0.18
CA ILE A 494 -10.32 2.37 -0.38
C ILE A 494 -9.66 3.53 0.36
N SER A 495 -10.43 4.58 0.69
CA SER A 495 -9.85 5.70 1.42
C SER A 495 -9.45 5.31 2.84
N SER A 496 -10.29 4.54 3.55
CA SER A 496 -9.92 4.05 4.88
C SER A 496 -8.62 3.27 4.86
N ARG A 497 -8.43 2.44 3.83
CA ARG A 497 -7.20 1.67 3.69
C ARG A 497 -5.99 2.58 3.53
N LYS A 498 -6.12 3.63 2.73
CA LYS A 498 -4.97 4.52 2.57
C LYS A 498 -4.70 5.30 3.85
N THR A 499 -5.75 5.67 4.59
CA THR A 499 -5.52 6.36 5.85
C THR A 499 -4.94 5.42 6.89
N SER A 500 -5.32 4.14 6.85
CA SER A 500 -4.70 3.16 7.73
C SER A 500 -3.21 3.05 7.44
N GLU A 501 -2.81 3.09 6.16
CA GLU A 501 -1.39 3.03 5.83
C GLU A 501 -0.66 4.27 6.34
N ALA A 502 -1.31 5.44 6.23
CA ALA A 502 -0.69 6.67 6.73
C ALA A 502 -0.49 6.62 8.24
N VAL A 503 -1.46 6.08 8.97
CA VAL A 503 -1.34 5.98 10.41
C VAL A 503 -0.16 5.08 10.78
N GLU A 504 0.01 3.97 10.05
CA GLU A 504 1.13 3.07 10.33
C GLU A 504 2.46 3.81 10.17
N ILE A 505 2.60 4.59 9.10
CA ILE A 505 3.82 5.36 8.90
C ILE A 505 3.99 6.39 10.01
N LEU A 506 2.89 7.03 10.42
CA LEU A 506 3.00 8.00 11.50
C LEU A 506 3.47 7.33 12.80
N LYS A 507 3.10 6.07 13.01
CA LYS A 507 3.64 5.31 14.13
C LYS A 507 5.13 5.01 13.97
N LEU A 508 5.59 4.75 12.74
CA LEU A 508 7.04 4.60 12.52
C LEU A 508 7.78 5.88 12.87
N MET A 509 7.22 7.02 12.43
CA MET A 509 7.84 8.31 12.74
C MET A 509 7.79 8.63 14.22
N SER A 510 6.67 8.34 14.89
CA SER A 510 6.53 8.65 16.31
C SER A 510 7.48 7.81 17.14
N THR A 511 7.61 6.53 16.78
CA THR A 511 8.57 5.64 17.44
C THR A 511 9.99 6.19 17.34
N THR A 512 10.42 6.55 16.12
CA THR A 512 11.77 7.04 15.92
C THR A 512 12.00 8.36 16.64
N PHE A 513 11.03 9.26 16.55
CA PHE A 513 11.15 10.55 17.25
C PHE A 513 11.23 10.34 18.76
N LEU A 514 10.35 9.49 19.30
CA LEU A 514 10.33 9.31 20.76
C LEU A 514 11.67 8.77 21.28
N VAL A 515 12.25 7.79 20.57
CA VAL A 515 13.54 7.27 20.99
C VAL A 515 14.62 8.35 20.88
N GLY A 516 14.50 9.22 19.86
CA GLY A 516 15.42 10.34 19.75
C GLY A 516 15.31 11.33 20.90
N LEU A 517 14.07 11.61 21.33
CA LEU A 517 13.86 12.50 22.47
C LEU A 517 14.47 11.92 23.72
N CYS A 518 14.35 10.60 23.92
CA CYS A 518 14.95 10.02 25.12
C CYS A 518 16.47 10.03 25.04
N GLN A 519 17.01 9.85 23.83
CA GLN A 519 18.45 10.02 23.66
C GLN A 519 18.88 11.43 24.02
N ALA A 520 18.12 12.43 23.57
CA ALA A 520 18.46 13.82 23.86
C ALA A 520 18.39 14.10 25.36
N ILE A 521 17.36 13.59 26.03
CA ILE A 521 17.26 13.71 27.49
C ILE A 521 18.55 13.22 28.15
N ASP A 522 19.00 12.03 27.77
CA ASP A 522 20.21 11.45 28.37
C ASP A 522 21.45 12.26 28.02
N LEU A 523 21.48 12.86 26.82
CA LEU A 523 22.60 13.72 26.46
C LEU A 523 22.60 15.03 27.26
N ARG A 524 21.42 15.57 27.60
CA ARG A 524 21.41 16.74 28.49
C ARG A 524 21.92 16.38 29.88
N HIS A 525 21.67 15.16 30.33
CA HIS A 525 22.15 14.66 31.65
C HIS A 525 23.66 14.54 31.58
N LEU A 526 24.17 13.88 30.55
CA LEU A 526 25.62 13.81 30.35
C LEU A 526 26.23 15.22 30.32
N GLU A 527 25.59 16.13 29.58
CA GLU A 527 26.12 17.47 29.40
C GLU A 527 26.30 18.19 30.73
N GLU A 528 25.26 18.16 31.58
CA GLU A 528 25.34 18.90 32.83
C GLU A 528 26.43 18.31 33.75
N ASN A 529 26.57 16.99 33.75
CA ASN A 529 27.58 16.37 34.61
C ASN A 529 29.00 16.64 34.11
N LEU A 530 29.22 16.54 32.80
CA LEU A 530 30.56 16.77 32.29
C LEU A 530 30.94 18.25 32.42
N LYS A 531 29.97 19.15 32.23
CA LYS A 531 30.27 20.57 32.44
C LYS A 531 30.68 20.83 33.88
N SER A 532 30.00 20.21 34.85
CA SER A 532 30.35 20.41 36.26
C SER A 532 31.77 19.94 36.53
N THR A 533 32.17 18.82 35.93
CA THR A 533 33.52 18.32 36.12
C THR A 533 34.57 19.25 35.51
N VAL A 534 34.31 19.76 34.31
CA VAL A 534 35.25 20.70 33.67
C VAL A 534 35.44 21.93 34.55
N LYS A 535 34.33 22.51 35.02
CA LYS A 535 34.39 23.66 35.91
C LYS A 535 35.25 23.37 37.13
N ASN A 536 35.04 22.23 37.77
CA ASN A 536 35.78 21.92 38.99
C ASN A 536 37.26 21.74 38.70
N THR A 537 37.59 21.12 37.56
CA THR A 537 38.99 20.93 37.22
C THR A 537 39.65 22.24 36.87
N VAL A 538 38.98 23.07 36.06
CA VAL A 538 39.57 24.36 35.74
C VAL A 538 39.78 25.17 37.00
N SER A 539 38.82 25.09 37.94
CA SER A 539 38.95 25.85 39.16
C SER A 539 40.13 25.37 40.01
N SER A 540 40.30 24.06 40.13
CA SER A 540 41.41 23.56 40.96
C SER A 540 42.76 23.90 40.32
N VAL A 541 42.89 23.75 39.00
CA VAL A 541 44.14 24.10 38.33
C VAL A 541 44.41 25.60 38.48
N ALA A 542 43.40 26.42 38.21
CA ALA A 542 43.54 27.87 38.32
C ALA A 542 44.02 28.28 39.70
N LYS A 543 43.40 27.73 40.75
CA LYS A 543 43.90 27.99 42.10
C LYS A 543 45.38 27.64 42.19
N ARG A 544 45.72 26.38 41.93
CA ARG A 544 47.07 25.89 42.16
C ARG A 544 48.12 26.67 41.34
N VAL A 545 47.81 27.03 40.10
CA VAL A 545 48.80 27.61 39.21
C VAL A 545 48.80 29.13 39.29
N LEU A 546 47.64 29.76 39.39
CA LEU A 546 47.57 31.21 39.40
C LEU A 546 47.57 31.81 40.79
N THR A 547 47.58 31.00 41.86
CA THR A 547 47.64 31.55 43.22
C THR A 547 49.09 32.00 43.44
N MET A 548 49.41 33.12 42.80
CA MET A 548 50.69 33.80 42.93
C MET A 548 50.53 35.19 42.33
N GLY A 549 50.59 35.28 41.00
CA GLY A 549 50.35 36.52 40.32
C GLY A 549 50.48 36.30 38.82
N HIS A 555 48.61 37.55 46.20
CA HIS A 555 48.93 36.18 45.85
C HIS A 555 47.83 35.30 45.17
N PRO A 556 46.56 35.77 45.03
CA PRO A 556 45.58 34.93 44.32
C PRO A 556 44.87 35.62 43.15
N SER A 557 45.05 35.11 41.93
CA SER A 557 44.44 35.72 40.75
C SER A 557 42.95 35.35 40.71
N ARG A 558 42.11 36.24 41.25
CA ARG A 558 40.72 35.88 41.53
C ARG A 558 39.77 36.28 40.41
N PHE A 559 39.90 37.49 39.86
CA PHE A 559 39.11 37.83 38.69
C PHE A 559 39.42 36.89 37.54
N CYS A 560 40.67 36.38 37.50
CA CYS A 560 41.07 35.41 36.50
C CYS A 560 40.30 34.11 36.64
N GLU A 561 40.28 33.54 37.85
CA GLU A 561 39.57 32.28 38.04
C GLU A 561 38.10 32.40 37.66
N LYS A 562 37.44 33.48 38.08
CA LYS A 562 36.01 33.58 37.79
C LYS A 562 35.74 33.73 36.29
N ASP A 563 36.62 34.43 35.57
CA ASP A 563 36.47 34.55 34.13
C ASP A 563 36.72 33.22 33.42
N LEU A 564 37.70 32.46 33.90
CA LEU A 564 37.92 31.14 33.31
C LEU A 564 36.70 30.25 33.53
N LEU A 565 36.07 30.35 34.70
CA LEU A 565 34.86 29.59 34.95
C LEU A 565 33.72 30.05 34.04
N ARG A 566 33.67 31.35 33.73
CA ARG A 566 32.64 31.84 32.82
C ARG A 566 32.83 31.28 31.40
N VAL A 567 34.08 31.03 30.98
CA VAL A 567 34.30 30.37 29.68
C VAL A 567 33.64 29.01 29.68
N VAL A 568 33.85 28.23 30.74
CA VAL A 568 33.26 26.90 30.82
C VAL A 568 31.74 26.98 30.84
N ASP A 569 31.18 27.94 31.59
CA ASP A 569 29.73 28.09 31.62
C ASP A 569 29.17 28.40 30.24
N ARG A 570 29.92 29.17 29.45
CA ARG A 570 29.41 29.70 28.19
C ARG A 570 29.54 28.71 27.04
N GLU A 571 30.55 27.84 27.07
CA GLU A 571 30.91 27.02 25.92
C GLU A 571 30.08 25.73 25.89
N TYR A 572 29.72 25.31 24.67
CA TYR A 572 29.00 24.04 24.49
C TYR A 572 29.93 22.86 24.77
N ILE A 573 29.58 22.08 25.80
CA ILE A 573 30.39 20.93 26.21
C ILE A 573 30.67 20.01 25.03
N PHE A 574 29.66 19.78 24.18
CA PHE A 574 29.83 18.80 23.13
C PHE A 574 30.63 19.32 21.94
N ALA A 575 31.03 20.58 21.98
CA ALA A 575 31.99 21.10 21.02
C ALA A 575 33.44 20.75 21.34
N TYR A 576 33.72 20.16 22.51
CA TYR A 576 35.13 19.89 22.82
C TYR A 576 35.37 18.66 23.69
N ILE A 577 34.33 18.13 24.36
CA ILE A 577 34.55 17.15 25.42
C ILE A 577 35.09 15.81 24.93
N ASP A 578 35.05 15.53 23.63
CA ASP A 578 35.69 14.32 23.14
C ASP A 578 37.21 14.42 23.12
N ASP A 579 37.76 15.63 23.18
CA ASP A 579 39.21 15.84 23.23
C ASP A 579 39.45 17.17 23.92
N PRO A 580 39.12 17.26 25.21
CA PRO A 580 38.94 18.59 25.84
C PRO A 580 40.18 19.45 25.88
N CYS A 581 41.37 18.85 25.85
CA CYS A 581 42.60 19.65 25.93
C CYS A 581 43.25 19.86 24.57
N SER A 582 42.52 19.62 23.48
CA SER A 582 43.07 19.87 22.15
C SER A 582 43.23 21.37 21.91
N ALA A 583 44.36 21.74 21.31
CA ALA A 583 44.63 23.16 21.06
C ALA A 583 43.72 23.76 20.01
N THR A 584 43.11 22.93 19.16
CA THR A 584 42.21 23.41 18.12
C THR A 584 40.74 23.34 18.51
N TYR A 585 40.42 22.94 19.74
CA TYR A 585 39.05 22.96 20.22
C TYR A 585 38.79 24.22 21.03
N PRO A 586 37.53 24.59 21.21
CA PRO A 586 37.24 25.90 21.82
C PRO A 586 37.59 26.04 23.30
N LEU A 587 37.63 24.97 24.11
CA LEU A 587 37.89 25.15 25.53
C LEU A 587 39.28 25.73 25.75
N MET A 588 40.31 25.05 25.24
CA MET A 588 41.67 25.56 25.45
C MET A 588 41.87 26.90 24.77
N GLN A 589 41.23 27.13 23.62
CA GLN A 589 41.41 28.39 22.92
C GLN A 589 40.83 29.54 23.71
N LYS A 590 39.61 29.37 24.24
CA LYS A 590 38.98 30.46 24.98
C LYS A 590 39.58 30.62 26.37
N LEU A 591 40.04 29.54 27.00
CA LEU A 591 40.74 29.70 28.28
C LEU A 591 41.99 30.54 28.09
N ARG A 592 42.77 30.24 27.05
CA ARG A 592 43.98 31.03 26.79
C ARG A 592 43.63 32.47 26.46
N GLN A 593 42.60 32.66 25.63
CA GLN A 593 42.18 34.02 25.32
C GLN A 593 41.85 34.81 26.59
N THR A 594 41.26 34.13 27.59
CA THR A 594 40.91 34.81 28.84
C THR A 594 42.14 35.21 29.62
N LEU A 595 43.11 34.30 29.75
CA LEU A 595 44.38 34.64 30.40
C LEU A 595 45.11 35.77 29.69
N VAL A 596 45.06 35.78 28.35
CA VAL A 596 45.70 36.85 27.59
C VAL A 596 44.99 38.18 27.85
N GLU A 597 43.65 38.14 27.87
CA GLU A 597 42.90 39.36 28.13
C GLU A 597 43.23 39.93 29.51
N HIS A 598 43.31 39.06 30.53
CA HIS A 598 43.69 39.55 31.84
C HIS A 598 45.13 40.04 31.88
N ALA A 599 46.04 39.41 31.12
CA ALA A 599 47.42 39.88 31.12
C ALA A 599 47.52 41.27 30.51
N LEU A 600 46.78 41.53 29.43
CA LEU A 600 46.79 42.85 28.81
C LEU A 600 46.18 43.92 29.69
N LYS A 601 45.30 43.55 30.62
CA LYS A 601 44.76 44.50 31.59
C LYS A 601 45.57 44.55 32.89
N ASN A 602 46.63 43.77 33.00
CA ASN A 602 47.36 43.65 34.25
C ASN A 602 48.33 44.79 34.49
N GLY A 603 48.51 45.67 33.49
CA GLY A 603 49.22 46.91 33.73
C GLY A 603 50.67 46.67 34.09
N ASP A 604 51.12 47.37 35.14
CA ASP A 604 52.53 47.38 35.49
C ASP A 604 52.99 46.04 36.07
N ASN A 605 52.09 45.33 36.76
CA ASN A 605 52.44 44.02 37.31
C ASN A 605 52.78 43.02 36.22
N GLU A 606 52.30 43.23 34.99
CA GLU A 606 52.61 42.28 33.92
C GLU A 606 54.07 42.36 33.51
N ARG A 607 54.75 43.47 33.81
CA ARG A 607 56.14 43.67 33.45
C ARG A 607 57.12 43.10 34.47
N ASN A 608 56.63 42.40 35.49
CA ASN A 608 57.48 41.70 36.46
C ASN A 608 57.17 40.23 36.34
N LEU A 609 58.20 39.42 36.09
CA LEU A 609 57.98 38.01 35.79
C LEU A 609 57.26 37.28 36.93
N SER A 610 57.42 37.74 38.16
CA SER A 610 56.79 37.10 39.31
C SER A 610 55.28 37.29 39.34
N THR A 611 54.80 38.41 38.81
CA THR A 611 53.37 38.71 38.80
C THR A 611 52.78 38.72 37.39
N SER A 612 53.50 38.14 36.42
CA SER A 612 53.02 38.13 35.05
C SER A 612 51.96 37.04 34.89
N ILE A 613 50.79 37.41 34.37
CA ILE A 613 49.80 36.40 34.03
C ILE A 613 50.20 35.67 32.76
N PHE A 614 50.80 36.39 31.79
CA PHE A 614 51.22 35.74 30.56
C PHE A 614 52.22 34.63 30.82
N GLN A 615 53.15 34.84 31.75
CA GLN A 615 54.12 33.81 32.08
C GLN A 615 53.51 32.60 32.79
N LYS A 616 52.23 32.64 33.13
CA LYS A 616 51.55 31.51 33.75
C LYS A 616 50.82 30.63 32.74
N ILE A 617 50.64 31.10 31.50
CA ILE A 617 49.79 30.38 30.54
C ILE A 617 50.31 28.98 30.28
N ALA A 618 51.60 28.87 29.93
CA ALA A 618 52.15 27.56 29.59
C ALA A 618 52.02 26.60 30.77
N THR A 619 52.23 27.10 31.99
CA THR A 619 52.08 26.29 33.18
C THR A 619 50.63 25.89 33.40
N PHE A 620 49.71 26.84 33.26
CA PHE A 620 48.29 26.52 33.39
C PHE A 620 47.87 25.44 32.39
N GLU A 621 48.31 25.58 31.14
CA GLU A 621 47.87 24.65 30.11
C GLU A 621 48.44 23.25 30.34
N ASP A 622 49.68 23.17 30.85
CA ASP A 622 50.29 21.86 31.13
C ASP A 622 49.57 21.15 32.27
N GLU A 623 49.25 21.87 33.35
CA GLU A 623 48.55 21.25 34.48
C GLU A 623 47.16 20.79 34.08
N LEU A 624 46.47 21.58 33.26
CA LEU A 624 45.13 21.20 32.83
C LEU A 624 45.17 19.98 31.91
N LYS A 625 46.15 19.94 30.99
CA LYS A 625 46.28 18.77 30.12
C LYS A 625 46.59 17.51 30.91
N ALA A 626 47.31 17.64 32.02
CA ALA A 626 47.65 16.47 32.80
C ALA A 626 46.47 15.94 33.60
N LEU A 627 45.45 16.75 33.82
CA LEU A 627 44.43 16.40 34.81
C LEU A 627 43.03 16.30 34.23
N LEU A 628 42.64 17.22 33.36
CA LEU A 628 41.26 17.22 32.86
C LEU A 628 40.84 15.95 32.15
N PRO A 629 41.67 15.32 31.30
CA PRO A 629 41.20 14.09 30.64
C PRO A 629 40.73 13.00 31.59
N LYS A 630 41.57 12.61 32.57
CA LYS A 630 41.15 11.54 33.48
C LYS A 630 39.97 11.95 34.35
N GLU A 631 39.87 13.23 34.70
CA GLU A 631 38.72 13.68 35.50
C GLU A 631 37.43 13.55 34.72
N VAL A 632 37.44 13.96 33.44
CA VAL A 632 36.26 13.80 32.60
C VAL A 632 35.90 12.32 32.46
N GLU A 633 36.91 11.46 32.29
CA GLU A 633 36.63 10.03 32.16
C GLU A 633 36.02 9.45 33.44
N SER A 634 36.57 9.80 34.61
CA SER A 634 36.01 9.29 35.86
C SER A 634 34.56 9.72 36.03
N ALA A 635 34.26 10.98 35.67
CA ALA A 635 32.90 11.47 35.80
C ALA A 635 31.95 10.70 34.89
N ARG A 636 32.37 10.47 33.64
CA ARG A 636 31.52 9.75 32.71
CA ARG A 636 31.54 9.75 32.70
C ARG A 636 31.33 8.31 33.15
N ALA A 637 32.39 7.68 33.64
CA ALA A 637 32.25 6.31 34.14
C ALA A 637 31.28 6.27 35.32
N ALA A 638 31.36 7.25 36.22
CA ALA A 638 30.47 7.28 37.36
C ALA A 638 29.02 7.43 36.92
N LEU A 639 28.78 8.34 35.96
CA LEU A 639 27.44 8.50 35.40
C LEU A 639 26.96 7.22 34.75
N GLU A 640 27.84 6.56 33.99
CA GLU A 640 27.45 5.31 33.35
C GLU A 640 27.13 4.21 34.36
N SER A 641 27.65 4.31 35.58
CA SER A 641 27.39 3.30 36.60
CA SER A 641 27.40 3.31 36.61
C SER A 641 26.18 3.63 37.45
N GLY A 642 25.41 4.66 37.09
CA GLY A 642 24.25 5.04 37.85
C GLY A 642 24.52 5.96 39.02
N ASN A 643 25.73 6.50 39.16
CA ASN A 643 26.08 7.39 40.26
C ASN A 643 26.59 8.74 39.74
N PRO A 644 25.75 9.51 39.05
CA PRO A 644 26.20 10.81 38.57
C PRO A 644 26.25 11.81 39.70
N ALA A 645 27.11 12.82 39.55
CA ALA A 645 27.16 13.89 40.55
C ALA A 645 25.85 14.67 40.58
N ILE A 646 25.21 14.84 39.44
CA ILE A 646 23.97 15.59 39.31
C ILE A 646 22.91 14.64 38.76
N PRO A 647 21.79 14.45 39.43
CA PRO A 647 20.76 13.54 38.92
C PRO A 647 20.17 14.02 37.61
N ASN A 648 19.58 13.07 36.88
CA ASN A 648 18.91 13.37 35.63
C ASN A 648 17.63 14.16 35.90
N ARG A 649 17.55 15.37 35.34
CA ARG A 649 16.45 16.28 35.67
C ARG A 649 15.11 15.76 35.16
N ILE A 650 15.12 14.85 34.19
CA ILE A 650 13.86 14.30 33.69
C ILE A 650 13.04 13.69 34.82
N GLU A 651 13.71 13.23 35.89
CA GLU A 651 13.00 12.61 37.00
C GLU A 651 12.02 13.56 37.67
N GLU A 652 12.23 14.87 37.52
CA GLU A 652 11.37 15.89 38.10
C GLU A 652 10.48 16.59 37.06
N CYS A 653 10.32 16.01 35.88
CA CYS A 653 9.48 16.62 34.85
C CYS A 653 8.14 15.90 34.77
N ARG A 654 7.11 16.63 34.35
CA ARG A 654 5.82 15.99 34.07
C ARG A 654 5.92 15.03 32.91
N SER A 655 6.91 15.18 32.03
CA SER A 655 7.06 14.27 30.91
C SER A 655 7.79 12.99 31.28
N TYR A 656 8.19 12.84 32.55
CA TYR A 656 8.92 11.65 32.99
C TYR A 656 8.21 10.34 32.67
N PRO A 657 6.87 10.20 32.78
CA PRO A 657 6.27 8.88 32.52
C PRO A 657 6.61 8.31 31.15
N LEU A 658 6.74 9.16 30.12
CA LEU A 658 7.08 8.64 28.80
C LEU A 658 8.52 8.18 28.74
N TYR A 659 9.44 8.98 29.29
CA TYR A 659 10.84 8.58 29.33
C TYR A 659 11.01 7.31 30.16
N LYS A 660 10.36 7.27 31.34
CA LYS A 660 10.48 6.11 32.21
C LYS A 660 9.96 4.85 31.53
N PHE A 661 8.86 4.97 30.80
CA PHE A 661 8.31 3.79 30.12
C PHE A 661 9.25 3.31 29.03
N VAL A 662 9.76 4.24 28.21
CA VAL A 662 10.67 3.85 27.13
C VAL A 662 11.95 3.26 27.71
N ARG A 663 12.49 3.89 28.75
CA ARG A 663 13.83 3.55 29.24
C ARG A 663 13.79 2.38 30.22
N LYS A 664 12.89 2.41 31.20
CA LYS A 664 12.90 1.40 32.24
C LYS A 664 11.94 0.25 31.95
N GLU A 665 10.70 0.55 31.60
CA GLU A 665 9.74 -0.53 31.34
C GLU A 665 10.11 -1.32 30.07
N LEU A 666 10.42 -0.62 28.98
CA LEU A 666 10.73 -1.31 27.73
C LEU A 666 12.18 -1.73 27.61
N GLY A 667 13.07 -1.20 28.44
CA GLY A 667 14.47 -1.56 28.31
C GLY A 667 15.14 -0.98 27.08
N THR A 668 14.57 0.08 26.51
CA THR A 668 15.26 0.82 25.45
C THR A 668 16.52 1.45 26.01
N GLU A 669 17.62 1.33 25.30
CA GLU A 669 18.89 1.75 25.86
C GLU A 669 19.46 2.94 25.11
N TYR A 670 20.20 3.75 25.86
CA TYR A 670 21.03 4.81 25.29
C TYR A 670 21.92 4.28 24.19
N LEU A 671 21.86 4.91 23.02
CA LEU A 671 22.57 4.44 21.84
C LEU A 671 23.98 5.01 21.77
N THR A 672 24.96 4.16 21.50
CA THR A 672 26.35 4.60 21.49
C THR A 672 27.17 3.74 20.54
N GLY A 673 28.06 4.39 19.79
CA GLY A 673 28.98 3.69 18.91
C GLY A 673 29.95 2.77 19.63
N GLU A 674 30.06 2.89 20.95
CA GLU A 674 30.94 2.05 21.75
C GLU A 674 30.34 0.67 22.03
N LYS A 675 29.08 0.45 21.68
CA LYS A 675 28.41 -0.85 21.81
C LYS A 675 27.90 -1.25 20.43
N VAL A 676 27.47 -2.52 20.30
CA VAL A 676 27.07 -3.03 18.99
C VAL A 676 25.60 -2.77 18.66
N THR A 677 24.80 -2.30 19.62
CA THR A 677 23.36 -2.19 19.39
C THR A 677 23.04 -1.08 18.40
N SER A 678 22.16 -1.39 17.42
CA SER A 678 21.71 -0.48 16.38
C SER A 678 20.48 0.29 16.81
N PRO A 679 20.26 1.46 16.22
CA PRO A 679 19.04 2.20 16.56
C PRO A 679 17.77 1.41 16.27
N GLY A 680 17.75 0.61 15.22
CA GLY A 680 16.55 -0.14 14.88
C GLY A 680 16.15 -1.11 15.97
N GLU A 681 17.13 -1.73 16.65
CA GLU A 681 16.83 -2.66 17.73
C GLU A 681 16.06 -1.97 18.85
N GLU A 682 16.41 -0.73 19.15
CA GLU A 682 15.68 0.04 20.15
C GLU A 682 14.34 0.52 19.60
N PHE A 683 14.29 0.93 18.32
CA PHE A 683 13.00 1.31 17.74
C PHE A 683 11.99 0.17 17.81
N GLU A 684 12.45 -1.07 17.62
CA GLU A 684 11.54 -2.21 17.64
C GLU A 684 10.76 -2.26 18.93
N LYS A 685 11.46 -2.09 20.07
CA LYS A 685 10.82 -2.17 21.37
C LYS A 685 9.68 -1.18 21.50
N VAL A 686 9.91 0.06 21.05
CA VAL A 686 8.89 1.10 21.18
C VAL A 686 7.77 0.89 20.18
N PHE A 687 8.11 0.53 18.93
CA PHE A 687 7.08 0.33 17.91
C PHE A 687 6.14 -0.80 18.29
N ILE A 688 6.68 -1.91 18.80
CA ILE A 688 5.82 -3.03 19.17
C ILE A 688 4.94 -2.64 20.35
N ALA A 689 5.52 -1.98 21.35
CA ALA A 689 4.71 -1.49 22.48
C ALA A 689 3.66 -0.50 21.99
N MET A 690 4.04 0.43 21.12
CA MET A 690 3.07 1.38 20.59
C MET A 690 1.91 0.66 19.92
N SER A 691 2.20 -0.33 19.09
CA SER A 691 1.15 -1.05 18.38
C SER A 691 0.28 -1.88 19.32
N LYS A 692 0.75 -2.19 20.53
CA LYS A 692 -0.08 -2.88 21.50
C LYS A 692 -0.81 -1.92 22.42
N GLY A 693 -0.74 -0.61 22.16
CA GLY A 693 -1.42 0.36 23.00
C GLY A 693 -0.72 0.66 24.30
N GLU A 694 0.52 0.22 24.49
CA GLU A 694 1.18 0.37 25.78
C GLU A 694 1.67 1.78 26.04
N ILE A 695 1.70 2.63 25.01
CA ILE A 695 2.14 4.02 25.17
C ILE A 695 1.01 4.86 25.75
N ILE A 696 -0.24 4.38 25.69
CA ILE A 696 -1.37 5.20 26.10
C ILE A 696 -1.24 5.62 27.55
N ASP A 697 -0.94 4.67 28.45
CA ASP A 697 -0.91 5.00 29.87
C ASP A 697 0.15 6.05 30.23
N PRO A 698 1.43 5.91 29.84
CA PRO A 698 2.37 6.98 30.18
C PRO A 698 2.06 8.29 29.47
N LEU A 699 1.50 8.24 28.27
CA LEU A 699 1.11 9.47 27.59
C LEU A 699 0.09 10.23 28.42
N LEU A 700 -1.00 9.58 28.81
CA LEU A 700 -2.02 10.26 29.60
C LEU A 700 -1.53 10.60 30.99
N GLU A 701 -0.62 9.80 31.55
CA GLU A 701 -0.07 10.13 32.86
C GLU A 701 0.65 11.47 32.85
N SER A 702 1.28 11.82 31.74
CA SER A 702 2.02 13.06 31.66
C SER A 702 1.12 14.28 31.76
N LEU A 703 -0.18 14.11 31.51
CA LEU A 703 -1.14 15.21 31.53
C LEU A 703 -2.15 15.08 32.67
N GLU A 704 -1.99 14.10 33.56
CA GLU A 704 -3.10 13.72 34.41
C GLU A 704 -3.40 14.76 35.49
N SER A 705 -2.47 15.66 35.79
CA SER A 705 -2.78 16.73 36.72
C SER A 705 -3.21 18.01 36.02
N TRP A 706 -3.36 17.99 34.70
CA TRP A 706 -3.83 19.18 34.00
C TRP A 706 -5.32 19.35 34.27
N ASN A 707 -5.70 20.55 34.72
CA ASN A 707 -7.11 20.82 34.98
C ASN A 707 -7.90 21.17 33.71
N GLY A 708 -7.28 21.11 32.53
CA GLY A 708 -8.01 21.37 31.31
C GLY A 708 -8.08 22.82 30.89
N ALA A 709 -7.45 23.73 31.63
CA ALA A 709 -7.48 25.13 31.28
C ALA A 709 -6.08 25.66 31.05
N PRO A 710 -5.92 26.71 30.25
CA PRO A 710 -4.59 27.33 30.12
C PRO A 710 -4.20 28.05 31.40
N LEU A 711 -2.91 28.31 31.53
CA LEU A 711 -2.45 29.11 32.67
C LEU A 711 -2.96 30.54 32.50
N PRO A 712 -3.32 31.21 33.60
CA PRO A 712 -3.80 32.59 33.50
C PRO A 712 -2.79 33.50 32.82
N ILE A 713 -3.31 34.47 32.08
CA ILE A 713 -2.56 35.61 31.57
C ILE A 713 -2.97 36.90 32.25
N SER A 714 -3.84 36.83 33.26
CA SER A 714 -4.29 37.99 34.01
C SER A 714 -4.28 37.70 35.51
N GLU B 25 31.13 8.87 -33.56
CA GLU B 25 30.26 10.04 -33.57
C GLU B 25 29.10 9.91 -32.59
N ASP B 26 29.35 9.33 -31.41
CA ASP B 26 28.33 9.19 -30.37
C ASP B 26 28.95 9.42 -28.99
N PRO B 27 29.54 10.60 -28.76
CA PRO B 27 30.36 10.79 -27.55
C PRO B 27 29.54 10.90 -26.27
N LEU B 28 28.24 11.12 -26.34
CA LEU B 28 27.38 11.25 -25.17
C LEU B 28 26.45 10.07 -25.00
N TYR B 29 26.55 9.08 -25.90
CA TYR B 29 25.88 7.78 -25.81
C TYR B 29 24.38 7.85 -26.09
N TRP B 30 23.90 8.94 -26.69
CA TRP B 30 22.53 8.97 -27.16
C TRP B 30 22.30 7.93 -28.25
N GLY B 31 23.31 7.71 -29.10
CA GLY B 31 23.13 6.82 -30.24
C GLY B 31 22.95 5.38 -29.80
N ILE B 32 23.78 4.93 -28.86
CA ILE B 32 23.65 3.56 -28.39
C ILE B 32 22.33 3.39 -27.65
N ALA B 33 21.86 4.45 -26.98
CA ALA B 33 20.57 4.39 -26.31
C ALA B 33 19.44 4.28 -27.33
N ALA B 34 19.50 5.07 -28.39
CA ALA B 34 18.48 5.03 -29.44
C ALA B 34 18.46 3.67 -30.13
N GLU B 35 19.64 3.05 -30.31
CA GLU B 35 19.70 1.74 -30.94
C GLU B 35 18.87 0.70 -30.19
N ALA B 36 18.77 0.84 -28.86
CA ALA B 36 18.06 -0.17 -28.09
C ALA B 36 16.55 -0.09 -28.27
N MET B 37 16.03 0.94 -28.92
CA MET B 37 14.59 1.11 -29.11
C MET B 37 14.15 0.76 -30.52
N THR B 38 15.01 0.11 -31.31
CA THR B 38 14.64 -0.37 -32.63
C THR B 38 14.07 -1.77 -32.51
N GLY B 39 13.37 -2.20 -33.53
CA GLY B 39 12.69 -3.46 -33.43
C GLY B 39 11.40 -3.35 -32.61
N SER B 40 10.55 -4.34 -32.79
CA SER B 40 9.21 -4.23 -32.22
C SER B 40 9.23 -4.47 -30.71
N HIS B 41 8.17 -4.01 -30.06
CA HIS B 41 8.01 -4.29 -28.64
C HIS B 41 7.74 -5.78 -28.41
N LEU B 42 6.96 -6.40 -29.30
CA LEU B 42 6.67 -7.82 -29.12
C LEU B 42 7.94 -8.65 -29.15
N ASP B 43 8.85 -8.35 -30.08
CA ASP B 43 10.11 -9.07 -30.17
C ASP B 43 10.97 -8.85 -28.93
N GLU B 44 10.94 -7.63 -28.39
CA GLU B 44 11.57 -7.37 -27.11
C GLU B 44 11.01 -8.27 -26.00
N VAL B 45 9.68 -8.36 -25.94
CA VAL B 45 9.05 -9.21 -24.92
C VAL B 45 9.41 -10.68 -25.15
N LYS B 46 9.41 -11.12 -26.41
CA LYS B 46 9.80 -12.50 -26.69
C LYS B 46 11.22 -12.79 -26.22
N LYS B 47 12.14 -11.84 -26.45
CA LYS B 47 13.51 -11.99 -25.94
C LYS B 47 13.52 -12.02 -24.43
N MET B 48 12.71 -11.17 -23.78
CA MET B 48 12.72 -11.13 -22.32
C MET B 48 12.26 -12.45 -21.74
N VAL B 49 11.24 -13.05 -22.35
CA VAL B 49 10.73 -14.33 -21.86
C VAL B 49 11.78 -15.42 -22.03
N ALA B 50 12.39 -15.47 -23.22
CA ALA B 50 13.46 -16.45 -23.45
C ALA B 50 14.59 -16.29 -22.44
N GLU B 51 14.99 -15.04 -22.14
CA GLU B 51 16.04 -14.80 -21.15
C GLU B 51 15.62 -15.24 -19.77
N TYR B 52 14.38 -14.92 -19.38
CA TYR B 52 13.86 -15.32 -18.08
C TYR B 52 14.06 -16.80 -17.83
N ARG B 53 13.87 -17.62 -18.86
CA ARG B 53 13.83 -19.07 -18.71
C ARG B 53 15.20 -19.75 -18.82
N LYS B 54 16.27 -19.01 -19.06
CA LYS B 54 17.60 -19.63 -19.11
C LYS B 54 17.99 -20.12 -17.71
N PRO B 55 18.78 -21.19 -17.64
CA PRO B 55 19.07 -21.77 -16.32
C PRO B 55 20.16 -21.05 -15.53
N VAL B 56 20.99 -20.22 -16.16
CA VAL B 56 22.10 -19.56 -15.48
C VAL B 56 22.06 -18.07 -15.79
N VAL B 57 22.21 -17.25 -14.76
CA VAL B 57 22.43 -15.81 -14.90
C VAL B 57 23.90 -15.57 -14.60
N LYS B 58 24.69 -15.29 -15.64
CA LYS B 58 26.09 -14.94 -15.49
C LYS B 58 26.24 -13.43 -15.37
N LEU B 59 26.74 -12.98 -14.23
CA LEU B 59 26.96 -11.55 -13.98
C LEU B 59 28.39 -11.17 -14.34
N GLY B 60 28.54 -10.12 -15.14
CA GLY B 60 29.85 -9.60 -15.48
C GLY B 60 29.90 -8.11 -15.28
N GLY B 61 28.83 -7.55 -14.73
CA GLY B 61 28.74 -6.13 -14.44
C GLY B 61 28.14 -5.29 -15.54
N GLU B 62 27.77 -5.88 -16.68
CA GLU B 62 27.42 -5.09 -17.85
C GLU B 62 26.29 -5.66 -18.69
N THR B 63 25.83 -6.89 -18.47
CA THR B 63 24.83 -7.51 -19.33
C THR B 63 23.56 -7.88 -18.59
N LEU B 64 23.32 -7.32 -17.40
CA LEU B 64 22.16 -7.71 -16.61
C LEU B 64 20.88 -7.18 -17.25
N THR B 65 19.89 -8.04 -17.40
CA THR B 65 18.60 -7.64 -17.96
C THR B 65 17.52 -7.73 -16.90
N ILE B 66 16.41 -7.00 -17.12
CA ILE B 66 15.32 -7.08 -16.15
C ILE B 66 14.75 -8.49 -16.11
N SER B 67 14.89 -9.24 -17.21
CA SER B 67 14.42 -10.63 -17.22
C SER B 67 15.24 -11.47 -16.26
N GLN B 68 16.55 -11.26 -16.24
CA GLN B 68 17.40 -11.98 -15.30
C GLN B 68 17.12 -11.59 -13.86
N VAL B 69 16.88 -10.30 -13.59
CA VAL B 69 16.53 -9.92 -12.22
C VAL B 69 15.22 -10.60 -11.82
N ALA B 70 14.25 -10.62 -12.72
CA ALA B 70 12.97 -11.22 -12.39
C ALA B 70 13.13 -12.73 -12.17
N ALA B 71 13.95 -13.38 -12.98
CA ALA B 71 14.19 -14.81 -12.80
C ALA B 71 14.83 -15.12 -11.46
N ILE B 72 15.87 -14.37 -11.09
CA ILE B 72 16.52 -14.58 -9.80
C ILE B 72 15.59 -14.21 -8.66
N SER B 73 14.81 -13.14 -8.82
CA SER B 73 13.95 -12.69 -7.74
C SER B 73 12.93 -13.74 -7.34
N ALA B 74 12.49 -14.58 -8.29
CA ALA B 74 11.52 -15.61 -7.97
C ALA B 74 12.04 -16.55 -6.88
N ARG B 75 11.13 -16.98 -6.01
CA ARG B 75 11.43 -18.00 -5.00
C ARG B 75 10.46 -19.16 -5.20
N ASP B 76 10.51 -19.79 -6.37
CA ASP B 76 9.50 -20.78 -6.75
C ASP B 76 10.14 -22.04 -7.33
N GLY B 77 11.38 -22.33 -6.96
CA GLY B 77 12.01 -23.58 -7.34
C GLY B 77 12.25 -23.74 -8.83
N SER B 78 12.54 -22.65 -9.54
CA SER B 78 12.86 -22.78 -10.96
C SER B 78 14.25 -23.36 -11.17
N GLY B 79 15.13 -23.27 -10.17
CA GLY B 79 16.47 -23.80 -10.27
C GLY B 79 17.48 -22.85 -10.86
N VAL B 80 17.07 -21.62 -11.18
CA VAL B 80 18.00 -20.69 -11.83
C VAL B 80 19.15 -20.39 -10.88
N THR B 81 20.35 -20.31 -11.44
CA THR B 81 21.54 -20.14 -10.63
C THR B 81 22.31 -18.92 -11.11
N VAL B 82 22.98 -18.26 -10.16
CA VAL B 82 23.81 -17.10 -10.44
C VAL B 82 25.26 -17.55 -10.48
N GLU B 83 26.00 -17.12 -11.50
CA GLU B 83 27.44 -17.32 -11.52
C GLU B 83 28.13 -16.00 -11.84
N LEU B 84 29.32 -15.82 -11.28
CA LEU B 84 30.07 -14.59 -11.38
C LEU B 84 31.16 -14.75 -12.44
N SER B 85 31.28 -13.75 -13.31
CA SER B 85 32.30 -13.76 -14.36
C SER B 85 33.70 -13.66 -13.77
N GLU B 86 34.55 -14.64 -14.06
CA GLU B 86 35.94 -14.56 -13.63
C GLU B 86 36.68 -13.41 -14.30
N ALA B 87 36.19 -12.90 -15.44
CA ALA B 87 36.81 -11.76 -16.09
C ALA B 87 36.75 -10.48 -15.26
N ALA B 88 35.89 -10.42 -14.24
CA ALA B 88 35.79 -9.25 -13.39
C ALA B 88 36.75 -9.29 -12.21
N ARG B 89 37.34 -10.45 -11.93
CA ARG B 89 38.10 -10.64 -10.71
C ARG B 89 39.28 -9.70 -10.63
N ALA B 90 39.99 -9.50 -11.75
CA ALA B 90 41.20 -8.68 -11.72
C ALA B 90 40.87 -7.23 -11.36
N GLY B 91 39.81 -6.68 -11.94
CA GLY B 91 39.45 -5.29 -11.64
C GLY B 91 38.96 -5.11 -10.22
N VAL B 92 38.22 -6.08 -9.71
CA VAL B 92 37.77 -6.02 -8.32
C VAL B 92 38.97 -6.05 -7.37
N LYS B 93 39.95 -6.92 -7.65
CA LYS B 93 41.13 -7.01 -6.78
C LYS B 93 41.95 -5.72 -6.83
N ALA B 94 42.07 -5.12 -8.02
CA ALA B 94 42.90 -3.93 -8.17
C ALA B 94 42.37 -2.78 -7.32
N SER B 95 41.06 -2.51 -7.36
CA SER B 95 40.53 -1.41 -6.55
C SER B 95 40.52 -1.77 -5.07
N SER B 96 40.25 -3.03 -4.73
CA SER B 96 40.37 -3.47 -3.34
C SER B 96 41.79 -3.24 -2.82
N ASP B 97 42.79 -3.70 -3.57
CA ASP B 97 44.19 -3.50 -3.16
C ASP B 97 44.55 -2.03 -3.09
N TRP B 98 44.05 -1.24 -4.04
CA TRP B 98 44.33 0.19 -4.02
C TRP B 98 43.88 0.84 -2.72
N VAL B 99 42.67 0.49 -2.24
CA VAL B 99 42.18 1.10 -1.00
C VAL B 99 43.04 0.68 0.18
N MET B 100 43.39 -0.61 0.26
CA MET B 100 44.21 -1.07 1.37
C MET B 100 45.58 -0.42 1.35
N ASP B 101 46.17 -0.27 0.16
CA ASP B 101 47.47 0.40 0.07
C ASP B 101 47.35 1.87 0.43
N SER B 102 46.25 2.51 0.05
CA SER B 102 46.03 3.91 0.39
C SER B 102 45.93 4.09 1.90
N MET B 103 45.31 3.12 2.59
CA MET B 103 45.21 3.17 4.04
C MET B 103 46.58 3.13 4.69
N ASN B 104 47.43 2.19 4.27
CA ASN B 104 48.74 2.00 4.88
C ASN B 104 49.72 3.13 4.58
N LYS B 105 49.37 4.05 3.68
CA LYS B 105 50.22 5.20 3.39
C LYS B 105 49.88 6.42 4.22
N GLY B 106 48.74 6.42 4.91
CA GLY B 106 48.28 7.58 5.64
C GLY B 106 47.38 8.51 4.88
N THR B 107 46.83 8.07 3.74
CA THR B 107 46.03 8.95 2.90
C THR B 107 44.66 9.20 3.52
N ASP B 108 44.20 10.44 3.43
CA ASP B 108 42.90 10.85 3.95
C ASP B 108 41.87 10.70 2.83
N SER B 109 40.92 9.78 3.00
CA SER B 109 39.95 9.45 1.97
C SER B 109 38.54 9.39 2.56
N TYR B 110 37.57 9.93 1.83
CA TYR B 110 36.19 9.94 2.32
C TYR B 110 35.64 8.51 2.44
N GLY B 111 34.89 8.27 3.51
CA GLY B 111 34.33 6.96 3.76
C GLY B 111 35.34 5.91 4.13
N VAL B 112 36.62 6.26 4.20
CA VAL B 112 37.69 5.35 4.57
C VAL B 112 38.35 5.79 5.88
N THR B 113 38.65 7.08 6.00
CA THR B 113 39.15 7.65 7.24
C THR B 113 38.30 8.81 7.75
N THR B 114 37.20 9.17 7.09
CA THR B 114 36.39 10.31 7.46
C THR B 114 34.95 9.89 7.74
N GLY B 115 34.22 10.82 8.35
CA GLY B 115 32.80 10.64 8.64
C GLY B 115 31.95 10.46 7.40
N PHE B 116 30.63 10.47 7.56
CA PHE B 116 29.73 10.20 6.45
C PHE B 116 28.74 11.35 6.29
N GLY B 117 28.44 11.67 5.03
CA GLY B 117 27.37 12.63 4.75
C GLY B 117 27.70 14.01 5.27
N ALA B 118 26.74 14.60 5.99
CA ALA B 118 26.94 15.93 6.57
C ALA B 118 28.02 15.95 7.65
N THR B 119 28.36 14.80 8.23
CA THR B 119 29.32 14.72 9.32
C THR B 119 30.70 14.26 8.84
N SER B 120 31.04 14.53 7.59
CA SER B 120 32.30 14.07 7.01
C SER B 120 33.53 14.82 7.53
N HIS B 121 33.35 15.82 8.40
CA HIS B 121 34.51 16.51 8.96
C HIS B 121 35.23 15.67 10.01
N ARG B 122 34.56 14.67 10.60
CA ARG B 122 35.22 13.81 11.57
C ARG B 122 36.28 12.94 10.89
N ARG B 123 37.40 12.72 11.57
CA ARG B 123 38.53 11.94 11.05
C ARG B 123 38.82 10.77 11.99
N THR B 124 39.32 9.68 11.41
CA THR B 124 39.72 8.51 12.19
C THR B 124 40.70 7.67 11.39
N LYS B 125 41.55 6.94 12.12
CA LYS B 125 42.49 6.00 11.52
C LYS B 125 42.09 4.55 11.75
N GLN B 126 41.02 4.30 12.50
CA GLN B 126 40.50 2.95 12.72
C GLN B 126 39.54 2.61 11.58
N GLY B 127 40.12 2.24 10.43
CA GLY B 127 39.32 1.98 9.25
C GLY B 127 38.32 0.86 9.44
N GLY B 128 38.72 -0.22 10.10
CA GLY B 128 37.80 -1.32 10.36
C GLY B 128 36.64 -0.88 11.24
N ALA B 129 36.93 -0.22 12.36
CA ALA B 129 35.85 0.23 13.25
C ALA B 129 34.92 1.20 12.54
N LEU B 130 35.44 1.98 11.58
CA LEU B 130 34.57 2.90 10.87
C LEU B 130 33.51 2.17 10.05
N GLN B 131 33.90 1.09 9.35
CA GLN B 131 32.91 0.35 8.58
C GLN B 131 31.95 -0.42 9.47
N LYS B 132 32.43 -0.93 10.61
CA LYS B 132 31.55 -1.54 11.60
C LYS B 132 30.52 -0.53 12.09
N GLU B 133 30.96 0.70 12.37
CA GLU B 133 30.04 1.72 12.83
C GLU B 133 29.02 2.09 11.77
N LEU B 134 29.46 2.20 10.51
CA LEU B 134 28.56 2.50 9.39
C LEU B 134 27.37 1.56 9.35
N ILE B 135 27.64 0.25 9.41
CA ILE B 135 26.55 -0.72 9.30
C ILE B 135 25.68 -0.64 10.56
N ARG B 136 26.26 -0.34 11.72
CA ARG B 136 25.49 -0.27 12.94
C ARG B 136 24.46 0.86 12.87
N PHE B 137 24.89 2.08 12.51
CA PHE B 137 23.95 3.19 12.57
C PHE B 137 23.00 3.20 11.38
N LEU B 138 23.35 2.55 10.28
CA LEU B 138 22.39 2.43 9.19
C LEU B 138 21.33 1.36 9.46
N ASN B 139 21.56 0.45 10.41
CA ASN B 139 20.51 -0.48 10.85
C ASN B 139 19.47 0.30 11.64
N ALA B 140 18.73 1.20 10.98
CA ALA B 140 17.79 2.09 11.65
C ALA B 140 16.36 1.82 11.22
N GLY B 141 16.11 0.65 10.58
CA GLY B 141 14.77 0.29 10.14
C GLY B 141 13.94 -0.36 11.24
N ILE B 142 12.64 -0.48 10.96
CA ILE B 142 11.68 -1.03 11.92
C ILE B 142 10.94 -2.15 11.23
N PHE B 143 10.95 -3.34 11.84
CA PHE B 143 10.21 -4.49 11.33
C PHE B 143 8.90 -4.72 12.07
N GLY B 144 8.86 -4.47 13.38
CA GLY B 144 7.70 -4.87 14.20
C GLY B 144 7.52 -6.39 14.10
N ASN B 145 6.33 -6.83 14.48
CA ASN B 145 5.96 -8.23 14.35
C ASN B 145 5.25 -8.50 13.01
N GLY B 146 5.34 -9.73 12.55
CA GLY B 146 4.74 -10.05 11.27
C GLY B 146 5.57 -9.49 10.12
N SER B 147 4.93 -9.39 8.96
CA SER B 147 5.64 -9.09 7.72
C SER B 147 5.28 -7.76 7.07
N ASP B 148 4.33 -6.99 7.64
CA ASP B 148 3.84 -5.78 6.96
C ASP B 148 4.90 -4.70 6.79
N ASN B 149 5.95 -4.70 7.61
CA ASN B 149 7.01 -3.71 7.47
C ASN B 149 8.32 -4.32 6.98
N THR B 150 8.24 -5.48 6.32
CA THR B 150 9.41 -6.17 5.80
C THR B 150 9.39 -6.17 4.27
N LEU B 151 10.55 -5.89 3.68
CA LEU B 151 10.72 -5.99 2.24
C LEU B 151 10.41 -7.42 1.78
N PRO B 152 9.57 -7.61 0.77
CA PRO B 152 9.31 -8.97 0.28
C PRO B 152 10.61 -9.68 -0.06
N HIS B 153 10.65 -10.99 0.14
CA HIS B 153 11.91 -11.69 -0.05
C HIS B 153 12.34 -11.72 -1.50
N SER B 154 11.40 -11.72 -2.45
CA SER B 154 11.80 -11.67 -3.85
CA SER B 154 11.77 -11.65 -3.87
C SER B 154 12.49 -10.35 -4.18
N ALA B 155 12.02 -9.23 -3.60
CA ALA B 155 12.67 -7.94 -3.82
C ALA B 155 14.05 -7.89 -3.18
N THR B 156 14.21 -8.56 -2.04
CA THR B 156 15.53 -8.60 -1.43
C THR B 156 16.51 -9.36 -2.31
N ARG B 157 16.04 -10.46 -2.91
CA ARG B 157 16.90 -11.20 -3.84
C ARG B 157 17.25 -10.35 -5.05
N ALA B 158 16.28 -9.62 -5.60
CA ALA B 158 16.57 -8.74 -6.73
C ALA B 158 17.65 -7.75 -6.35
N ALA B 159 17.56 -7.17 -5.15
CA ALA B 159 18.53 -6.17 -4.71
C ALA B 159 19.92 -6.78 -4.54
N MET B 160 20.01 -8.00 -4.02
CA MET B 160 21.31 -8.65 -3.86
C MET B 160 21.97 -8.87 -5.22
N LEU B 161 21.20 -9.36 -6.20
CA LEU B 161 21.74 -9.57 -7.54
C LEU B 161 22.25 -8.26 -8.13
N VAL B 162 21.45 -7.20 -8.03
CA VAL B 162 21.84 -5.95 -8.64
C VAL B 162 23.05 -5.35 -7.92
N ARG B 163 23.12 -5.50 -6.59
CA ARG B 163 24.29 -4.98 -5.89
C ARG B 163 25.56 -5.70 -6.32
N ILE B 164 25.51 -7.02 -6.43
CA ILE B 164 26.66 -7.76 -6.96
C ILE B 164 27.07 -7.19 -8.31
N ASN B 165 26.09 -6.98 -9.19
CA ASN B 165 26.40 -6.58 -10.55
C ASN B 165 27.11 -5.23 -10.58
N THR B 166 26.72 -4.32 -9.69
CA THR B 166 27.40 -3.03 -9.60
C THR B 166 28.83 -3.17 -9.14
N LEU B 167 29.05 -4.00 -8.13
CA LEU B 167 30.37 -4.13 -7.54
C LEU B 167 31.35 -4.88 -8.45
N LEU B 168 30.86 -5.68 -9.41
CA LEU B 168 31.76 -6.42 -10.28
C LEU B 168 32.53 -5.54 -11.25
N GLN B 169 32.11 -4.28 -11.45
CA GLN B 169 32.79 -3.49 -12.47
C GLN B 169 34.20 -3.09 -12.05
N GLY B 170 34.54 -3.24 -10.77
CA GLY B 170 35.90 -3.01 -10.32
C GLY B 170 36.19 -1.63 -9.79
N TYR B 171 35.19 -0.78 -9.60
CA TYR B 171 35.44 0.59 -9.16
C TYR B 171 35.09 0.83 -7.69
N SER B 172 34.73 -0.20 -6.93
CA SER B 172 34.18 0.01 -5.60
C SER B 172 35.14 -0.28 -4.45
N GLY B 173 36.18 -1.06 -4.67
CA GLY B 173 37.12 -1.35 -3.58
C GLY B 173 36.63 -2.37 -2.56
N ILE B 174 35.97 -3.42 -3.02
CA ILE B 174 35.47 -4.48 -2.14
C ILE B 174 36.06 -5.81 -2.58
N ARG B 175 36.19 -6.75 -1.64
CA ARG B 175 36.75 -8.06 -1.94
C ARG B 175 35.79 -8.91 -2.75
N PHE B 176 36.31 -9.58 -3.79
CA PHE B 176 35.51 -10.51 -4.58
C PHE B 176 34.85 -11.57 -3.70
N GLU B 177 35.53 -11.99 -2.64
CA GLU B 177 35.00 -13.00 -1.71
C GLU B 177 33.64 -12.61 -1.13
N ILE B 178 33.41 -11.31 -0.90
CA ILE B 178 32.12 -10.90 -0.39
C ILE B 178 31.05 -11.09 -1.45
N LEU B 179 31.38 -10.76 -2.71
CA LEU B 179 30.44 -11.00 -3.80
C LEU B 179 30.12 -12.48 -3.94
N GLU B 180 31.13 -13.33 -3.77
CA GLU B 180 30.89 -14.78 -3.86
C GLU B 180 29.96 -15.24 -2.74
N ALA B 181 30.06 -14.61 -1.57
CA ALA B 181 29.20 -14.98 -0.45
C ALA B 181 27.76 -14.63 -0.74
N ILE B 182 27.51 -13.41 -1.22
CA ILE B 182 26.14 -13.04 -1.58
C ILE B 182 25.60 -13.98 -2.65
N THR B 183 26.47 -14.45 -3.55
CA THR B 183 26.04 -15.37 -4.58
C THR B 183 25.57 -16.68 -3.98
N LYS B 184 26.26 -17.18 -2.96
CA LYS B 184 25.83 -18.40 -2.29
C LYS B 184 24.48 -18.22 -1.61
N PHE B 185 24.24 -17.05 -1.01
CA PHE B 185 22.93 -16.80 -0.41
C PHE B 185 21.83 -16.85 -1.47
N LEU B 186 22.07 -16.24 -2.62
CA LEU B 186 21.13 -16.33 -3.73
C LEU B 186 20.93 -17.77 -4.17
N ASN B 187 22.02 -18.50 -4.39
CA ASN B 187 21.88 -19.83 -4.97
C ASN B 187 21.31 -20.85 -3.99
N GLN B 188 21.43 -20.62 -2.68
CA GLN B 188 20.81 -21.50 -1.70
C GLN B 188 19.49 -20.94 -1.17
N ASN B 189 19.03 -19.79 -1.67
CA ASN B 189 17.76 -19.19 -1.27
C ASN B 189 17.73 -18.96 0.24
N ILE B 190 18.81 -18.37 0.73
CA ILE B 190 18.95 -17.88 2.09
C ILE B 190 18.93 -16.36 1.97
N THR B 191 17.90 -15.72 2.52
CA THR B 191 17.61 -14.31 2.21
C THR B 191 17.60 -13.48 3.48
N PRO B 192 18.43 -12.45 3.60
CA PRO B 192 18.40 -11.61 4.81
C PRO B 192 17.09 -10.84 4.90
N CYS B 193 16.70 -10.51 6.13
CA CYS B 193 15.47 -9.75 6.36
C CYS B 193 15.77 -8.26 6.29
N LEU B 194 15.07 -7.56 5.41
CA LEU B 194 15.27 -6.14 5.16
C LEU B 194 13.99 -5.36 5.52
N PRO B 195 14.12 -4.15 6.08
CA PRO B 195 12.93 -3.35 6.36
C PRO B 195 12.32 -2.84 5.06
N LEU B 196 10.99 -2.68 5.09
CA LEU B 196 10.26 -2.20 3.90
C LEU B 196 10.62 -0.75 3.59
N ARG B 197 10.65 0.09 4.61
CA ARG B 197 10.79 1.53 4.46
C ARG B 197 12.07 1.98 5.16
N GLY B 198 12.44 3.23 4.90
CA GLY B 198 13.59 3.81 5.54
C GLY B 198 14.60 4.35 4.53
N THR B 199 14.28 4.32 3.22
CA THR B 199 15.22 4.78 2.20
C THR B 199 14.59 5.83 1.30
N ILE B 200 15.39 6.86 0.98
CA ILE B 200 15.02 7.83 -0.04
C ILE B 200 15.80 7.59 -1.34
N THR B 201 16.48 6.44 -1.46
CA THR B 201 17.21 6.03 -2.66
C THR B 201 18.12 7.14 -3.21
N ASP B 203 20.08 3.50 -1.33
CA ASP B 203 19.28 2.69 -0.42
C ASP B 203 20.06 2.25 0.83
N LEU B 204 20.59 3.22 1.58
CA LEU B 204 21.52 2.95 2.68
C LEU B 204 20.95 2.00 3.71
N VAL B 205 19.79 2.33 4.27
CA VAL B 205 19.26 1.58 5.42
C VAL B 205 18.96 0.13 5.06
N PRO B 206 18.16 -0.17 4.02
CA PRO B 206 17.92 -1.60 3.72
C PRO B 206 19.17 -2.33 3.28
N LEU B 207 20.05 -1.71 2.49
CA LEU B 207 21.26 -2.42 2.09
C LEU B 207 22.16 -2.72 3.28
N SER B 208 22.08 -1.91 4.35
CA SER B 208 22.89 -2.20 5.54
C SER B 208 22.50 -3.51 6.21
N TYR B 209 21.29 -4.02 5.96
CA TYR B 209 20.91 -5.32 6.51
C TYR B 209 21.45 -6.49 5.71
N ILE B 210 21.84 -6.28 4.46
CA ILE B 210 22.64 -7.27 3.76
C ILE B 210 24.05 -7.31 4.37
N ALA B 211 24.65 -6.14 4.57
CA ALA B 211 25.97 -6.09 5.17
C ALA B 211 25.96 -6.64 6.60
N GLY B 212 24.87 -6.41 7.34
CA GLY B 212 24.77 -6.93 8.69
C GLY B 212 24.74 -8.45 8.74
N LEU B 213 24.09 -9.07 7.76
CA LEU B 213 24.16 -10.53 7.66
C LEU B 213 25.60 -10.97 7.40
N LEU B 214 26.27 -10.32 6.44
CA LEU B 214 27.63 -10.68 6.05
C LEU B 214 28.61 -10.50 7.20
N THR B 215 28.38 -9.52 8.07
CA THR B 215 29.25 -9.31 9.22
C THR B 215 28.73 -9.98 10.48
N GLY B 216 27.58 -10.65 10.41
CA GLY B 216 27.09 -11.38 11.57
C GLY B 216 26.60 -10.51 12.72
N ARG B 217 25.98 -9.37 12.42
CA ARG B 217 25.47 -8.48 13.46
C ARG B 217 24.47 -9.24 14.33
N PRO B 218 24.34 -8.85 15.61
CA PRO B 218 23.50 -9.64 16.53
C PRO B 218 22.02 -9.57 16.22
N ASN B 219 21.55 -8.49 15.58
CA ASN B 219 20.14 -8.38 15.24
C ASN B 219 19.81 -8.92 13.87
N SER B 220 20.83 -9.34 13.11
CA SER B 220 20.62 -9.78 11.75
C SER B 220 19.83 -11.09 11.72
N LYS B 221 18.86 -11.17 10.81
CA LYS B 221 18.10 -12.40 10.61
C LYS B 221 18.08 -12.72 9.13
N ALA B 222 17.91 -13.99 8.81
CA ALA B 222 17.63 -14.42 7.45
C ALA B 222 16.52 -15.44 7.47
N VAL B 223 15.93 -15.66 6.29
CA VAL B 223 14.87 -16.65 6.10
C VAL B 223 15.35 -17.70 5.10
N GLY B 224 15.07 -18.97 5.43
CA GLY B 224 15.40 -20.07 4.55
C GLY B 224 14.35 -20.29 3.48
N PRO B 225 14.60 -21.29 2.63
CA PRO B 225 13.69 -21.55 1.50
C PRO B 225 12.26 -21.85 1.91
N THR B 226 12.05 -22.43 3.08
CA THR B 226 10.70 -22.75 3.55
C THR B 226 10.20 -21.79 4.60
N GLY B 227 10.85 -20.64 4.78
CA GLY B 227 10.35 -19.63 5.69
C GLY B 227 10.93 -19.64 7.10
N VAL B 228 11.84 -20.57 7.40
CA VAL B 228 12.42 -20.64 8.75
C VAL B 228 13.34 -19.46 8.97
N ILE B 229 13.20 -18.83 10.14
CA ILE B 229 14.06 -17.70 10.52
C ILE B 229 15.41 -18.23 10.99
N LEU B 230 16.47 -17.71 10.40
CA LEU B 230 17.83 -18.18 10.65
C LEU B 230 18.64 -17.08 11.34
N SER B 231 19.50 -17.49 12.27
CA SER B 231 20.53 -16.61 12.77
C SER B 231 21.61 -16.45 11.70
N PRO B 232 22.45 -15.42 11.80
CA PRO B 232 23.55 -15.29 10.83
C PRO B 232 24.44 -16.53 10.76
N GLU B 233 24.73 -17.15 11.91
CA GLU B 233 25.53 -18.37 11.93
C GLU B 233 24.85 -19.49 11.13
N GLU B 234 23.57 -19.73 11.39
CA GLU B 234 22.84 -20.77 10.66
C GLU B 234 22.77 -20.46 9.17
N ALA B 235 22.65 -19.18 8.82
CA ALA B 235 22.53 -18.80 7.41
C ALA B 235 23.83 -19.05 6.65
N PHE B 236 24.98 -18.72 7.27
CA PHE B 236 26.26 -19.04 6.65
C PHE B 236 26.40 -20.54 6.46
N LYS B 237 25.94 -21.33 7.42
CA LYS B 237 26.07 -22.78 7.34
C LYS B 237 25.23 -23.34 6.20
N LEU B 238 23.95 -22.98 6.17
CA LEU B 238 23.06 -23.48 5.12
C LEU B 238 23.50 -22.99 3.74
N ALA B 239 24.06 -21.78 3.64
CA ALA B 239 24.50 -21.26 2.36
C ALA B 239 25.86 -21.81 1.92
N GLY B 240 26.58 -22.49 2.80
CA GLY B 240 27.90 -22.99 2.45
C GLY B 240 28.99 -21.95 2.42
N VAL B 241 28.80 -20.82 3.08
CA VAL B 241 29.84 -19.81 3.18
C VAL B 241 30.79 -20.18 4.30
N GLU B 242 32.05 -20.41 3.96
CA GLU B 242 33.08 -20.81 4.91
C GLU B 242 33.98 -19.63 5.28
N GLY B 243 34.72 -19.80 6.38
CA GLY B 243 35.66 -18.80 6.85
C GLY B 243 35.13 -17.86 7.91
N GLY B 244 33.85 -17.98 8.30
CA GLY B 244 33.30 -17.13 9.33
C GLY B 244 32.80 -15.82 8.78
N PHE B 245 32.27 -15.00 9.69
CA PHE B 245 31.73 -13.70 9.30
C PHE B 245 32.82 -12.81 8.72
N PHE B 246 32.42 -11.96 7.79
CA PHE B 246 33.33 -10.97 7.22
C PHE B 246 33.58 -9.86 8.22
N GLU B 247 34.82 -9.43 8.27
CA GLU B 247 35.23 -8.21 8.97
C GLU B 247 35.52 -7.22 7.85
N LEU B 248 34.69 -6.19 7.77
CA LEU B 248 34.76 -5.28 6.63
C LEU B 248 36.06 -4.48 6.67
N GLN B 249 36.75 -4.47 5.54
CA GLN B 249 37.94 -3.66 5.32
C GLN B 249 37.50 -2.25 4.97
N PRO B 250 38.42 -1.29 4.97
CA PRO B 250 38.03 0.09 4.67
C PRO B 250 37.28 0.19 3.35
N LYS B 251 36.24 1.04 3.33
CA LYS B 251 35.36 1.28 2.19
C LYS B 251 34.40 0.14 1.88
N GLU B 252 34.58 -1.05 2.46
CA GLU B 252 33.74 -2.18 2.05
C GLU B 252 32.30 -2.01 2.52
N GLY B 253 32.10 -1.50 3.73
CA GLY B 253 30.75 -1.20 4.19
C GLY B 253 30.06 -0.19 3.28
N LEU B 254 30.76 0.89 2.95
CA LEU B 254 30.20 1.90 2.06
C LEU B 254 29.94 1.34 0.66
N ALA B 255 30.82 0.49 0.14
CA ALA B 255 30.57 -0.14 -1.16
C ALA B 255 29.30 -0.97 -1.12
N LEU B 256 29.05 -1.65 0.00
CA LEU B 256 27.85 -2.49 0.09
C LEU B 256 26.58 -1.66 0.13
N VAL B 257 26.60 -0.49 0.79
CA VAL B 257 25.36 0.21 1.09
C VAL B 257 25.09 1.43 0.22
N ASN B 258 26.07 1.95 -0.51
CA ASN B 258 25.96 3.26 -1.18
C ASN B 258 25.43 3.17 -2.62
N GLY B 259 24.33 2.46 -2.83
CA GLY B 259 23.86 2.22 -4.19
C GLY B 259 22.35 2.22 -4.28
N THR B 260 21.84 2.02 -5.51
CA THR B 260 20.40 2.08 -5.78
C THR B 260 19.78 0.71 -6.01
N ALA B 261 20.41 -0.35 -5.48
CA ALA B 261 20.04 -1.72 -5.85
C ALA B 261 18.63 -2.11 -5.40
N VAL B 262 18.15 -1.60 -4.27
CA VAL B 262 16.81 -2.01 -3.84
C VAL B 262 15.75 -1.39 -4.75
N GLY B 263 15.85 -0.09 -5.00
CA GLY B 263 14.90 0.56 -5.89
C GLY B 263 14.94 0.00 -7.31
N SER B 264 16.13 -0.18 -7.87
CA SER B 264 16.23 -0.66 -9.25
C SER B 264 15.93 -2.15 -9.35
N GLY B 265 16.26 -2.91 -8.30
CA GLY B 265 15.88 -4.31 -8.29
C GLY B 265 14.39 -4.50 -8.40
N MET B 266 13.63 -3.74 -7.59
CA MET B 266 12.18 -3.88 -7.63
C MET B 266 11.61 -3.33 -8.93
N ALA B 267 12.19 -2.23 -9.43
CA ALA B 267 11.71 -1.68 -10.69
C ALA B 267 11.87 -2.67 -11.83
N SER B 268 12.91 -3.51 -11.77
CA SER B 268 13.11 -4.53 -12.80
C SER B 268 12.00 -5.57 -12.76
N MET B 269 11.64 -6.05 -11.56
CA MET B 269 10.55 -7.01 -11.43
C MET B 269 9.25 -6.42 -11.93
N VAL B 270 9.00 -5.16 -11.58
CA VAL B 270 7.79 -4.46 -11.99
C VAL B 270 7.72 -4.38 -13.52
N LEU B 271 8.83 -3.97 -14.16
CA LEU B 271 8.83 -3.76 -15.60
C LEU B 271 8.75 -5.06 -16.38
N PHE B 272 9.28 -6.15 -15.83
CA PHE B 272 9.11 -7.43 -16.50
C PHE B 272 7.62 -7.75 -16.64
N GLU B 273 6.86 -7.61 -15.55
CA GLU B 273 5.44 -7.93 -15.63
C GLU B 273 4.68 -6.85 -16.41
N ALA B 274 5.09 -5.58 -16.30
CA ALA B 274 4.38 -4.53 -17.05
C ALA B 274 4.51 -4.73 -18.55
N ASN B 275 5.69 -5.13 -19.02
CA ASN B 275 5.88 -5.39 -20.45
C ASN B 275 4.95 -6.50 -20.94
N ILE B 276 4.83 -7.58 -20.16
CA ILE B 276 3.95 -8.68 -20.56
C ILE B 276 2.49 -8.26 -20.47
N LEU B 277 2.11 -7.53 -19.42
CA LEU B 277 0.72 -7.07 -19.30
C LEU B 277 0.33 -6.11 -20.42
N ALA B 278 1.29 -5.36 -20.96
CA ALA B 278 0.97 -4.49 -22.09
C ALA B 278 0.64 -5.30 -23.35
N VAL B 279 1.38 -6.37 -23.62
CA VAL B 279 1.03 -7.24 -24.73
C VAL B 279 -0.33 -7.89 -24.49
N LEU B 280 -0.58 -8.36 -23.26
CA LEU B 280 -1.87 -8.94 -22.95
C LEU B 280 -3.00 -7.94 -23.19
N ALA B 281 -2.77 -6.66 -22.87
CA ALA B 281 -3.82 -5.67 -23.08
C ALA B 281 -4.11 -5.47 -24.56
N GLU B 282 -3.07 -5.52 -25.38
CA GLU B 282 -3.23 -5.41 -26.83
C GLU B 282 -4.02 -6.59 -27.37
N VAL B 283 -3.64 -7.81 -26.95
CA VAL B 283 -4.33 -9.00 -27.46
C VAL B 283 -5.75 -9.07 -26.94
N MET B 284 -5.96 -8.74 -25.65
CA MET B 284 -7.32 -8.73 -25.11
C MET B 284 -8.18 -7.68 -25.79
N SER B 285 -7.60 -6.56 -26.24
CA SER B 285 -8.38 -5.59 -27.00
C SER B 285 -8.91 -6.20 -28.30
N ALA B 286 -8.09 -7.04 -28.94
CA ALA B 286 -8.53 -7.71 -30.16
C ALA B 286 -9.59 -8.76 -29.89
N ILE B 287 -9.42 -9.55 -28.82
CA ILE B 287 -10.45 -10.54 -28.48
C ILE B 287 -11.75 -9.84 -28.10
N PHE B 288 -11.65 -8.72 -27.38
CA PHE B 288 -12.78 -7.86 -27.08
C PHE B 288 -13.49 -7.43 -28.37
N ALA B 289 -12.74 -6.90 -29.32
CA ALA B 289 -13.34 -6.50 -30.60
C ALA B 289 -13.98 -7.69 -31.29
N GLU B 290 -13.33 -8.85 -31.22
CA GLU B 290 -13.86 -10.08 -31.80
C GLU B 290 -15.23 -10.44 -31.22
N VAL B 291 -15.33 -10.52 -29.89
CA VAL B 291 -16.59 -10.95 -29.26
C VAL B 291 -17.64 -9.85 -29.30
N MET B 292 -17.24 -8.59 -29.37
CA MET B 292 -18.17 -7.46 -29.51
C MET B 292 -18.73 -7.32 -30.91
N GLN B 293 -18.22 -8.08 -31.87
CA GLN B 293 -18.57 -7.90 -33.29
C GLN B 293 -18.21 -6.49 -33.74
N GLY B 294 -17.06 -6.00 -33.28
CA GLY B 294 -16.60 -4.70 -33.72
C GLY B 294 -16.14 -4.73 -35.16
N LYS B 295 -16.08 -3.54 -35.76
CA LYS B 295 -15.59 -3.38 -37.13
C LYS B 295 -14.07 -3.41 -37.13
N PRO B 296 -13.45 -4.41 -37.76
CA PRO B 296 -11.98 -4.48 -37.70
C PRO B 296 -11.27 -3.37 -38.46
N GLU B 297 -12.02 -2.57 -39.24
CA GLU B 297 -11.48 -1.39 -39.89
C GLU B 297 -10.70 -0.49 -38.94
N PHE B 298 -11.01 -0.53 -37.63
CA PHE B 298 -10.33 0.38 -36.71
C PHE B 298 -8.84 0.09 -36.61
N THR B 299 -8.40 -1.10 -37.05
CA THR B 299 -6.99 -1.48 -37.05
C THR B 299 -6.30 -1.20 -38.38
N ASP B 300 -7.03 -0.67 -39.37
CA ASP B 300 -6.47 -0.42 -40.70
C ASP B 300 -5.15 0.34 -40.61
N HIS B 301 -4.12 -0.15 -41.32
CA HIS B 301 -2.78 0.41 -41.14
C HIS B 301 -2.68 1.85 -41.64
N LEU B 302 -3.49 2.24 -42.63
CA LEU B 302 -3.44 3.63 -43.10
C LEU B 302 -3.70 4.60 -41.96
N THR B 303 -4.76 4.35 -41.19
CA THR B 303 -5.11 5.18 -40.03
C THR B 303 -3.90 5.41 -39.14
N HIS B 304 -3.23 4.32 -38.77
CA HIS B 304 -2.16 4.40 -37.76
C HIS B 304 -0.84 4.85 -38.37
N LYS B 305 -0.55 4.44 -39.61
CA LYS B 305 0.62 4.95 -40.32
C LYS B 305 0.60 6.48 -40.36
N LEU B 306 -0.58 7.06 -40.54
CA LEU B 306 -0.68 8.50 -40.68
C LEU B 306 -0.50 9.26 -39.36
N LYS B 307 -0.34 8.59 -38.20
CA LYS B 307 0.03 9.29 -36.96
C LYS B 307 1.49 9.11 -36.57
N HIS B 308 2.20 8.18 -37.21
CA HIS B 308 3.64 7.96 -37.02
C HIS B 308 4.01 7.32 -35.67
N HIS B 309 3.13 7.38 -34.67
CA HIS B 309 3.48 6.86 -33.34
C HIS B 309 3.71 5.36 -33.40
N PRO B 310 4.92 4.87 -33.10
CA PRO B 310 5.16 3.44 -33.31
C PRO B 310 4.43 2.55 -32.32
N GLY B 311 4.20 2.98 -31.08
CA GLY B 311 3.42 2.16 -30.16
C GLY B 311 2.03 1.89 -30.71
N GLN B 312 1.41 2.93 -31.29
CA GLN B 312 0.06 2.81 -31.85
C GLN B 312 0.06 1.93 -33.10
N ILE B 313 1.09 2.09 -33.96
CA ILE B 313 1.16 1.28 -35.18
C ILE B 313 1.32 -0.19 -34.81
N GLU B 314 2.17 -0.48 -33.82
CA GLU B 314 2.37 -1.88 -33.42
C GLU B 314 1.10 -2.43 -32.77
N ALA B 315 0.45 -1.65 -31.90
CA ALA B 315 -0.76 -2.13 -31.24
C ALA B 315 -1.84 -2.44 -32.26
N ALA B 316 -1.99 -1.57 -33.26
CA ALA B 316 -3.00 -1.83 -34.29
C ALA B 316 -2.65 -3.06 -35.12
N ALA B 317 -1.38 -3.22 -35.48
CA ALA B 317 -0.99 -4.38 -36.27
C ALA B 317 -1.16 -5.68 -35.49
N ILE B 318 -0.94 -5.65 -34.16
CA ILE B 318 -1.15 -6.84 -33.36
C ILE B 318 -2.63 -7.21 -33.33
N MET B 319 -3.49 -6.22 -33.08
CA MET B 319 -4.92 -6.49 -33.08
C MET B 319 -5.40 -6.92 -34.47
N GLU B 320 -4.85 -6.28 -35.52
CA GLU B 320 -5.22 -6.65 -36.88
C GLU B 320 -4.87 -8.10 -37.17
N HIS B 321 -3.70 -8.54 -36.67
CA HIS B 321 -3.32 -9.94 -36.85
C HIS B 321 -4.35 -10.88 -36.23
N ILE B 322 -4.78 -10.59 -35.00
CA ILE B 322 -5.77 -11.44 -34.34
C ILE B 322 -7.08 -11.44 -35.12
N LEU B 323 -7.53 -10.26 -35.54
CA LEU B 323 -8.82 -10.18 -36.22
C LEU B 323 -8.77 -10.74 -37.64
N ASP B 324 -7.60 -10.68 -38.28
CA ASP B 324 -7.50 -11.26 -39.61
C ASP B 324 -7.49 -12.79 -39.57
N GLY B 325 -7.30 -13.39 -38.42
CA GLY B 325 -7.37 -14.84 -38.34
C GLY B 325 -8.60 -15.31 -37.59
N SER B 326 -9.63 -14.48 -37.56
CA SER B 326 -10.83 -14.74 -36.77
C SER B 326 -11.91 -15.42 -37.60
N ALA B 327 -12.43 -16.54 -37.08
CA ALA B 327 -13.52 -17.24 -37.76
C ALA B 327 -14.82 -16.45 -37.69
N TYR B 328 -15.02 -15.67 -36.63
CA TYR B 328 -16.20 -14.81 -36.52
C TYR B 328 -16.20 -13.76 -37.62
N VAL B 329 -15.10 -13.01 -37.73
CA VAL B 329 -14.99 -11.98 -38.76
C VAL B 329 -15.20 -12.59 -40.15
N LYS B 330 -14.52 -13.71 -40.42
CA LYS B 330 -14.66 -14.34 -41.73
C LYS B 330 -16.08 -14.83 -41.97
N ALA B 331 -16.72 -15.38 -40.94
CA ALA B 331 -18.11 -15.81 -41.09
C ALA B 331 -19.02 -14.62 -41.37
N ALA B 332 -18.76 -13.50 -40.70
CA ALA B 332 -19.58 -12.31 -40.90
C ALA B 332 -19.41 -11.73 -42.31
N GLN B 333 -18.22 -11.89 -42.89
CA GLN B 333 -17.97 -11.36 -44.24
C GLN B 333 -18.77 -12.11 -45.28
N LYS B 334 -18.88 -13.44 -45.17
CA LYS B 334 -19.63 -14.24 -46.13
C LYS B 334 -21.13 -13.95 -46.12
N LEU B 335 -21.61 -13.13 -45.19
CA LEU B 335 -23.03 -12.80 -45.11
C LEU B 335 -23.30 -11.38 -45.59
N GLN B 346 -19.88 2.85 -36.54
CA GLN B 346 -18.69 3.05 -35.70
C GLN B 346 -18.87 2.46 -34.31
N ASP B 347 -17.80 1.85 -33.81
CA ASP B 347 -17.75 1.36 -32.43
C ASP B 347 -17.41 2.52 -31.47
N ARG B 348 -17.64 2.27 -30.18
CA ARG B 348 -17.35 3.25 -29.14
C ARG B 348 -15.84 3.30 -28.85
N TYR B 349 -15.40 4.31 -28.09
CA TYR B 349 -13.97 4.63 -28.07
C TYR B 349 -13.13 3.54 -27.42
N ALA B 350 -13.64 2.82 -26.43
CA ALA B 350 -12.80 1.82 -25.78
C ALA B 350 -12.39 0.73 -26.74
N LEU B 351 -13.16 0.56 -27.82
CA LEU B 351 -12.78 -0.36 -28.88
C LEU B 351 -12.04 0.38 -29.99
N ARG B 352 -12.69 1.36 -30.62
CA ARG B 352 -12.17 1.96 -31.85
C ARG B 352 -10.88 2.75 -31.61
N THR B 353 -10.69 3.34 -30.43
CA THR B 353 -9.47 4.11 -30.17
C THR B 353 -8.48 3.33 -29.31
N SER B 354 -8.65 2.01 -29.16
CA SER B 354 -7.70 1.28 -28.31
C SER B 354 -6.26 1.30 -28.81
N PRO B 355 -5.95 1.26 -30.12
CA PRO B 355 -4.52 1.41 -30.50
C PRO B 355 -3.97 2.78 -30.16
N GLN B 356 -4.73 3.85 -30.43
CA GLN B 356 -4.32 5.20 -30.05
C GLN B 356 -4.08 5.32 -28.55
N TRP B 357 -4.89 4.64 -27.75
CA TRP B 357 -4.78 4.74 -26.30
C TRP B 357 -3.60 3.95 -25.77
N LEU B 358 -3.42 2.73 -26.27
CA LEU B 358 -2.38 1.86 -25.75
C LEU B 358 -1.00 2.25 -26.24
N GLY B 359 -0.89 2.75 -27.47
CA GLY B 359 0.37 3.07 -28.09
C GLY B 359 1.35 3.85 -27.21
N PRO B 360 0.93 4.99 -26.68
CA PRO B 360 1.85 5.79 -25.86
C PRO B 360 2.22 5.13 -24.54
N GLN B 361 1.33 4.31 -23.97
CA GLN B 361 1.69 3.62 -22.73
C GLN B 361 2.77 2.60 -22.99
N ILE B 362 2.69 1.91 -24.12
CA ILE B 362 3.74 0.94 -24.48
C ILE B 362 5.07 1.65 -24.68
N GLU B 363 5.05 2.79 -25.38
CA GLU B 363 6.28 3.56 -25.55
C GLU B 363 6.88 3.97 -24.21
N VAL B 364 6.04 4.42 -23.27
CA VAL B 364 6.55 4.80 -21.95
C VAL B 364 7.13 3.59 -21.23
N ILE B 365 6.45 2.45 -21.28
CA ILE B 365 6.94 1.26 -20.57
C ILE B 365 8.26 0.80 -21.18
N ARG B 366 8.36 0.84 -22.49
CA ARG B 366 9.59 0.44 -23.17
C ARG B 366 10.74 1.39 -22.84
N SER B 367 10.50 2.69 -22.89
CA SER B 367 11.56 3.63 -22.57
C SER B 367 11.96 3.55 -21.10
N SER B 368 11.00 3.28 -20.21
CA SER B 368 11.33 3.08 -18.81
C SER B 368 12.15 1.82 -18.60
N THR B 369 11.86 0.76 -19.36
CA THR B 369 12.65 -0.46 -19.25
C THR B 369 14.11 -0.19 -19.61
N LYS B 370 14.36 0.61 -20.65
CA LYS B 370 15.76 0.88 -21.02
C LYS B 370 16.47 1.67 -19.94
N MET B 371 15.76 2.60 -19.30
CA MET B 371 16.35 3.40 -18.22
C MET B 371 16.75 2.51 -17.05
N ILE B 372 15.86 1.62 -16.64
CA ILE B 372 16.16 0.72 -15.53
C ILE B 372 17.29 -0.24 -15.90
N GLU B 373 17.33 -0.70 -17.15
CA GLU B 373 18.39 -1.64 -17.52
C GLU B 373 19.76 -0.96 -17.48
N ARG B 374 19.82 0.32 -17.84
CA ARG B 374 21.05 1.08 -17.64
CA ARG B 374 21.05 1.08 -17.64
C ARG B 374 21.40 1.17 -16.14
N GLU B 375 20.39 1.48 -15.31
CA GLU B 375 20.63 1.63 -13.87
C GLU B 375 21.15 0.34 -13.24
N ILE B 376 20.61 -0.81 -13.63
CA ILE B 376 21.07 -2.04 -12.97
C ILE B 376 22.43 -2.49 -13.48
N ASN B 377 22.97 -1.84 -14.51
CA ASN B 377 24.34 -2.09 -14.97
C ASN B 377 25.25 -0.89 -14.73
N SER B 378 24.83 0.04 -13.88
CA SER B 378 25.65 1.20 -13.60
C SER B 378 26.57 0.93 -12.41
N VAL B 379 27.62 1.74 -12.31
CA VAL B 379 28.43 1.79 -11.09
C VAL B 379 27.73 2.83 -10.21
N ASN B 380 26.80 2.37 -9.38
CA ASN B 380 26.10 3.26 -8.46
C ASN B 380 26.79 3.06 -7.11
N ASP B 381 27.80 3.88 -6.87
CA ASP B 381 28.62 3.85 -5.68
C ASP B 381 29.35 5.19 -5.63
N ASN B 382 29.95 5.48 -4.47
CA ASN B 382 30.72 6.71 -4.30
C ASN B 382 31.55 6.56 -3.04
N PRO B 383 32.82 6.96 -3.05
CA PRO B 383 33.53 7.40 -4.26
C PRO B 383 33.90 6.23 -5.17
N LEU B 384 34.27 6.54 -6.41
CA LEU B 384 34.76 5.52 -7.33
C LEU B 384 36.27 5.45 -7.26
N ILE B 385 36.81 4.24 -7.29
CA ILE B 385 38.25 4.01 -7.24
C ILE B 385 38.73 3.85 -8.68
N ASP B 386 39.44 4.85 -9.20
CA ASP B 386 39.99 4.78 -10.56
C ASP B 386 41.47 4.44 -10.47
N VAL B 387 41.79 3.16 -10.57
CA VAL B 387 43.19 2.78 -10.43
C VAL B 387 44.01 3.31 -11.59
N SER B 388 43.41 3.47 -12.78
CA SER B 388 44.17 3.96 -13.93
C SER B 388 44.65 5.39 -13.74
N ARG B 389 44.03 6.16 -12.85
CA ARG B 389 44.47 7.52 -12.56
C ARG B 389 44.95 7.68 -11.13
N ASN B 390 45.03 6.59 -10.37
CA ASN B 390 45.54 6.59 -9.00
C ASN B 390 44.78 7.56 -8.10
N LYS B 391 43.46 7.56 -8.21
CA LYS B 391 42.68 8.51 -7.40
C LYS B 391 41.26 8.01 -7.24
N ALA B 392 40.62 8.47 -6.16
CA ALA B 392 39.19 8.25 -5.97
C ALA B 392 38.43 9.40 -6.58
N ILE B 393 37.31 9.11 -7.22
CA ILE B 393 36.50 10.12 -7.91
C ILE B 393 35.20 10.28 -7.13
N HIS B 394 34.96 11.50 -6.63
CA HIS B 394 33.77 11.76 -5.83
C HIS B 394 32.63 12.23 -6.72
N GLY B 395 31.44 11.71 -6.50
CA GLY B 395 30.34 12.03 -7.35
C GLY B 395 29.02 11.62 -6.75
N GLY B 396 28.01 11.48 -7.62
CA GLY B 396 26.65 11.30 -7.14
C GLY B 396 25.90 10.14 -7.76
N ASN B 397 26.60 9.05 -8.10
CA ASN B 397 25.96 7.95 -8.82
C ASN B 397 24.96 7.14 -8.00
N PHE B 398 24.93 7.33 -6.67
CA PHE B 398 23.91 6.72 -5.81
C PHE B 398 22.55 7.41 -5.94
N GLN B 399 22.46 8.50 -6.72
CA GLN B 399 21.25 9.32 -6.82
C GLN B 399 20.29 8.65 -7.82
N GLY B 400 19.29 7.96 -7.29
CA GLY B 400 18.45 7.06 -8.08
C GLY B 400 17.37 7.70 -8.93
N THR B 401 17.62 8.91 -9.44
CA THR B 401 16.62 9.60 -10.25
C THR B 401 16.07 8.74 -11.39
N PRO B 402 16.87 7.98 -12.15
CA PRO B 402 16.25 7.16 -13.22
C PRO B 402 15.19 6.21 -12.69
N ILE B 403 15.31 5.74 -11.44
CA ILE B 403 14.32 4.84 -10.87
C ILE B 403 13.04 5.59 -10.56
N GLY B 404 13.15 6.72 -9.86
CA GLY B 404 11.97 7.50 -9.52
C GLY B 404 11.21 7.93 -10.76
N VAL B 405 11.94 8.45 -11.76
CA VAL B 405 11.29 8.96 -12.96
C VAL B 405 10.60 7.84 -13.73
N SER B 406 11.34 6.75 -14.02
CA SER B 406 10.76 5.66 -14.81
C SER B 406 9.57 5.03 -14.09
N MET B 407 9.63 4.91 -12.77
CA MET B 407 8.52 4.28 -12.05
C MET B 407 7.30 5.19 -11.97
N ASP B 408 7.50 6.50 -11.76
CA ASP B 408 6.37 7.42 -11.81
C ASP B 408 5.71 7.39 -13.18
N ASN B 409 6.51 7.47 -14.25
CA ASN B 409 5.96 7.46 -15.61
C ASN B 409 5.29 6.13 -15.91
N THR B 410 5.90 5.03 -15.48
CA THR B 410 5.31 3.73 -15.75
C THR B 410 4.00 3.55 -14.99
N ARG B 411 3.93 4.05 -13.75
CA ARG B 411 2.71 3.91 -12.95
C ARG B 411 1.54 4.63 -13.60
N LEU B 412 1.80 5.83 -14.14
CA LEU B 412 0.75 6.53 -14.89
C LEU B 412 0.29 5.72 -16.10
N ALA B 413 1.22 5.07 -16.79
CA ALA B 413 0.86 4.29 -17.98
C ALA B 413 0.07 3.04 -17.61
N ILE B 414 0.45 2.40 -16.50
CA ILE B 414 -0.33 1.29 -15.97
C ILE B 414 -1.76 1.73 -15.67
N ALA B 415 -1.92 2.90 -15.05
CA ALA B 415 -3.26 3.38 -14.76
C ALA B 415 -4.06 3.56 -16.04
N ALA B 416 -3.42 4.09 -17.09
CA ALA B 416 -4.08 4.30 -18.37
C ALA B 416 -4.48 2.98 -19.01
N ILE B 417 -3.64 1.96 -18.90
CA ILE B 417 -4.02 0.66 -19.43
C ILE B 417 -5.21 0.11 -18.66
N GLY B 418 -5.22 0.31 -17.34
CA GLY B 418 -6.35 -0.16 -16.52
C GLY B 418 -7.63 0.59 -16.85
N LYS B 419 -7.54 1.90 -17.07
CA LYS B 419 -8.73 2.66 -17.43
C LYS B 419 -9.35 2.15 -18.72
N LEU B 420 -8.51 1.85 -19.74
CA LEU B 420 -9.03 1.29 -20.99
C LEU B 420 -9.71 -0.05 -20.74
N MET B 421 -9.06 -0.91 -19.96
CA MET B 421 -9.63 -2.21 -19.64
C MET B 421 -10.94 -2.08 -18.89
N PHE B 422 -11.05 -1.09 -18.00
CA PHE B 422 -12.31 -0.87 -17.32
C PHE B 422 -13.39 -0.43 -18.31
N ALA B 423 -13.06 0.52 -19.19
CA ALA B 423 -14.04 0.96 -20.19
C ALA B 423 -14.45 -0.20 -21.11
N GLN B 424 -13.50 -1.04 -21.52
CA GLN B 424 -13.83 -2.18 -22.37
C GLN B 424 -14.76 -3.17 -21.66
N PHE B 425 -14.40 -3.55 -20.44
CA PHE B 425 -15.24 -4.44 -19.65
C PHE B 425 -16.64 -3.85 -19.45
N SER B 426 -16.72 -2.55 -19.18
CA SER B 426 -18.03 -1.92 -19.00
C SER B 426 -18.88 -2.06 -20.27
N GLU B 427 -18.29 -1.86 -21.46
CA GLU B 427 -19.03 -2.05 -22.69
C GLU B 427 -19.50 -3.49 -22.84
N LEU B 428 -18.63 -4.43 -22.48
CA LEU B 428 -18.87 -5.85 -22.76
C LEU B 428 -20.08 -6.39 -22.02
N VAL B 429 -20.29 -5.94 -20.77
CA VAL B 429 -21.38 -6.44 -19.94
C VAL B 429 -22.65 -5.61 -20.06
N ASN B 430 -22.63 -4.53 -20.84
CA ASN B 430 -23.79 -3.66 -21.00
C ASN B 430 -24.54 -4.05 -22.28
N ASP B 431 -25.78 -4.52 -22.14
CA ASP B 431 -26.54 -4.97 -23.30
C ASP B 431 -26.94 -3.82 -24.22
N PHE B 432 -26.85 -2.57 -23.77
CA PHE B 432 -27.00 -1.46 -24.70
C PHE B 432 -25.88 -1.42 -25.72
N TYR B 433 -24.69 -1.91 -25.34
CA TYR B 433 -23.50 -1.67 -26.14
C TYR B 433 -22.83 -2.92 -26.68
N ASN B 434 -23.22 -4.12 -26.23
CA ASN B 434 -22.43 -5.30 -26.52
C ASN B 434 -23.00 -6.13 -27.66
N ASN B 435 -23.88 -5.56 -28.49
CA ASN B 435 -24.27 -6.16 -29.77
C ASN B 435 -24.86 -7.56 -29.58
N GLY B 436 -25.82 -7.66 -28.66
CA GLY B 436 -26.61 -8.87 -28.52
C GLY B 436 -26.20 -9.81 -27.41
N LEU B 437 -25.07 -9.58 -26.74
CA LEU B 437 -24.71 -10.41 -25.60
C LEU B 437 -25.64 -10.09 -24.43
N PRO B 438 -25.94 -11.07 -23.57
CA PRO B 438 -26.84 -10.82 -22.45
C PRO B 438 -26.27 -9.76 -21.52
N SER B 439 -27.16 -8.97 -20.95
CA SER B 439 -26.75 -8.08 -19.87
C SER B 439 -26.01 -8.87 -18.79
N ASN B 440 -24.90 -8.32 -18.31
CA ASN B 440 -24.05 -8.92 -17.29
C ASN B 440 -23.35 -10.19 -17.75
N LEU B 441 -23.46 -10.55 -19.03
CA LEU B 441 -22.97 -11.85 -19.54
C LEU B 441 -23.55 -13.02 -18.73
N SER B 442 -24.79 -12.88 -18.29
CA SER B 442 -25.46 -13.96 -17.57
C SER B 442 -25.46 -15.22 -18.42
N GLY B 443 -25.27 -16.36 -17.77
CA GLY B 443 -25.08 -17.60 -18.50
C GLY B 443 -26.23 -18.59 -18.46
N GLY B 444 -27.11 -18.45 -17.46
CA GLY B 444 -28.10 -19.46 -17.18
C GLY B 444 -29.41 -19.27 -17.92
N ARG B 445 -30.26 -20.29 -17.82
CA ARG B 445 -31.54 -20.29 -18.50
C ARG B 445 -32.48 -19.20 -17.97
N ASN B 446 -32.31 -18.80 -16.72
CA ASN B 446 -33.27 -17.89 -16.06
C ASN B 446 -32.56 -16.60 -15.67
N PRO B 447 -32.70 -15.53 -16.44
CA PRO B 447 -31.97 -14.30 -16.13
C PRO B 447 -32.38 -13.66 -14.82
N SER B 448 -33.57 -13.96 -14.32
CA SER B 448 -33.99 -13.48 -13.01
C SER B 448 -33.19 -14.12 -11.88
N LEU B 449 -32.54 -15.25 -12.12
CA LEU B 449 -31.72 -15.91 -11.10
C LEU B 449 -30.27 -16.02 -11.57
N ASP B 450 -29.80 -15.06 -12.38
CA ASP B 450 -28.41 -15.07 -12.88
C ASP B 450 -28.02 -13.63 -13.24
N TYR B 451 -27.24 -12.99 -12.36
CA TYR B 451 -26.77 -11.64 -12.64
C TYR B 451 -25.31 -11.62 -13.06
N GLY B 452 -24.81 -12.77 -13.53
CA GLY B 452 -23.56 -12.85 -14.26
C GLY B 452 -22.39 -12.15 -13.60
N PHE B 453 -21.88 -11.14 -14.29
CA PHE B 453 -20.67 -10.45 -13.90
C PHE B 453 -20.95 -9.13 -13.21
N LYS B 454 -22.18 -8.92 -12.72
CA LYS B 454 -22.52 -7.64 -12.11
C LYS B 454 -21.63 -7.35 -10.90
N GLY B 455 -21.34 -8.38 -10.09
CA GLY B 455 -20.45 -8.17 -8.97
C GLY B 455 -19.03 -7.92 -9.42
N ALA B 456 -18.56 -8.68 -10.41
CA ALA B 456 -17.24 -8.42 -10.99
C ALA B 456 -17.14 -7.03 -11.61
N GLU B 457 -18.24 -6.51 -12.18
CA GLU B 457 -18.19 -5.18 -12.79
C GLU B 457 -18.02 -4.09 -11.73
N ILE B 458 -18.68 -4.23 -10.59
CA ILE B 458 -18.46 -3.33 -9.47
C ILE B 458 -17.00 -3.43 -8.99
N ALA B 459 -16.48 -4.65 -8.89
CA ALA B 459 -15.08 -4.81 -8.48
C ALA B 459 -14.13 -4.15 -9.46
N MET B 460 -14.42 -4.24 -10.76
CA MET B 460 -13.57 -3.58 -11.75
C MET B 460 -13.53 -2.07 -11.56
N ALA B 461 -14.67 -1.47 -11.23
CA ALA B 461 -14.67 -0.05 -10.92
C ALA B 461 -13.78 0.24 -9.72
N SER B 462 -13.82 -0.64 -8.69
CA SER B 462 -12.98 -0.39 -7.53
C SER B 462 -11.50 -0.56 -7.87
N TYR B 463 -11.16 -1.53 -8.72
CA TYR B 463 -9.77 -1.67 -9.14
C TYR B 463 -9.32 -0.43 -9.89
N CYS B 464 -10.14 0.03 -10.83
CA CYS B 464 -9.80 1.18 -11.65
C CYS B 464 -9.65 2.45 -10.81
N SER B 465 -10.55 2.69 -9.86
CA SER B 465 -10.45 3.88 -9.03
C SER B 465 -9.14 3.89 -8.25
N GLU B 466 -8.82 2.76 -7.63
CA GLU B 466 -7.57 2.72 -6.86
C GLU B 466 -6.36 2.89 -7.77
N LEU B 467 -6.42 2.33 -8.99
CA LEU B 467 -5.34 2.51 -9.94
C LEU B 467 -5.14 3.98 -10.30
N GLN B 468 -6.23 4.74 -10.46
CA GLN B 468 -6.08 6.15 -10.77
C GLN B 468 -5.52 6.93 -9.59
N PHE B 469 -5.87 6.54 -8.36
CA PHE B 469 -5.20 7.10 -7.17
C PHE B 469 -3.71 6.81 -7.22
N LEU B 470 -3.33 5.58 -7.56
CA LEU B 470 -1.92 5.22 -7.52
C LEU B 470 -1.12 5.92 -8.61
N ALA B 471 -1.78 6.44 -9.65
CA ALA B 471 -1.10 7.08 -10.76
C ALA B 471 -0.38 8.36 -10.35
N ASN B 472 -0.71 8.92 -9.20
CA ASN B 472 -0.04 10.13 -8.74
C ASN B 472 1.44 9.86 -8.54
N PRO B 473 2.29 10.85 -8.79
CA PRO B 473 3.73 10.64 -8.68
C PRO B 473 4.20 10.64 -7.22
N VAL B 474 5.35 9.99 -7.02
CA VAL B 474 6.07 10.00 -5.75
C VAL B 474 7.16 11.06 -5.76
N THR B 475 7.79 11.29 -6.92
CA THR B 475 9.04 12.07 -6.94
C THR B 475 8.83 13.57 -6.77
N ASN B 476 7.60 14.03 -6.62
CA ASN B 476 7.38 15.43 -6.29
C ASN B 476 7.15 15.62 -4.79
N HIS B 477 7.63 14.68 -3.97
CA HIS B 477 7.51 14.77 -2.51
C HIS B 477 8.88 14.68 -1.84
N VAL B 478 9.89 15.26 -2.47
CA VAL B 478 11.26 15.20 -1.98
C VAL B 478 11.42 16.09 -0.76
N GLN B 479 11.99 15.54 0.32
CA GLN B 479 12.33 16.34 1.50
C GLN B 479 13.81 16.65 1.49
N SER B 480 14.17 17.84 1.95
CA SER B 480 15.59 18.15 2.19
C SER B 480 16.07 17.34 3.38
N ALA B 481 16.96 16.39 3.17
CA ALA B 481 17.20 15.35 4.16
C ALA B 481 18.65 15.35 4.64
N GLU B 482 18.86 14.65 5.74
CA GLU B 482 20.17 14.37 6.33
C GLU B 482 20.95 15.65 6.56
N GLN B 483 20.44 16.46 7.51
CA GLN B 483 21.02 17.74 7.85
C GLN B 483 21.24 18.58 6.57
N HIS B 484 20.30 18.43 5.64
CA HIS B 484 20.25 19.16 4.38
C HIS B 484 21.43 18.87 3.46
N ASN B 485 22.20 17.82 3.74
CA ASN B 485 23.17 17.35 2.76
C ASN B 485 22.48 16.72 1.56
N GLN B 486 21.43 15.95 1.81
CA GLN B 486 20.69 15.26 0.76
C GLN B 486 19.49 16.09 0.34
N ASP B 487 19.78 17.31 -0.13
CA ASP B 487 18.70 18.26 -0.36
C ASP B 487 17.91 17.99 -1.64
N VAL B 488 18.38 17.08 -2.50
CA VAL B 488 17.54 16.41 -3.48
C VAL B 488 17.79 14.93 -3.31
N ASN B 489 16.74 14.12 -3.47
CA ASN B 489 16.88 12.67 -3.34
C ASN B 489 15.75 12.06 -4.14
N SER B 490 15.98 10.84 -4.63
CA SER B 490 15.19 10.38 -5.76
C SER B 490 13.89 9.69 -5.38
N LEU B 491 13.80 9.11 -4.17
CA LEU B 491 12.64 8.33 -3.73
C LEU B 491 12.35 7.16 -4.67
N GLY B 492 13.40 6.60 -5.26
CA GLY B 492 13.22 5.54 -6.25
C GLY B 492 12.45 4.33 -5.74
N LEU B 493 12.89 3.77 -4.60
CA LEU B 493 12.23 2.57 -4.09
C LEU B 493 10.78 2.82 -3.69
N ILE B 494 10.49 3.94 -3.06
CA ILE B 494 9.10 4.22 -2.73
C ILE B 494 8.26 4.20 -4.01
N SER B 495 8.77 4.81 -5.07
CA SER B 495 8.04 4.82 -6.35
C SER B 495 7.91 3.40 -6.91
N SER B 496 9.00 2.63 -6.93
CA SER B 496 8.92 1.24 -7.38
C SER B 496 7.84 0.45 -6.63
N ARG B 497 7.72 0.69 -5.32
CA ARG B 497 6.72 -0.01 -4.51
C ARG B 497 5.31 0.35 -4.94
N LYS B 498 5.05 1.62 -5.25
CA LYS B 498 3.70 1.98 -5.69
C LYS B 498 3.41 1.43 -7.09
N THR B 499 4.42 1.40 -7.97
CA THR B 499 4.18 0.85 -9.29
C THR B 499 3.96 -0.65 -9.20
N SER B 500 4.63 -1.29 -8.25
CA SER B 500 4.38 -2.72 -8.00
C SER B 500 2.93 -2.96 -7.59
N GLU B 501 2.42 -2.12 -6.68
CA GLU B 501 1.02 -2.23 -6.28
C GLU B 501 0.10 -2.00 -7.48
N ALA B 502 0.43 -1.02 -8.33
CA ALA B 502 -0.38 -0.78 -9.54
C ALA B 502 -0.40 -1.99 -10.46
N VAL B 503 0.76 -2.65 -10.62
CA VAL B 503 0.84 -3.83 -11.46
C VAL B 503 -0.03 -4.95 -10.91
N GLU B 504 -0.01 -5.15 -9.58
CA GLU B 504 -0.88 -6.18 -8.99
C GLU B 504 -2.34 -5.87 -9.27
N ILE B 505 -2.74 -4.60 -9.15
CA ILE B 505 -4.14 -4.30 -9.44
C ILE B 505 -4.46 -4.55 -10.91
N LEU B 506 -3.55 -4.19 -11.82
CA LEU B 506 -3.77 -4.48 -13.24
C LEU B 506 -3.94 -5.97 -13.48
N LYS B 507 -3.27 -6.81 -12.68
CA LYS B 507 -3.47 -8.26 -12.82
C LYS B 507 -4.84 -8.69 -12.33
N LEU B 508 -5.37 -8.05 -11.28
CA LEU B 508 -6.75 -8.32 -10.87
C LEU B 508 -7.71 -7.96 -11.99
N MET B 509 -7.51 -6.79 -12.61
CA MET B 509 -8.38 -6.39 -13.72
C MET B 509 -8.23 -7.30 -14.93
N SER B 510 -6.98 -7.67 -15.27
CA SER B 510 -6.75 -8.50 -16.45
C SER B 510 -7.39 -9.87 -16.28
N THR B 511 -7.27 -10.43 -15.07
CA THR B 511 -7.89 -11.72 -14.74
C THR B 511 -9.41 -11.64 -14.92
N THR B 512 -10.02 -10.61 -14.35
CA THR B 512 -11.48 -10.50 -14.41
C THR B 512 -11.95 -10.29 -15.84
N PHE B 513 -11.27 -9.42 -16.58
CA PHE B 513 -11.60 -9.18 -17.99
C PHE B 513 -11.43 -10.44 -18.83
N LEU B 514 -10.30 -11.14 -18.66
CA LEU B 514 -10.06 -12.33 -19.49
C LEU B 514 -11.13 -13.39 -19.24
N VAL B 515 -11.51 -13.63 -17.98
CA VAL B 515 -12.57 -14.60 -17.71
C VAL B 515 -13.88 -14.12 -18.31
N GLY B 516 -14.13 -12.82 -18.22
CA GLY B 516 -15.31 -12.26 -18.88
C GLY B 516 -15.30 -12.51 -20.38
N LEU B 517 -14.14 -12.33 -21.03
CA LEU B 517 -14.06 -12.54 -22.47
C LEU B 517 -14.39 -13.97 -22.83
N CYS B 518 -13.89 -14.93 -22.03
CA CYS B 518 -14.18 -16.33 -22.31
C CYS B 518 -15.66 -16.65 -22.11
N GLN B 519 -16.28 -16.05 -21.09
CA GLN B 519 -17.73 -16.20 -20.95
C GLN B 519 -18.45 -15.69 -22.18
N ALA B 520 -18.03 -14.52 -22.71
CA ALA B 520 -18.70 -13.96 -23.89
C ALA B 520 -18.50 -14.84 -25.11
N ILE B 521 -17.31 -15.42 -25.26
CA ILE B 521 -17.05 -16.36 -26.35
C ILE B 521 -18.04 -17.51 -26.31
N ASP B 522 -18.25 -18.09 -25.12
CA ASP B 522 -19.22 -19.18 -24.98
C ASP B 522 -20.65 -18.72 -25.23
N LEU B 523 -20.97 -17.49 -24.83
CA LEU B 523 -22.30 -16.97 -25.12
C LEU B 523 -22.54 -16.84 -26.63
N ARG B 524 -21.53 -16.39 -27.39
CA ARG B 524 -21.68 -16.35 -28.85
C ARG B 524 -21.85 -17.75 -29.43
N HIS B 525 -21.18 -18.74 -28.84
CA HIS B 525 -21.37 -20.13 -29.26
C HIS B 525 -22.80 -20.58 -29.00
N LEU B 526 -23.33 -20.27 -27.81
CA LEU B 526 -24.73 -20.58 -27.50
C LEU B 526 -25.67 -19.83 -28.42
N GLU B 527 -25.36 -18.55 -28.68
CA GLU B 527 -26.22 -17.73 -29.53
C GLU B 527 -26.34 -18.30 -30.93
N GLU B 528 -25.22 -18.71 -31.54
CA GLU B 528 -25.30 -19.22 -32.90
C GLU B 528 -26.07 -20.54 -32.96
N ASN B 529 -25.92 -21.37 -31.93
CA ASN B 529 -26.60 -22.67 -31.94
C ASN B 529 -28.11 -22.49 -31.72
N LEU B 530 -28.52 -21.64 -30.79
CA LEU B 530 -29.94 -21.47 -30.57
C LEU B 530 -30.61 -20.70 -31.71
N LYS B 531 -29.88 -19.75 -32.33
CA LYS B 531 -30.47 -19.05 -33.47
C LYS B 531 -30.78 -20.03 -34.60
N SER B 532 -29.86 -20.97 -34.85
CA SER B 532 -30.11 -22.01 -35.85
C SER B 532 -31.33 -22.86 -35.50
N THR B 533 -31.50 -23.20 -34.22
CA THR B 533 -32.67 -23.97 -33.80
C THR B 533 -33.96 -23.19 -34.02
N VAL B 534 -33.97 -21.90 -33.64
CA VAL B 534 -35.16 -21.08 -33.82
C VAL B 534 -35.52 -20.99 -35.30
N LYS B 535 -34.53 -20.72 -36.15
CA LYS B 535 -34.77 -20.58 -37.58
C LYS B 535 -35.32 -21.86 -38.19
N ASN B 536 -34.76 -23.01 -37.80
CA ASN B 536 -35.26 -24.29 -38.28
C ASN B 536 -36.71 -24.51 -37.86
N THR B 537 -37.05 -24.18 -36.62
CA THR B 537 -38.39 -24.42 -36.12
C THR B 537 -39.40 -23.47 -36.76
N VAL B 538 -39.07 -22.17 -36.81
CA VAL B 538 -39.94 -21.22 -37.51
C VAL B 538 -40.16 -21.66 -38.96
N SER B 539 -39.09 -22.11 -39.61
CA SER B 539 -39.22 -22.51 -41.02
C SER B 539 -40.15 -23.70 -41.18
N SER B 540 -39.96 -24.75 -40.38
CA SER B 540 -40.79 -25.95 -40.54
C SER B 540 -42.25 -25.64 -40.21
N VAL B 541 -42.52 -24.84 -39.18
CA VAL B 541 -43.88 -24.49 -38.84
C VAL B 541 -44.50 -23.64 -39.94
N ALA B 542 -43.75 -22.67 -40.45
CA ALA B 542 -44.22 -21.85 -41.56
C ALA B 542 -44.60 -22.73 -42.76
N LYS B 543 -43.75 -23.68 -43.12
CA LYS B 543 -44.07 -24.55 -44.24
C LYS B 543 -45.28 -25.43 -43.96
N ARG B 544 -45.56 -25.73 -42.70
CA ARG B 544 -46.67 -26.62 -42.39
C ARG B 544 -48.00 -25.88 -42.41
N VAL B 545 -48.11 -24.74 -41.73
CA VAL B 545 -49.41 -24.12 -41.54
C VAL B 545 -49.73 -23.04 -42.58
N LEU B 546 -48.73 -22.55 -43.33
CA LEU B 546 -48.95 -21.44 -44.24
C LEU B 546 -48.93 -21.86 -45.71
N THR B 547 -49.01 -23.16 -46.01
CA THR B 547 -48.98 -23.61 -47.40
C THR B 547 -50.36 -23.43 -48.03
N MET B 548 -50.40 -22.68 -49.14
CA MET B 548 -51.61 -22.12 -49.73
C MET B 548 -52.32 -21.21 -48.72
N GLY B 549 -52.21 -19.90 -48.93
CA GLY B 549 -52.92 -18.91 -48.14
C GLY B 549 -52.80 -19.03 -46.64
N SER B 557 -46.77 -19.88 -49.14
CA SER B 557 -46.45 -18.47 -48.95
C SER B 557 -44.94 -18.27 -48.84
N ARG B 558 -44.24 -18.49 -49.95
CA ARG B 558 -42.78 -18.56 -49.95
C ARG B 558 -42.16 -17.26 -49.43
N PHE B 559 -42.74 -16.12 -49.80
CA PHE B 559 -42.17 -14.84 -49.37
C PHE B 559 -42.54 -14.53 -47.93
N CYS B 560 -43.67 -15.05 -47.45
CA CYS B 560 -43.97 -14.96 -46.03
C CYS B 560 -42.90 -15.67 -45.21
N GLU B 561 -42.58 -16.92 -45.56
CA GLU B 561 -41.56 -17.66 -44.85
C GLU B 561 -40.21 -16.96 -44.93
N LYS B 562 -39.92 -16.32 -46.07
CA LYS B 562 -38.66 -15.62 -46.22
C LYS B 562 -38.55 -14.47 -45.22
N ASP B 563 -39.62 -13.68 -45.08
CA ASP B 563 -39.59 -12.58 -44.12
C ASP B 563 -39.62 -13.07 -42.68
N LEU B 564 -40.27 -14.20 -42.41
CA LEU B 564 -40.26 -14.74 -41.05
C LEU B 564 -38.86 -15.17 -40.65
N LEU B 565 -38.14 -15.85 -41.55
CA LEU B 565 -36.77 -16.22 -41.24
C LEU B 565 -35.88 -14.98 -41.13
N ARG B 566 -36.20 -13.91 -41.87
CA ARG B 566 -35.41 -12.69 -41.74
C ARG B 566 -35.59 -12.05 -40.36
N VAL B 567 -36.79 -12.15 -39.78
CA VAL B 567 -36.99 -11.74 -38.39
C VAL B 567 -36.04 -12.48 -37.48
N VAL B 568 -35.92 -13.80 -37.66
CA VAL B 568 -35.03 -14.59 -36.81
C VAL B 568 -33.58 -14.18 -37.04
N ASP B 569 -33.20 -13.92 -38.30
CA ASP B 569 -31.80 -13.59 -38.59
C ASP B 569 -31.39 -12.29 -37.91
N ARG B 570 -32.32 -11.33 -37.80
CA ARG B 570 -31.97 -10.00 -37.31
C ARG B 570 -32.19 -9.82 -35.82
N GLU B 571 -33.12 -10.58 -35.23
CA GLU B 571 -33.44 -10.39 -33.81
C GLU B 571 -32.35 -10.95 -32.91
N TYR B 572 -32.05 -10.24 -31.82
CA TYR B 572 -31.08 -10.68 -30.84
C TYR B 572 -31.62 -11.87 -30.05
N ILE B 573 -30.96 -13.03 -30.18
CA ILE B 573 -31.40 -14.25 -29.49
C ILE B 573 -31.65 -13.99 -28.02
N PHE B 574 -30.72 -13.30 -27.34
CA PHE B 574 -30.83 -13.16 -25.90
C PHE B 574 -31.88 -12.15 -25.47
N ALA B 575 -32.54 -11.49 -26.41
CA ALA B 575 -33.69 -10.68 -26.08
C ALA B 575 -34.96 -11.51 -25.91
N TYR B 576 -34.92 -12.82 -26.19
CA TYR B 576 -36.15 -13.60 -26.08
C TYR B 576 -35.96 -15.07 -25.73
N ILE B 577 -34.73 -15.59 -25.79
CA ILE B 577 -34.57 -17.04 -25.79
C ILE B 577 -34.87 -17.69 -24.43
N ASP B 578 -34.89 -16.91 -23.35
CA ASP B 578 -35.24 -17.50 -22.05
C ASP B 578 -36.72 -17.83 -21.93
N ASP B 579 -37.55 -17.30 -22.83
CA ASP B 579 -38.97 -17.62 -22.90
C ASP B 579 -39.42 -17.32 -24.32
N PRO B 580 -39.02 -18.14 -25.29
CA PRO B 580 -39.05 -17.69 -26.70
C PRO B 580 -40.45 -17.41 -27.22
N CYS B 581 -41.47 -18.09 -26.70
CA CYS B 581 -42.83 -17.89 -27.17
C CYS B 581 -43.63 -16.91 -26.33
N SER B 582 -42.99 -16.17 -25.43
CA SER B 582 -43.70 -15.16 -24.68
C SER B 582 -44.23 -14.09 -25.62
N ALA B 583 -45.50 -13.72 -25.42
CA ALA B 583 -46.16 -12.73 -26.27
C ALA B 583 -45.64 -11.31 -26.04
N THR B 584 -44.89 -11.07 -24.98
CA THR B 584 -44.32 -9.76 -24.71
C THR B 584 -42.84 -9.68 -25.05
N TYR B 585 -42.29 -10.72 -25.67
CA TYR B 585 -40.93 -10.73 -26.18
C TYR B 585 -40.93 -10.47 -27.68
N PRO B 586 -39.82 -10.02 -28.24
CA PRO B 586 -39.85 -9.53 -29.63
C PRO B 586 -40.01 -10.61 -30.69
N LEU B 587 -39.69 -11.88 -30.42
CA LEU B 587 -39.82 -12.89 -31.47
C LEU B 587 -41.28 -13.07 -31.89
N MET B 588 -42.14 -13.45 -30.95
CA MET B 588 -43.56 -13.60 -31.24
C MET B 588 -44.16 -12.30 -31.78
N GLN B 589 -43.79 -11.16 -31.19
CA GLN B 589 -44.35 -9.89 -31.66
C GLN B 589 -43.97 -9.63 -33.12
N LYS B 590 -42.69 -9.81 -33.46
CA LYS B 590 -42.26 -9.45 -34.81
C LYS B 590 -42.64 -10.51 -35.84
N LEU B 591 -42.70 -11.79 -35.47
CA LEU B 591 -43.29 -12.78 -36.37
C LEU B 591 -44.72 -12.41 -36.71
N ARG B 592 -45.53 -12.11 -35.68
CA ARG B 592 -46.91 -11.71 -35.89
C ARG B 592 -47.00 -10.45 -36.74
N GLN B 593 -46.14 -9.45 -36.46
CA GLN B 593 -46.12 -8.24 -37.26
C GLN B 593 -45.87 -8.55 -38.72
N THR B 594 -45.03 -9.55 -38.99
CA THR B 594 -44.72 -9.95 -40.36
C THR B 594 -45.95 -10.53 -41.04
N LEU B 595 -46.60 -11.52 -40.41
CA LEU B 595 -47.80 -12.10 -40.98
C LEU B 595 -48.88 -11.04 -41.20
N VAL B 596 -48.97 -10.07 -40.29
CA VAL B 596 -49.98 -9.02 -40.44
C VAL B 596 -49.66 -8.14 -41.65
N GLU B 597 -48.38 -7.77 -41.81
CA GLU B 597 -48.00 -6.96 -42.97
C GLU B 597 -48.28 -7.72 -44.26
N HIS B 598 -48.01 -9.02 -44.28
CA HIS B 598 -48.29 -9.80 -45.49
C HIS B 598 -49.80 -9.90 -45.74
N ALA B 599 -50.60 -10.05 -44.68
CA ALA B 599 -52.05 -10.06 -44.86
C ALA B 599 -52.55 -8.74 -45.42
N LEU B 600 -52.05 -7.62 -44.89
CA LEU B 600 -52.49 -6.32 -45.36
C LEU B 600 -52.13 -6.10 -46.83
N LYS B 601 -51.10 -6.78 -47.32
CA LYS B 601 -50.71 -6.68 -48.72
C LYS B 601 -51.29 -7.81 -49.57
N ASN B 602 -52.08 -8.69 -48.98
CA ASN B 602 -52.59 -9.89 -49.65
C ASN B 602 -53.83 -9.61 -50.51
N GLY B 603 -54.42 -8.42 -50.41
CA GLY B 603 -55.47 -8.05 -51.35
C GLY B 603 -56.75 -8.86 -51.17
N ASP B 604 -57.40 -9.13 -52.29
CA ASP B 604 -58.70 -9.82 -52.28
C ASP B 604 -58.59 -11.26 -51.80
N ASN B 605 -57.41 -11.87 -51.91
CA ASN B 605 -57.23 -13.20 -51.35
C ASN B 605 -57.41 -13.21 -49.84
N GLU B 606 -57.26 -12.05 -49.19
CA GLU B 606 -57.50 -11.95 -47.76
C GLU B 606 -58.98 -12.00 -47.43
N ARG B 607 -59.86 -11.77 -48.42
CA ARG B 607 -61.29 -11.79 -48.19
C ARG B 607 -61.87 -13.20 -48.24
N ASN B 608 -61.13 -14.17 -48.74
CA ASN B 608 -61.53 -15.57 -48.74
C ASN B 608 -60.87 -16.25 -47.55
N LEU B 609 -61.68 -16.86 -46.69
CA LEU B 609 -61.15 -17.54 -45.51
C LEU B 609 -60.11 -18.58 -45.88
N SER B 610 -60.22 -19.16 -47.08
CA SER B 610 -59.29 -20.20 -47.50
C SER B 610 -57.89 -19.66 -47.77
N THR B 611 -57.78 -18.43 -48.25
CA THR B 611 -56.50 -17.83 -48.63
C THR B 611 -56.09 -16.69 -47.69
N SER B 612 -56.71 -16.59 -46.52
CA SER B 612 -56.48 -15.46 -45.62
C SER B 612 -55.24 -15.72 -44.76
N ILE B 613 -54.25 -14.82 -44.86
CA ILE B 613 -53.07 -14.93 -44.02
C ILE B 613 -53.42 -14.63 -42.56
N PHE B 614 -54.28 -13.63 -42.34
CA PHE B 614 -54.66 -13.27 -40.98
C PHE B 614 -55.32 -14.45 -40.25
N GLN B 615 -56.11 -15.24 -40.98
CA GLN B 615 -56.77 -16.40 -40.38
C GLN B 615 -55.81 -17.54 -40.09
N LYS B 616 -54.53 -17.43 -40.45
CA LYS B 616 -53.53 -18.44 -40.14
C LYS B 616 -52.67 -18.08 -38.94
N ILE B 617 -52.78 -16.85 -38.42
CA ILE B 617 -51.89 -16.40 -37.36
C ILE B 617 -52.08 -17.25 -36.11
N ALA B 618 -53.32 -17.42 -35.65
CA ALA B 618 -53.56 -18.18 -34.43
C ALA B 618 -53.00 -19.59 -34.55
N THR B 619 -53.23 -20.25 -35.69
CA THR B 619 -52.69 -21.59 -35.90
C THR B 619 -51.17 -21.58 -35.86
N PHE B 620 -50.55 -20.62 -36.56
CA PHE B 620 -49.09 -20.54 -36.60
C PHE B 620 -48.53 -20.35 -35.20
N GLU B 621 -49.10 -19.42 -34.43
CA GLU B 621 -48.63 -19.18 -33.07
C GLU B 621 -48.83 -20.40 -32.18
N ASP B 622 -49.98 -21.07 -32.30
CA ASP B 622 -50.23 -22.25 -31.49
C ASP B 622 -49.22 -23.36 -31.81
N GLU B 623 -48.93 -23.55 -33.10
CA GLU B 623 -47.98 -24.59 -33.48
C GLU B 623 -46.57 -24.23 -33.00
N LEU B 624 -46.21 -22.96 -33.09
CA LEU B 624 -44.88 -22.56 -32.65
C LEU B 624 -44.74 -22.74 -31.13
N LYS B 625 -45.77 -22.36 -30.37
CA LYS B 625 -45.75 -22.53 -28.92
C LYS B 625 -45.62 -24.01 -28.53
N ALA B 626 -46.22 -24.90 -29.31
CA ALA B 626 -46.17 -26.32 -28.97
C ALA B 626 -44.80 -26.91 -29.20
N LEU B 627 -44.01 -26.33 -30.12
CA LEU B 627 -42.79 -26.95 -30.59
C LEU B 627 -41.53 -26.21 -30.20
N LEU B 628 -41.52 -24.87 -30.29
CA LEU B 628 -40.26 -24.15 -30.16
C LEU B 628 -39.63 -24.26 -28.79
N PRO B 629 -40.35 -24.13 -27.67
CA PRO B 629 -39.68 -24.24 -26.36
C PRO B 629 -38.92 -25.55 -26.18
N LYS B 630 -39.51 -26.68 -26.58
CA LYS B 630 -38.81 -27.94 -26.39
C LYS B 630 -37.64 -28.08 -27.36
N GLU B 631 -37.76 -27.53 -28.56
CA GLU B 631 -36.64 -27.58 -29.51
C GLU B 631 -35.47 -26.76 -29.00
N VAL B 632 -35.75 -25.57 -28.46
CA VAL B 632 -34.69 -24.74 -27.90
C VAL B 632 -34.06 -25.43 -26.68
N GLU B 633 -34.87 -26.05 -25.84
CA GLU B 633 -34.31 -26.69 -24.65
C GLU B 633 -33.46 -27.90 -25.03
N SER B 634 -33.91 -28.70 -25.99
CA SER B 634 -33.08 -29.84 -26.42
C SER B 634 -31.75 -29.35 -26.99
N ALA B 635 -31.77 -28.31 -27.82
CA ALA B 635 -30.53 -27.79 -28.39
C ALA B 635 -29.58 -27.30 -27.31
N ARG B 636 -30.11 -26.59 -26.31
CA ARG B 636 -29.25 -26.10 -25.24
C ARG B 636 -28.69 -27.25 -24.41
N ALA B 637 -29.53 -28.24 -24.08
CA ALA B 637 -29.05 -29.40 -23.33
C ALA B 637 -27.96 -30.14 -24.11
N ALA B 638 -28.15 -30.30 -25.42
CA ALA B 638 -27.14 -30.93 -26.26
C ALA B 638 -25.83 -30.14 -26.22
N LEU B 639 -25.93 -28.82 -26.24
CA LEU B 639 -24.71 -28.01 -26.22
C LEU B 639 -23.99 -28.13 -24.89
N GLU B 640 -24.72 -28.13 -23.77
CA GLU B 640 -24.09 -28.33 -22.47
C GLU B 640 -23.40 -29.68 -22.37
N SER B 641 -23.96 -30.70 -23.03
CA SER B 641 -23.41 -32.05 -22.97
C SER B 641 -22.22 -32.24 -23.90
N GLY B 642 -21.76 -31.19 -24.57
CA GLY B 642 -20.66 -31.29 -25.49
C GLY B 642 -21.03 -31.73 -26.89
N ASN B 643 -22.31 -31.72 -27.24
CA ASN B 643 -22.78 -32.11 -28.58
C ASN B 643 -23.55 -30.98 -29.25
N PRO B 644 -22.91 -29.83 -29.47
CA PRO B 644 -23.61 -28.75 -30.15
C PRO B 644 -23.76 -29.05 -31.64
N ALA B 645 -24.86 -28.58 -32.21
CA ALA B 645 -25.07 -28.75 -33.64
C ALA B 645 -24.06 -27.96 -34.46
N ILE B 646 -23.56 -26.85 -33.92
CA ILE B 646 -22.60 -25.99 -34.60
C ILE B 646 -21.38 -25.85 -33.69
N PRO B 647 -20.17 -26.11 -34.18
CA PRO B 647 -19.00 -26.03 -33.31
C PRO B 647 -18.68 -24.60 -32.88
N ASN B 648 -18.00 -24.50 -31.74
CA ASN B 648 -17.57 -23.20 -31.20
C ASN B 648 -16.51 -22.59 -32.11
N ARG B 649 -16.83 -21.47 -32.75
CA ARG B 649 -15.93 -20.91 -33.76
C ARG B 649 -14.58 -20.46 -33.19
N ILE B 650 -14.46 -20.31 -31.87
CA ILE B 650 -13.19 -19.89 -31.28
C ILE B 650 -12.09 -20.89 -31.64
N GLU B 651 -12.47 -22.15 -31.90
CA GLU B 651 -11.47 -23.17 -32.20
C GLU B 651 -10.73 -22.87 -33.49
N GLU B 652 -11.31 -22.07 -34.38
CA GLU B 652 -10.68 -21.70 -35.64
C GLU B 652 -10.10 -20.29 -35.62
N CYS B 653 -9.92 -19.70 -34.44
CA CYS B 653 -9.44 -18.33 -34.30
C CYS B 653 -7.98 -18.30 -33.86
N ARG B 654 -7.26 -17.26 -34.27
CA ARG B 654 -5.91 -17.06 -33.76
C ARG B 654 -5.90 -16.77 -32.27
N SER B 655 -7.01 -16.28 -31.71
CA SER B 655 -7.13 -16.02 -30.28
C SER B 655 -7.43 -17.28 -29.46
N TYR B 656 -7.53 -18.44 -30.10
CA TYR B 656 -7.87 -19.67 -29.39
C TYR B 656 -6.93 -20.03 -28.24
N PRO B 657 -5.60 -19.86 -28.35
CA PRO B 657 -4.74 -20.33 -27.24
C PRO B 657 -5.13 -19.78 -25.88
N LEU B 658 -5.52 -18.50 -25.78
CA LEU B 658 -5.88 -17.95 -24.47
C LEU B 658 -7.17 -18.56 -23.95
N TYR B 659 -8.19 -18.68 -24.80
CA TYR B 659 -9.43 -19.33 -24.40
C TYR B 659 -9.19 -20.78 -23.98
N LYS B 660 -8.43 -21.51 -24.78
CA LYS B 660 -8.14 -22.90 -24.47
C LYS B 660 -7.40 -23.02 -23.13
N PHE B 661 -6.42 -22.15 -22.91
CA PHE B 661 -5.71 -22.14 -21.63
C PHE B 661 -6.68 -21.90 -20.49
N VAL B 662 -7.51 -20.87 -20.59
CA VAL B 662 -8.41 -20.52 -19.50
C VAL B 662 -9.46 -21.60 -19.29
N ARG B 663 -10.11 -22.02 -20.37
CA ARG B 663 -11.30 -22.87 -20.27
C ARG B 663 -10.94 -24.34 -20.16
N LYS B 664 -9.91 -24.79 -20.87
CA LYS B 664 -9.60 -26.21 -20.94
C LYS B 664 -8.39 -26.60 -20.12
N GLU B 665 -7.34 -25.79 -20.08
CA GLU B 665 -6.15 -26.16 -19.30
C GLU B 665 -6.34 -25.84 -17.82
N LEU B 666 -6.86 -24.66 -17.49
CA LEU B 666 -7.12 -24.34 -16.10
C LEU B 666 -8.45 -24.86 -15.62
N GLY B 667 -9.34 -25.29 -16.53
CA GLY B 667 -10.64 -25.73 -16.10
C GLY B 667 -11.51 -24.62 -15.57
N THR B 668 -11.31 -23.40 -16.04
CA THR B 668 -12.20 -22.30 -15.66
C THR B 668 -13.56 -22.55 -16.30
N GLU B 669 -14.61 -22.46 -15.50
CA GLU B 669 -15.92 -22.88 -15.96
C GLU B 669 -16.78 -21.71 -16.41
N TYR B 670 -17.61 -21.99 -17.42
CA TYR B 670 -18.72 -21.10 -17.77
C TYR B 670 -19.58 -20.85 -16.55
N LEU B 671 -19.88 -19.59 -16.30
CA LEU B 671 -20.56 -19.18 -15.07
C LEU B 671 -22.07 -19.10 -15.29
N THR B 672 -22.83 -19.75 -14.41
CA THR B 672 -24.29 -19.77 -14.55
C THR B 672 -24.98 -19.80 -13.19
N GLY B 673 -26.06 -19.03 -13.08
CA GLY B 673 -26.88 -19.05 -11.88
C GLY B 673 -27.57 -20.38 -11.61
N GLU B 674 -27.52 -21.30 -12.57
CA GLU B 674 -28.05 -22.65 -12.38
C GLU B 674 -27.09 -23.55 -11.62
N LYS B 675 -25.89 -23.06 -11.31
CA LYS B 675 -24.88 -23.77 -10.53
C LYS B 675 -24.44 -22.88 -9.39
N VAL B 676 -23.76 -23.47 -8.42
CA VAL B 676 -23.40 -22.74 -7.20
C VAL B 676 -22.12 -21.92 -7.36
N THR B 677 -21.32 -22.17 -8.40
CA THR B 677 -19.98 -21.61 -8.49
C THR B 677 -20.05 -20.09 -8.69
N SER B 678 -19.26 -19.37 -7.89
CA SER B 678 -19.17 -17.91 -7.97
C SER B 678 -18.11 -17.47 -8.97
N PRO B 679 -18.21 -16.25 -9.50
CA PRO B 679 -17.18 -15.78 -10.41
C PRO B 679 -15.79 -15.77 -9.79
N GLY B 680 -15.68 -15.38 -8.51
CA GLY B 680 -14.37 -15.29 -7.87
C GLY B 680 -13.62 -16.61 -7.84
N GLU B 681 -14.34 -17.74 -7.68
CA GLU B 681 -13.68 -19.04 -7.75
C GLU B 681 -13.01 -19.26 -9.08
N GLU B 682 -13.63 -18.76 -10.15
CA GLU B 682 -13.03 -18.92 -11.47
C GLU B 682 -11.91 -17.91 -11.69
N PHE B 683 -12.10 -16.67 -11.24
CA PHE B 683 -11.00 -15.70 -11.25
C PHE B 683 -9.75 -16.24 -10.55
N GLU B 684 -9.93 -16.93 -9.41
CA GLU B 684 -8.78 -17.45 -8.66
C GLU B 684 -7.87 -18.26 -9.55
N LYS B 685 -8.46 -19.13 -10.38
CA LYS B 685 -7.64 -20.03 -11.20
C LYS B 685 -6.79 -19.26 -12.18
N VAL B 686 -7.35 -18.22 -12.78
CA VAL B 686 -6.61 -17.42 -13.74
C VAL B 686 -5.60 -16.52 -13.06
N PHE B 687 -5.97 -15.92 -11.91
CA PHE B 687 -5.04 -15.02 -11.23
C PHE B 687 -3.82 -15.76 -10.71
N ILE B 688 -4.03 -16.95 -10.15
CA ILE B 688 -2.90 -17.75 -9.67
C ILE B 688 -2.01 -18.16 -10.83
N ALA B 689 -2.61 -18.57 -11.94
CA ALA B 689 -1.82 -18.95 -13.10
C ALA B 689 -1.09 -17.74 -13.69
N MET B 690 -1.75 -16.58 -13.71
CA MET B 690 -1.09 -15.39 -14.22
C MET B 690 0.13 -15.03 -13.38
N SER B 691 -0.01 -15.11 -12.06
CA SER B 691 1.08 -14.79 -11.14
C SER B 691 2.20 -15.81 -11.18
N LYS B 692 1.97 -16.97 -11.77
CA LYS B 692 3.04 -17.95 -12.00
C LYS B 692 3.65 -17.82 -13.39
N GLY B 693 3.21 -16.86 -14.19
CA GLY B 693 3.70 -16.73 -15.54
C GLY B 693 3.12 -17.71 -16.54
N GLU B 694 2.05 -18.41 -16.19
CA GLU B 694 1.51 -19.45 -17.09
C GLU B 694 0.69 -18.87 -18.24
N ILE B 695 0.33 -17.59 -18.17
CA ILE B 695 -0.37 -16.93 -19.28
C ILE B 695 0.57 -16.57 -20.43
N ILE B 696 1.88 -16.58 -20.19
CA ILE B 696 2.83 -16.08 -21.19
C ILE B 696 2.78 -16.91 -22.47
N ASP B 697 2.89 -18.23 -22.34
CA ASP B 697 2.92 -19.08 -23.53
C ASP B 697 1.66 -18.95 -24.38
N PRO B 698 0.43 -19.10 -23.86
CA PRO B 698 -0.74 -18.94 -24.74
C PRO B 698 -0.87 -17.54 -25.30
N LEU B 699 -0.48 -16.52 -24.53
CA LEU B 699 -0.48 -15.15 -25.04
C LEU B 699 0.42 -15.03 -26.27
N LEU B 700 1.64 -15.53 -26.18
CA LEU B 700 2.55 -15.38 -27.31
C LEU B 700 2.18 -16.32 -28.45
N GLU B 701 1.57 -17.47 -28.14
CA GLU B 701 1.12 -18.38 -29.18
C GLU B 701 0.04 -17.75 -30.06
N SER B 702 -0.78 -16.87 -29.50
CA SER B 702 -1.79 -16.22 -30.32
C SER B 702 -1.18 -15.31 -31.40
N LEU B 703 0.07 -14.90 -31.23
CA LEU B 703 0.75 -14.04 -32.20
C LEU B 703 1.87 -14.76 -32.94
N GLU B 704 2.03 -16.07 -32.76
CA GLU B 704 3.25 -16.71 -33.23
C GLU B 704 3.38 -16.75 -34.76
N SER B 705 2.29 -16.61 -35.51
CA SER B 705 2.40 -16.60 -36.96
C SER B 705 2.46 -15.20 -37.54
N TRP B 706 2.51 -14.17 -36.71
CA TRP B 706 2.61 -12.79 -37.18
C TRP B 706 4.04 -12.49 -37.63
N ASN B 707 4.19 -11.90 -38.80
CA ASN B 707 5.52 -11.59 -39.33
C ASN B 707 6.07 -10.27 -38.81
N GLY B 708 5.37 -9.58 -37.90
CA GLY B 708 5.85 -8.33 -37.35
C GLY B 708 5.54 -7.09 -38.16
N ALA B 709 4.75 -7.20 -39.23
CA ALA B 709 4.39 -6.08 -40.08
C ALA B 709 2.87 -5.95 -40.16
N PRO B 710 2.35 -4.75 -40.40
CA PRO B 710 0.92 -4.63 -40.66
C PRO B 710 0.57 -5.28 -41.99
N LEU B 711 -0.71 -5.59 -42.15
CA LEU B 711 -1.16 -6.13 -43.42
C LEU B 711 -1.09 -5.07 -44.51
N PRO B 712 -0.89 -5.47 -45.76
CA PRO B 712 -1.02 -4.54 -46.89
C PRO B 712 -2.35 -3.80 -46.81
N ILE B 713 -2.31 -2.53 -47.19
CA ILE B 713 -3.51 -1.69 -47.15
C ILE B 713 -4.41 -2.14 -48.30
N SER B 714 -5.58 -2.69 -47.96
CA SER B 714 -6.48 -3.30 -48.93
C SER B 714 -7.91 -2.75 -48.85
#